data_6QLV
#
_entry.id   6QLV
#
_cell.length_a   161.533
_cell.length_b   164.931
_cell.length_c   102.527
_cell.angle_alpha   90.000
_cell.angle_beta   90.000
_cell.angle_gamma   90.000
#
_symmetry.space_group_name_H-M   'P 21 21 2'
#
loop_
_entity.id
_entity.type
_entity.pdbx_description
1 polymer 'Flavin prenyltransferase UbiX'
2 non-polymer '[(2~{Z})-3,7-dimethylocta-2,6-dienyl] dihydrogen phosphate'
3 non-polymer 'FLAVIN MONONUCLEOTIDE'
4 non-polymer 'ACETATE ION'
5 non-polymer 'SODIUM ION'
6 non-polymer '[(2~{R},3~{S},4~{S})-5-[5-[(2~{Z})-3,7-dimethylocta-2,6-dienyl]-7,8-dimethyl-2,4-bis(oxidanylidene)-1~{H}-benzo[g]pteridin-10-yl]-2,3,4-tris(oxidanyl)pentyl] dihydrogen phosphate'
7 non-polymer 'PHOSPHATE ION'
8 water water
#
_entity_poly.entity_id   1
_entity_poly.type   'polypeptide(L)'
_entity_poly.pdbx_seq_one_letter_code
;MHHHHHHSSGVDLGTENLYQSMSGPERITLAMTGASGAQYGLRLLDCLVQEEREVHFLISKAAQLVMATETDVALPAKPQ
AMQAFLTEYCGAAAGQIRVFGQNDWMAPPASGSSAPNAMVICPCSTGTLSAVATGACNNLIERAADVALKERRPLVLVPR
EAPFSSIHLENMLKLSNLGAVILPAAPGFYHQPQSVEDLVDFVVARILNTLGIPQDMLPRHGEQHLVSDE
;
_entity_poly.pdbx_strand_id   A,B,C,D,E,F,G,H,I,J,K,L
#
loop_
_chem_comp.id
_chem_comp.type
_chem_comp.name
_chem_comp.formula
ACT non-polymer 'ACETATE ION' 'C2 H3 O2 -1'
FMN non-polymer 'FLAVIN MONONUCLEOTIDE' 'C17 H21 N4 O9 P'
HJN non-polymer '[(2~{R},3~{S},4~{S})-5-[5-[(2~{Z})-3,7-dimethylocta-2,6-dienyl]-7,8-dimethyl-2,4-bis(oxidanylidene)-1~{H}-benzo[g]pteridin-10-yl]-2,3,4-tris(oxidanyl)pentyl] dihydrogen phosphate' 'C27 H39 N4 O9 P'
HZZ non-polymer '[(2~{Z})-3,7-dimethylocta-2,6-dienyl] dihydrogen phosphate' 'C10 H19 O4 P'
NA non-polymer 'SODIUM ION' 'Na 1'
PO4 non-polymer 'PHOSPHATE ION' 'O4 P -3'
#
# COMPACT_ATOMS: atom_id res chain seq x y z
N SER A 23 34.74 -18.01 16.75
CA SER A 23 33.87 -17.38 15.76
C SER A 23 32.41 -17.57 16.13
N GLY A 24 31.59 -16.55 15.82
CA GLY A 24 30.22 -16.53 16.25
C GLY A 24 30.07 -15.72 17.52
N PRO A 25 28.84 -15.43 17.92
CA PRO A 25 28.62 -14.62 19.12
C PRO A 25 29.07 -15.35 20.38
N GLU A 26 29.75 -14.61 21.27
CA GLU A 26 30.22 -15.22 22.52
C GLU A 26 29.10 -15.32 23.55
N ARG A 27 28.18 -14.35 23.57
CA ARG A 27 27.05 -14.37 24.48
C ARG A 27 25.76 -14.41 23.67
N ILE A 28 24.85 -15.30 24.04
CA ILE A 28 23.59 -15.48 23.34
C ILE A 28 22.46 -15.44 24.34
N THR A 29 21.41 -14.69 24.01
CA THR A 29 20.16 -14.73 24.78
C THR A 29 19.29 -15.83 24.18
N LEU A 30 19.03 -16.87 24.97
CA LEU A 30 18.19 -17.98 24.55
C LEU A 30 16.87 -17.90 25.31
N ALA A 31 15.79 -17.60 24.59
CA ALA A 31 14.47 -17.51 25.17
C ALA A 31 13.61 -18.66 24.68
N MET A 32 12.88 -19.29 25.61
CA MET A 32 11.94 -20.35 25.28
C MET A 32 10.54 -19.87 25.62
N THR A 33 9.64 -19.91 24.65
CA THR A 33 8.26 -19.49 24.84
C THR A 33 7.32 -20.67 24.59
N GLY A 34 6.03 -20.45 24.83
CA GLY A 34 5.07 -21.52 24.94
C GLY A 34 4.63 -22.22 23.67
N ALA A 35 5.53 -22.38 22.71
CA ALA A 35 5.24 -23.19 21.54
C ALA A 35 5.71 -24.63 21.78
N SER A 36 5.10 -25.56 21.05
CA SER A 36 5.48 -26.96 21.16
C SER A 36 6.88 -27.16 20.60
N GLY A 37 7.64 -28.04 21.23
CA GLY A 37 9.01 -28.30 20.79
C GLY A 37 10.04 -27.84 21.79
N ALA A 38 9.83 -28.17 23.07
CA ALA A 38 10.80 -27.83 24.10
C ALA A 38 12.13 -28.55 23.90
N GLN A 39 12.12 -29.69 23.21
CA GLN A 39 13.37 -30.40 22.93
C GLN A 39 14.30 -29.57 22.06
N TYR A 40 13.75 -28.74 21.18
CA TYR A 40 14.57 -27.86 20.35
C TYR A 40 15.38 -26.89 21.23
N GLY A 41 14.71 -26.27 22.20
CA GLY A 41 15.39 -25.31 23.04
C GLY A 41 16.40 -25.94 23.98
N LEU A 42 16.03 -27.08 24.58
CA LEU A 42 16.96 -27.77 25.48
C LEU A 42 18.18 -28.28 24.72
N ARG A 43 17.98 -28.81 23.51
CA ARG A 43 19.11 -29.27 22.71
C ARG A 43 19.98 -28.10 22.27
N LEU A 44 19.36 -26.97 21.89
CA LEU A 44 20.13 -25.80 21.50
C LEU A 44 20.95 -25.28 22.67
N LEU A 45 20.36 -25.25 23.88
CA LEU A 45 21.10 -24.83 25.06
C LEU A 45 22.30 -25.75 25.31
N ASP A 46 22.12 -27.05 25.10
CA ASP A 46 23.20 -28.00 25.37
C ASP A 46 24.37 -27.80 24.42
N CYS A 47 24.09 -27.54 23.13
CA CYS A 47 25.16 -27.33 22.17
C CYS A 47 25.84 -25.98 22.37
N LEU A 48 25.06 -24.95 22.72
CA LEU A 48 25.66 -23.66 23.05
C LEU A 48 26.61 -23.78 24.24
N VAL A 49 26.26 -24.62 25.22
CA VAL A 49 27.13 -24.84 26.37
C VAL A 49 28.40 -25.57 25.93
N GLN A 50 28.26 -26.60 25.09
CA GLN A 50 29.43 -27.36 24.67
C GLN A 50 30.33 -26.53 23.75
N GLU A 51 29.78 -25.57 23.03
CA GLU A 51 30.57 -24.62 22.26
C GLU A 51 31.13 -23.50 23.13
N GLU A 52 30.99 -23.61 24.46
CA GLU A 52 31.59 -22.68 25.41
C GLU A 52 31.09 -21.26 25.22
N ARG A 53 29.78 -21.11 25.03
CA ARG A 53 29.15 -19.80 24.90
C ARG A 53 28.43 -19.43 26.19
N GLU A 54 28.42 -18.14 26.49
CA GLU A 54 27.65 -17.64 27.62
C GLU A 54 26.20 -17.49 27.20
N VAL A 55 25.28 -18.12 27.92
CA VAL A 55 23.87 -18.15 27.57
C VAL A 55 23.09 -17.41 28.65
N HIS A 56 22.33 -16.40 28.23
CA HIS A 56 21.38 -15.71 29.10
C HIS A 56 20.03 -16.35 28.83
N PHE A 57 19.62 -17.25 29.73
CA PHE A 57 18.46 -18.10 29.50
C PHE A 57 17.20 -17.44 30.03
N LEU A 58 16.18 -17.32 29.17
CA LEU A 58 14.88 -16.80 29.54
C LEU A 58 13.81 -17.82 29.15
N ILE A 59 12.76 -17.90 29.96
CA ILE A 59 11.68 -18.85 29.71
C ILE A 59 10.38 -18.24 30.23
N SER A 60 9.32 -18.39 29.43
CA SER A 60 8.01 -17.88 29.81
C SER A 60 7.28 -18.92 30.66
N LYS A 61 6.22 -18.46 31.35
CA LYS A 61 5.44 -19.38 32.16
C LYS A 61 4.71 -20.40 31.31
N ALA A 62 4.28 -20.02 30.11
CA ALA A 62 3.65 -21.00 29.22
C ALA A 62 4.67 -22.03 28.74
N ALA A 63 5.91 -21.60 28.53
CA ALA A 63 6.96 -22.53 28.11
C ALA A 63 7.31 -23.53 29.21
N GLN A 64 7.26 -23.09 30.47
CA GLN A 64 7.48 -24.03 31.57
C GLN A 64 6.40 -25.10 31.60
N LEU A 65 5.17 -24.72 31.24
CA LEU A 65 4.09 -25.71 31.18
C LEU A 65 4.27 -26.65 29.99
N VAL A 66 4.76 -26.13 28.87
CA VAL A 66 5.01 -26.98 27.71
C VAL A 66 6.12 -27.98 28.02
N MET A 67 7.20 -27.53 28.66
CA MET A 67 8.32 -28.42 28.98
C MET A 67 7.89 -29.51 29.96
N ALA A 68 7.02 -29.16 30.92
CA ALA A 68 6.55 -30.16 31.87
C ALA A 68 5.58 -31.15 31.21
N THR A 69 4.93 -30.75 30.12
CA THR A 69 3.97 -31.60 29.43
C THR A 69 4.64 -32.49 28.40
N GLU A 70 5.56 -31.95 27.61
CA GLU A 70 6.21 -32.69 26.55
C GLU A 70 7.42 -33.49 27.00
N THR A 71 8.18 -32.98 27.96
CA THR A 71 9.36 -33.67 28.47
C THR A 71 9.15 -34.05 29.93
N ASP A 72 10.07 -34.85 30.45
CA ASP A 72 10.09 -35.13 31.88
C ASP A 72 11.19 -34.35 32.58
N VAL A 73 11.46 -33.14 32.10
CA VAL A 73 12.37 -32.22 32.74
C VAL A 73 11.54 -31.36 33.69
N ALA A 74 11.59 -31.66 34.98
CA ALA A 74 10.89 -30.89 36.00
C ALA A 74 11.74 -29.67 36.32
N LEU A 75 11.60 -28.63 35.50
CA LEU A 75 12.42 -27.44 35.64
C LEU A 75 11.97 -26.62 36.84
N PRO A 76 12.88 -26.28 37.75
CA PRO A 76 12.51 -25.42 38.88
C PRO A 76 11.99 -24.07 38.40
N ALA A 77 11.08 -23.49 39.18
CA ALA A 77 10.41 -22.26 38.75
C ALA A 77 11.25 -21.01 39.01
N LYS A 78 11.89 -20.92 40.19
CA LYS A 78 12.65 -19.74 40.54
C LYS A 78 13.96 -19.68 39.74
N PRO A 79 14.42 -18.47 39.41
CA PRO A 79 15.61 -18.36 38.52
C PRO A 79 16.87 -18.97 39.10
N GLN A 80 17.18 -18.71 40.37
CA GLN A 80 18.44 -19.20 40.91
C GLN A 80 18.46 -20.72 41.03
N ALA A 81 17.31 -21.34 41.33
CA ALA A 81 17.25 -22.80 41.32
C ALA A 81 17.24 -23.34 39.89
N MET A 82 16.64 -22.61 38.96
CA MET A 82 16.66 -23.01 37.56
C MET A 82 18.07 -22.91 36.99
N GLN A 83 18.83 -21.90 37.43
CA GLN A 83 20.20 -21.74 36.93
C GLN A 83 21.09 -22.88 37.41
N ALA A 84 20.94 -23.31 38.66
CA ALA A 84 21.73 -24.42 39.17
C ALA A 84 21.31 -25.75 38.53
N PHE A 85 20.02 -25.90 38.23
CA PHE A 85 19.56 -27.12 37.56
C PHE A 85 20.15 -27.23 36.16
N LEU A 86 20.03 -26.17 35.37
CA LEU A 86 20.52 -26.21 33.99
C LEU A 86 22.03 -26.31 33.92
N THR A 87 22.73 -25.76 34.92
CA THR A 87 24.19 -25.84 34.94
C THR A 87 24.66 -27.29 35.04
N GLU A 88 24.01 -28.07 35.91
CA GLU A 88 24.35 -29.49 36.04
C GLU A 88 23.70 -30.34 34.95
N TYR A 89 22.52 -29.94 34.47
CA TYR A 89 21.85 -30.71 33.43
C TYR A 89 22.66 -30.70 32.13
N CYS A 90 23.30 -29.58 31.82
CA CYS A 90 24.08 -29.42 30.60
C CYS A 90 25.58 -29.54 30.84
N GLY A 91 26.01 -29.69 32.09
CA GLY A 91 27.42 -29.74 32.40
C GLY A 91 28.15 -28.45 32.11
N ALA A 92 27.50 -27.31 32.34
CA ALA A 92 28.10 -26.02 32.04
C ALA A 92 29.07 -25.60 33.15
N ALA A 93 29.94 -24.66 32.81
CA ALA A 93 30.84 -24.08 33.78
C ALA A 93 30.08 -23.09 34.67
N ALA A 94 30.72 -22.71 35.78
CA ALA A 94 30.11 -21.76 36.70
C ALA A 94 29.93 -20.41 36.03
N GLY A 95 28.72 -19.89 36.06
CA GLY A 95 28.42 -18.61 35.44
C GLY A 95 28.22 -18.67 33.95
N GLN A 96 28.33 -19.84 33.33
CA GLN A 96 28.13 -19.94 31.89
C GLN A 96 26.67 -19.77 31.51
N ILE A 97 25.76 -20.27 32.35
CA ILE A 97 24.33 -20.12 32.16
C ILE A 97 23.81 -19.12 33.19
N ARG A 98 23.11 -18.10 32.71
CA ARG A 98 22.55 -17.07 33.58
CA ARG A 98 22.55 -17.07 33.58
C ARG A 98 21.05 -16.96 33.30
N VAL A 99 20.24 -17.19 34.32
CA VAL A 99 18.78 -17.18 34.20
C VAL A 99 18.25 -15.88 34.80
N PHE A 100 17.30 -15.25 34.11
CA PHE A 100 16.70 -14.00 34.55
C PHE A 100 15.19 -14.11 34.51
N GLY A 101 14.53 -13.50 35.49
CA GLY A 101 13.08 -13.52 35.55
C GLY A 101 12.43 -12.74 34.44
N GLN A 102 11.13 -12.96 34.28
CA GLN A 102 10.40 -12.39 33.15
C GLN A 102 10.15 -10.89 33.29
N ASN A 103 10.32 -10.31 34.48
CA ASN A 103 10.20 -8.88 34.67
C ASN A 103 11.47 -8.26 35.24
N ASP A 104 12.60 -8.93 35.09
CA ASP A 104 13.89 -8.42 35.54
C ASP A 104 14.42 -7.48 34.48
N TRP A 105 14.01 -6.21 34.59
CA TRP A 105 14.44 -5.22 33.60
C TRP A 105 15.90 -4.81 33.78
N MET A 106 16.50 -5.13 34.92
CA MET A 106 17.93 -4.88 35.12
C MET A 106 18.80 -5.94 34.47
N ALA A 107 18.20 -6.98 33.88
CA ALA A 107 18.98 -8.01 33.22
C ALA A 107 19.69 -7.44 32.00
N PRO A 108 20.85 -7.99 31.64
CA PRO A 108 21.62 -7.47 30.49
C PRO A 108 20.81 -7.44 29.21
N PRO A 109 20.03 -8.47 28.87
CA PRO A 109 19.33 -8.44 27.57
C PRO A 109 18.32 -7.31 27.42
N ALA A 110 17.98 -6.59 28.50
CA ALA A 110 16.97 -5.55 28.44
C ALA A 110 17.53 -4.20 27.98
N SER A 111 18.85 -4.03 27.94
CA SER A 111 19.46 -2.77 27.53
C SER A 111 20.42 -3.01 26.38
N GLY A 112 20.53 -2.00 25.50
CA GLY A 112 21.34 -2.15 24.31
C GLY A 112 22.83 -2.30 24.61
N SER A 113 23.32 -1.56 25.60
CA SER A 113 24.75 -1.57 25.90
C SER A 113 25.19 -2.86 26.57
N SER A 114 24.28 -3.55 27.25
CA SER A 114 24.63 -4.74 28.02
C SER A 114 24.12 -6.04 27.43
N ALA A 115 23.29 -5.99 26.38
CA ALA A 115 22.67 -7.20 25.87
C ALA A 115 23.68 -8.07 25.14
N PRO A 116 23.49 -9.38 25.17
CA PRO A 116 24.33 -10.27 24.34
C PRO A 116 24.19 -9.94 22.86
N ASN A 117 25.18 -10.39 22.09
CA ASN A 117 25.27 -10.00 20.69
C ASN A 117 24.23 -10.69 19.80
N ALA A 118 23.60 -11.75 20.28
CA ALA A 118 22.62 -12.47 19.47
C ALA A 118 21.52 -13.01 20.38
N MET A 119 20.34 -13.19 19.81
CA MET A 119 19.19 -13.70 20.56
C MET A 119 18.44 -14.72 19.72
N VAL A 120 18.01 -15.79 20.38
CA VAL A 120 17.23 -16.86 19.75
C VAL A 120 16.00 -17.11 20.61
N ILE A 121 14.82 -17.13 19.98
CA ILE A 121 13.58 -17.50 20.64
C ILE A 121 13.18 -18.88 20.10
N CYS A 122 13.49 -19.92 20.87
CA CYS A 122 13.27 -21.29 20.40
C CYS A 122 12.73 -22.17 21.53
N PRO A 123 11.49 -22.66 21.43
CA PRO A 123 10.57 -22.33 20.34
C PRO A 123 9.88 -20.98 20.53
N CYS A 124 9.32 -20.43 19.46
CA CYS A 124 8.66 -19.13 19.48
C CYS A 124 7.17 -19.33 19.29
N SER A 125 6.40 -19.01 20.33
CA SER A 125 4.95 -19.11 20.23
C SER A 125 4.41 -18.04 19.28
N THR A 126 3.18 -18.26 18.81
CA THR A 126 2.52 -17.25 17.98
C THR A 126 2.26 -15.97 18.77
N GLY A 127 2.10 -16.08 20.09
CA GLY A 127 1.90 -14.89 20.90
C GLY A 127 3.16 -14.07 21.04
N THR A 128 4.29 -14.73 21.28
CA THR A 128 5.58 -14.01 21.33
C THR A 128 5.93 -13.45 19.96
N LEU A 129 5.68 -14.23 18.90
CA LEU A 129 5.84 -13.71 17.55
C LEU A 129 4.99 -12.47 17.33
N SER A 130 3.78 -12.45 17.88
CA SER A 130 2.94 -11.25 17.78
C SER A 130 3.54 -10.09 18.56
N ALA A 131 4.01 -10.34 19.79
CA ALA A 131 4.49 -9.24 20.62
C ALA A 131 5.78 -8.63 20.07
N VAL A 132 6.66 -9.47 19.52
CA VAL A 132 7.90 -8.94 18.93
C VAL A 132 7.58 -8.14 17.67
N ALA A 133 6.62 -8.61 16.88
CA ALA A 133 6.26 -7.90 15.65
C ALA A 133 5.64 -6.53 15.94
N THR A 134 4.85 -6.44 17.02
CA THR A 134 4.22 -5.17 17.38
C THR A 134 5.07 -4.34 18.33
N GLY A 135 6.03 -4.95 19.01
CA GLY A 135 6.85 -4.23 19.97
C GLY A 135 6.23 -4.09 21.34
N ALA A 136 5.51 -5.11 21.80
CA ALA A 136 4.73 -5.01 23.03
C ALA A 136 5.62 -4.81 24.25
N CYS A 137 6.75 -5.53 24.31
CA CYS A 137 7.70 -5.42 25.42
C CYS A 137 7.01 -5.61 26.77
N ASN A 138 6.14 -6.61 26.86
CA ASN A 138 5.42 -6.83 28.10
C ASN A 138 6.21 -7.67 29.10
N ASN A 139 7.25 -8.37 28.66
CA ASN A 139 8.11 -9.13 29.54
C ASN A 139 9.55 -8.99 29.05
N LEU A 140 10.48 -9.63 29.77
CA LEU A 140 11.89 -9.51 29.43
C LEU A 140 12.20 -10.11 28.07
N ILE A 141 11.53 -11.21 27.72
CA ILE A 141 11.77 -11.85 26.42
C ILE A 141 11.41 -10.90 25.29
N GLU A 142 10.23 -10.28 25.38
CA GLU A 142 9.77 -9.39 24.32
C GLU A 142 10.59 -8.11 24.28
N ARG A 143 10.99 -7.60 25.45
CA ARG A 143 11.83 -6.41 25.48
C ARG A 143 13.21 -6.69 24.93
N ALA A 144 13.76 -7.88 25.22
CA ALA A 144 15.08 -8.23 24.72
C ALA A 144 15.08 -8.35 23.19
N ALA A 145 14.00 -8.90 22.63
CA ALA A 145 13.90 -8.98 21.17
C ALA A 145 13.76 -7.58 20.56
N ASP A 146 13.05 -6.68 21.25
CA ASP A 146 12.93 -5.31 20.78
C ASP A 146 14.27 -4.59 20.82
N VAL A 147 15.08 -4.88 21.82
CA VAL A 147 16.41 -4.28 21.90
C VAL A 147 17.30 -4.82 20.80
N ALA A 148 17.24 -6.13 20.53
CA ALA A 148 18.06 -6.72 19.48
C ALA A 148 17.72 -6.14 18.12
N LEU A 149 16.46 -5.77 17.89
CA LEU A 149 16.08 -5.18 16.61
C LEU A 149 16.54 -3.74 16.49
N LYS A 150 16.44 -2.96 17.57
CA LYS A 150 16.88 -1.57 17.51
C LYS A 150 18.41 -1.46 17.46
N GLU A 151 19.13 -2.47 17.95
CA GLU A 151 20.57 -2.53 17.82
C GLU A 151 21.00 -3.28 16.57
N ARG A 152 20.06 -3.82 15.80
CA ARG A 152 20.34 -4.54 14.56
CA ARG A 152 20.34 -4.54 14.56
C ARG A 152 21.28 -5.72 14.83
N ARG A 153 20.96 -6.51 15.84
CA ARG A 153 21.69 -7.70 16.21
C ARG A 153 20.89 -8.94 15.82
N PRO A 154 21.56 -10.06 15.56
CA PRO A 154 20.84 -11.25 15.06
C PRO A 154 19.72 -11.67 16.00
N LEU A 155 18.53 -11.86 15.42
CA LEU A 155 17.35 -12.31 16.14
C LEU A 155 16.75 -13.47 15.35
N VAL A 156 16.82 -14.67 15.91
CA VAL A 156 16.34 -15.89 15.26
C VAL A 156 15.06 -16.33 15.97
N LEU A 157 13.98 -16.44 15.22
CA LEU A 157 12.69 -16.90 15.74
C LEU A 157 12.40 -18.29 15.21
N VAL A 158 12.03 -19.20 16.11
CA VAL A 158 11.74 -20.58 15.73
C VAL A 158 10.28 -20.89 16.06
N PRO A 159 9.34 -20.57 15.18
CA PRO A 159 7.93 -20.87 15.46
C PRO A 159 7.58 -22.32 15.18
N ARG A 160 6.59 -22.80 15.93
CA ARG A 160 6.02 -24.13 15.75
C ARG A 160 4.50 -23.97 15.74
N GLU A 161 3.90 -24.01 14.56
CA GLU A 161 2.45 -23.87 14.44
C GLU A 161 2.02 -24.42 13.09
N ALA A 162 0.85 -25.07 13.08
CA ALA A 162 0.28 -25.61 11.87
C ALA A 162 -1.23 -25.65 12.00
N PRO A 163 -1.98 -25.01 11.08
CA PRO A 163 -1.44 -24.23 9.97
C PRO A 163 -0.97 -22.84 10.38
N PHE A 164 -0.26 -22.17 9.48
CA PHE A 164 0.10 -20.76 9.64
C PHE A 164 -1.05 -19.90 9.13
N SER A 165 -1.68 -19.15 10.02
CA SER A 165 -2.70 -18.21 9.59
C SER A 165 -2.06 -16.98 8.95
N SER A 166 -2.88 -16.16 8.30
CA SER A 166 -2.37 -14.93 7.72
C SER A 166 -1.84 -13.98 8.80
N ILE A 167 -2.39 -14.06 10.01
CA ILE A 167 -1.87 -13.26 11.11
C ILE A 167 -0.45 -13.69 11.46
N HIS A 168 -0.22 -15.01 11.54
CA HIS A 168 1.12 -15.53 11.80
C HIS A 168 2.09 -15.13 10.69
N LEU A 169 1.65 -15.28 9.44
CA LEU A 169 2.55 -15.02 8.31
C LEU A 169 2.86 -13.54 8.17
N GLU A 170 1.89 -12.67 8.47
CA GLU A 170 2.14 -11.24 8.38
C GLU A 170 3.10 -10.78 9.47
N ASN A 171 3.01 -11.36 10.66
CA ASN A 171 3.95 -11.02 11.72
C ASN A 171 5.35 -11.53 11.39
N MET A 172 5.44 -12.74 10.82
CA MET A 172 6.74 -13.27 10.39
C MET A 172 7.33 -12.43 9.27
N LEU A 173 6.50 -12.02 8.31
CA LEU A 173 6.99 -11.25 7.17
C LEU A 173 7.51 -9.89 7.59
N LYS A 174 6.80 -9.22 8.52
CA LYS A 174 7.26 -7.92 8.99
C LYS A 174 8.60 -8.03 9.70
N LEU A 175 8.76 -9.04 10.55
CA LEU A 175 10.02 -9.20 11.27
C LEU A 175 11.14 -9.65 10.33
N SER A 176 10.82 -10.52 9.37
CA SER A 176 11.82 -10.94 8.40
C SER A 176 12.26 -9.76 7.52
N ASN A 177 11.34 -8.88 7.18
CA ASN A 177 11.69 -7.68 6.42
C ASN A 177 12.60 -6.74 7.22
N LEU A 178 12.57 -6.82 8.55
CA LEU A 178 13.38 -5.97 9.40
C LEU A 178 14.73 -6.58 9.77
N GLY A 179 15.03 -7.78 9.27
CA GLY A 179 16.30 -8.43 9.53
C GLY A 179 16.22 -9.68 10.37
N ALA A 180 15.12 -9.92 11.06
CA ALA A 180 14.99 -11.13 11.87
C ALA A 180 14.95 -12.36 10.97
N VAL A 181 15.45 -13.47 11.51
CA VAL A 181 15.50 -14.74 10.78
C VAL A 181 14.35 -15.60 11.28
N ILE A 182 13.41 -15.89 10.38
CA ILE A 182 12.26 -16.74 10.70
C ILE A 182 12.65 -18.17 10.32
N LEU A 183 13.07 -18.96 11.32
CA LEU A 183 13.50 -20.33 11.13
C LEU A 183 12.47 -21.26 11.75
N PRO A 184 11.45 -21.68 10.98
CA PRO A 184 10.41 -22.52 11.57
C PRO A 184 10.93 -23.89 11.96
N ALA A 185 10.29 -24.49 12.96
CA ALA A 185 10.64 -25.84 13.39
C ALA A 185 10.17 -26.86 12.39
N ALA A 186 10.73 -26.82 11.17
CA ALA A 186 10.37 -27.73 10.08
C ALA A 186 11.61 -28.51 9.68
N PRO A 187 11.89 -29.62 10.35
CA PRO A 187 13.12 -30.36 10.04
C PRO A 187 13.04 -31.04 8.68
N GLY A 188 14.21 -31.12 8.03
CA GLY A 188 14.31 -31.81 6.77
C GLY A 188 14.64 -33.29 6.93
N PHE A 189 14.44 -34.04 5.85
CA PHE A 189 14.62 -35.49 5.88
C PHE A 189 15.73 -35.96 4.97
N TYR A 190 16.48 -35.06 4.34
CA TYR A 190 17.47 -35.46 3.35
C TYR A 190 18.77 -35.97 3.96
N HIS A 191 18.88 -36.01 5.28
CA HIS A 191 19.99 -36.67 5.96
C HIS A 191 19.60 -38.02 6.53
N GLN A 192 18.43 -38.55 6.13
CA GLN A 192 17.96 -39.89 6.48
C GLN A 192 17.85 -40.04 8.00
N PRO A 193 16.93 -39.33 8.66
CA PRO A 193 16.86 -39.42 10.12
C PRO A 193 16.30 -40.75 10.58
N GLN A 194 16.83 -41.25 11.71
CA GLN A 194 16.40 -42.51 12.28
C GLN A 194 15.65 -42.36 13.60
N SER A 195 15.63 -41.16 14.18
CA SER A 195 14.99 -40.96 15.47
C SER A 195 14.46 -39.54 15.54
N VAL A 196 13.67 -39.29 16.59
CA VAL A 196 13.19 -37.93 16.85
C VAL A 196 14.36 -37.00 17.12
N GLU A 197 15.40 -37.52 17.79
CA GLU A 197 16.57 -36.70 18.11
C GLU A 197 17.30 -36.25 16.85
N ASP A 198 17.27 -37.06 15.79
CA ASP A 198 17.88 -36.65 14.53
C ASP A 198 17.15 -35.45 13.94
N LEU A 199 15.82 -35.43 14.04
CA LEU A 199 15.06 -34.30 13.52
C LEU A 199 15.25 -33.06 14.39
N VAL A 200 15.39 -33.24 15.71
CA VAL A 200 15.69 -32.12 16.58
C VAL A 200 17.06 -31.54 16.26
N ASP A 201 18.04 -32.42 16.00
CA ASP A 201 19.38 -31.95 15.69
C ASP A 201 19.44 -31.22 14.36
N PHE A 202 18.55 -31.57 13.42
CA PHE A 202 18.50 -30.84 12.15
C PHE A 202 18.19 -29.36 12.38
N VAL A 203 17.12 -29.08 13.13
CA VAL A 203 16.73 -27.69 13.36
C VAL A 203 17.77 -26.96 14.20
N VAL A 204 18.33 -27.63 15.20
CA VAL A 204 19.34 -27.00 16.03
C VAL A 204 20.59 -26.68 15.22
N ALA A 205 20.95 -27.55 14.27
CA ALA A 205 22.11 -27.29 13.43
C ALA A 205 21.89 -26.08 12.53
N ARG A 206 20.66 -25.92 12.03
CA ARG A 206 20.36 -24.74 11.22
C ARG A 206 20.39 -23.46 12.04
N ILE A 207 20.00 -23.54 13.32
CA ILE A 207 20.06 -22.37 14.19
C ILE A 207 21.51 -21.96 14.43
N LEU A 208 22.38 -22.94 14.72
CA LEU A 208 23.78 -22.65 14.97
C LEU A 208 24.46 -22.09 13.73
N ASN A 209 24.17 -22.66 12.55
CA ASN A 209 24.76 -22.15 11.33
C ASN A 209 24.25 -20.76 11.00
N THR A 210 22.98 -20.47 11.31
CA THR A 210 22.46 -19.12 11.14
C THR A 210 23.21 -18.15 12.05
N LEU A 211 23.53 -18.57 13.27
CA LEU A 211 24.30 -17.74 14.19
C LEU A 211 25.78 -17.73 13.87
N GLY A 212 26.25 -18.62 13.00
CA GLY A 212 27.67 -18.71 12.71
C GLY A 212 28.46 -19.51 13.71
N ILE A 213 27.83 -20.46 14.38
CA ILE A 213 28.46 -21.27 15.43
C ILE A 213 28.67 -22.67 14.88
N PRO A 214 29.85 -23.26 15.04
CA PRO A 214 30.11 -24.60 14.46
C PRO A 214 29.38 -25.72 15.19
N GLN A 215 29.57 -26.95 14.71
CA GLN A 215 29.04 -28.13 15.37
C GLN A 215 30.14 -29.16 15.58
N MET B 22 -12.41 39.72 18.87
CA MET B 22 -11.80 39.34 17.60
C MET B 22 -11.67 37.83 17.47
N SER B 23 -11.96 37.31 16.27
CA SER B 23 -11.92 35.88 15.99
C SER B 23 -10.82 35.58 14.97
N GLY B 24 -10.30 34.36 15.03
CA GLY B 24 -9.26 33.93 14.13
C GLY B 24 -7.87 34.13 14.73
N PRO B 25 -6.84 33.72 13.99
CA PRO B 25 -5.48 33.88 14.50
C PRO B 25 -5.04 35.34 14.50
N GLU B 26 -4.32 35.72 15.55
CA GLU B 26 -3.81 37.08 15.65
C GLU B 26 -2.65 37.30 14.67
N ARG B 27 -1.74 36.35 14.59
CA ARG B 27 -0.56 36.45 13.74
C ARG B 27 -0.62 35.37 12.66
N ILE B 28 -0.29 35.75 11.43
CA ILE B 28 -0.32 34.85 10.29
C ILE B 28 0.99 34.97 9.54
N THR B 29 1.59 33.83 9.20
CA THR B 29 2.73 33.80 8.30
C THR B 29 2.22 33.73 6.86
N LEU B 30 2.49 34.76 6.09
CA LEU B 30 2.09 34.81 4.68
C LEU B 30 3.33 34.68 3.82
N ALA B 31 3.44 33.57 3.08
CA ALA B 31 4.55 33.31 2.20
C ALA B 31 4.07 33.32 0.75
N MET B 32 4.81 33.99 -0.11
CA MET B 32 4.53 34.03 -1.54
C MET B 32 5.66 33.32 -2.28
N THR B 33 5.31 32.33 -3.09
CA THR B 33 6.28 31.56 -3.85
C THR B 33 6.00 31.71 -5.34
N GLY B 34 6.94 31.20 -6.15
CA GLY B 34 7.00 31.51 -7.56
C GLY B 34 5.92 30.96 -8.46
N ALA B 35 4.68 30.84 -7.97
CA ALA B 35 3.59 30.48 -8.84
C ALA B 35 2.90 31.74 -9.37
N SER B 36 2.23 31.59 -10.51
CA SER B 36 1.51 32.72 -11.09
C SER B 36 0.30 33.05 -10.24
N GLY B 37 0.01 34.35 -10.11
CA GLY B 37 -1.10 34.80 -9.30
C GLY B 37 -0.65 35.64 -8.12
N ALA B 38 0.28 36.57 -8.36
CA ALA B 38 0.75 37.44 -7.30
C ALA B 38 -0.35 38.35 -6.77
N GLN B 39 -1.38 38.61 -7.57
CA GLN B 39 -2.50 39.41 -7.10
C GLN B 39 -3.22 38.75 -5.92
N TYR B 40 -3.25 37.41 -5.90
CA TYR B 40 -3.87 36.70 -4.78
C TYR B 40 -3.16 37.02 -3.47
N GLY B 41 -1.83 36.94 -3.48
CA GLY B 41 -1.07 37.19 -2.26
C GLY B 41 -1.13 38.65 -1.81
N LEU B 42 -1.02 39.58 -2.77
CA LEU B 42 -1.11 40.99 -2.43
C LEU B 42 -2.48 41.35 -1.90
N ARG B 43 -3.54 40.80 -2.50
CA ARG B 43 -4.89 41.07 -2.02
C ARG B 43 -5.11 40.44 -0.64
N LEU B 44 -4.57 39.24 -0.42
CA LEU B 44 -4.69 38.60 0.88
C LEU B 44 -3.95 39.39 1.95
N LEU B 45 -2.72 39.83 1.64
CA LEU B 45 -1.98 40.66 2.59
C LEU B 45 -2.74 41.93 2.93
N ASP B 46 -3.37 42.55 1.92
CA ASP B 46 -4.14 43.76 2.17
C ASP B 46 -5.33 43.48 3.07
N CYS B 47 -6.02 42.35 2.86
CA CYS B 47 -7.19 42.03 3.67
C CYS B 47 -6.79 41.69 5.10
N LEU B 48 -5.69 40.96 5.28
CA LEU B 48 -5.23 40.66 6.63
C LEU B 48 -4.85 41.92 7.39
N VAL B 49 -4.32 42.93 6.68
CA VAL B 49 -3.97 44.18 7.33
C VAL B 49 -5.23 44.94 7.73
N GLN B 50 -6.24 44.98 6.86
CA GLN B 50 -7.47 45.66 7.19
C GLN B 50 -8.19 44.99 8.36
N GLU B 51 -7.99 43.68 8.53
CA GLU B 51 -8.53 42.96 9.68
C GLU B 51 -7.65 43.08 10.90
N GLU B 52 -6.61 43.92 10.85
CA GLU B 52 -5.74 44.22 12.00
C GLU B 52 -5.05 42.96 12.52
N ARG B 53 -4.50 42.18 11.60
CA ARG B 53 -3.71 41.01 11.92
C ARG B 53 -2.22 41.31 11.74
N GLU B 54 -1.40 40.69 12.60
CA GLU B 54 0.04 40.76 12.42
C GLU B 54 0.47 39.73 11.38
N VAL B 55 1.21 40.18 10.37
CA VAL B 55 1.60 39.34 9.25
C VAL B 55 3.12 39.24 9.21
N HIS B 56 3.63 38.01 9.23
CA HIS B 56 5.05 37.74 9.01
C HIS B 56 5.20 37.38 7.54
N PHE B 57 5.66 38.35 6.73
CA PHE B 57 5.66 38.23 5.29
C PHE B 57 6.96 37.59 4.81
N LEU B 58 6.83 36.53 4.01
CA LEU B 58 7.96 35.86 3.39
C LEU B 58 7.72 35.78 1.89
N ILE B 59 8.81 35.84 1.12
CA ILE B 59 8.71 35.80 -0.33
C ILE B 59 9.98 35.16 -0.88
N SER B 60 9.82 34.30 -1.88
CA SER B 60 10.95 33.64 -2.52
C SER B 60 11.49 34.50 -3.66
N LYS B 61 12.69 34.15 -4.13
CA LYS B 61 13.28 34.89 -5.24
C LYS B 61 12.47 34.71 -6.51
N ALA B 62 11.92 33.51 -6.73
CA ALA B 62 11.07 33.30 -7.90
C ALA B 62 9.79 34.12 -7.82
N ALA B 63 9.21 34.23 -6.62
CA ALA B 63 8.00 35.03 -6.46
C ALA B 63 8.26 36.50 -6.71
N GLN B 64 9.46 36.99 -6.38
CA GLN B 64 9.80 38.38 -6.69
C GLN B 64 9.87 38.61 -8.19
N LEU B 65 10.30 37.59 -8.96
CA LEU B 65 10.29 37.70 -10.41
C LEU B 65 8.87 37.64 -10.96
N VAL B 66 8.01 36.83 -10.33
CA VAL B 66 6.62 36.73 -10.78
C VAL B 66 5.88 38.04 -10.55
N MET B 67 6.12 38.67 -9.40
CA MET B 67 5.43 39.93 -9.09
C MET B 67 5.87 41.04 -10.03
N ALA B 68 7.17 41.09 -10.37
CA ALA B 68 7.64 42.10 -11.30
C ALA B 68 7.13 41.83 -12.71
N THR B 69 6.84 40.57 -13.04
CA THR B 69 6.39 40.23 -14.38
C THR B 69 4.90 40.45 -14.56
N GLU B 70 4.10 40.10 -13.55
CA GLU B 70 2.65 40.13 -13.69
C GLU B 70 2.01 41.43 -13.24
N THR B 71 2.62 42.13 -12.28
CA THR B 71 2.04 43.34 -11.72
C THR B 71 2.93 44.55 -12.00
N ASP B 72 2.39 45.72 -11.68
CA ASP B 72 3.14 46.96 -11.72
C ASP B 72 3.67 47.35 -10.34
N VAL B 73 3.75 46.39 -9.42
CA VAL B 73 4.24 46.64 -8.07
C VAL B 73 5.76 46.51 -8.08
N ALA B 74 6.44 47.61 -7.73
CA ALA B 74 7.90 47.63 -7.66
C ALA B 74 8.30 47.27 -6.24
N LEU B 75 8.42 45.97 -5.98
CA LEU B 75 8.74 45.49 -4.64
C LEU B 75 10.24 45.57 -4.41
N PRO B 76 10.71 46.26 -3.37
CA PRO B 76 12.14 46.27 -3.07
C PRO B 76 12.63 44.88 -2.70
N ALA B 77 13.92 44.65 -2.92
CA ALA B 77 14.47 43.30 -2.74
C ALA B 77 14.83 43.02 -1.29
N LYS B 78 15.42 43.98 -0.59
CA LYS B 78 15.89 43.72 0.76
C LYS B 78 14.73 43.77 1.76
N PRO B 79 14.82 43.00 2.86
CA PRO B 79 13.64 42.85 3.74
C PRO B 79 13.16 44.14 4.37
N GLN B 80 14.07 44.98 4.88
CA GLN B 80 13.63 46.16 5.61
C GLN B 80 13.04 47.21 4.67
N ALA B 81 13.61 47.35 3.47
CA ALA B 81 12.99 48.21 2.47
C ALA B 81 11.69 47.61 1.95
N MET B 82 11.59 46.28 1.96
CA MET B 82 10.34 45.63 1.58
C MET B 82 9.26 45.83 2.63
N GLN B 83 9.66 45.85 3.91
N GLN B 83 9.64 45.85 3.92
CA GLN B 83 8.70 46.04 4.99
CA GLN B 83 8.64 46.04 4.97
C GLN B 83 8.11 47.45 4.97
C GLN B 83 8.09 47.46 4.95
N ALA B 84 8.92 48.45 4.60
CA ALA B 84 8.42 49.82 4.55
C ALA B 84 7.50 50.02 3.35
N PHE B 85 7.82 49.40 2.22
CA PHE B 85 6.99 49.52 1.04
C PHE B 85 5.63 48.86 1.27
N LEU B 86 5.62 47.65 1.80
CA LEU B 86 4.36 46.95 2.03
C LEU B 86 3.52 47.61 3.11
N THR B 87 4.16 48.22 4.11
CA THR B 87 3.42 48.96 5.12
C THR B 87 2.68 50.14 4.49
N GLU B 88 3.34 50.86 3.59
CA GLU B 88 2.68 51.98 2.90
C GLU B 88 1.71 51.47 1.84
N TYR B 89 2.02 50.34 1.21
CA TYR B 89 1.15 49.82 0.15
C TYR B 89 -0.22 49.44 0.69
N CYS B 90 -0.26 48.82 1.88
CA CYS B 90 -1.49 48.36 2.49
C CYS B 90 -2.02 49.30 3.56
N GLY B 91 -1.29 50.37 3.88
CA GLY B 91 -1.70 51.24 4.97
C GLY B 91 -1.67 50.56 6.32
N ALA B 92 -0.64 49.76 6.58
CA ALA B 92 -0.55 49.02 7.83
C ALA B 92 -0.01 49.90 8.95
N ALA B 93 -0.26 49.46 10.18
CA ALA B 93 0.30 50.12 11.35
C ALA B 93 1.78 49.75 11.50
N ALA B 94 2.47 50.47 12.37
CA ALA B 94 3.88 50.20 12.60
C ALA B 94 4.05 48.82 13.23
N GLY B 95 4.93 48.02 12.64
CA GLY B 95 5.18 46.67 13.13
C GLY B 95 4.11 45.66 12.80
N GLN B 96 3.06 46.05 12.07
CA GLN B 96 2.01 45.09 11.73
C GLN B 96 2.50 44.07 10.71
N ILE B 97 3.32 44.51 9.76
CA ILE B 97 3.94 43.63 8.77
C ILE B 97 5.41 43.46 9.12
N ARG B 98 5.88 42.22 9.16
CA ARG B 98 7.27 41.91 9.45
C ARG B 98 7.81 41.03 8.35
N VAL B 99 8.88 41.49 7.69
CA VAL B 99 9.48 40.78 6.56
C VAL B 99 10.78 40.14 7.04
N PHE B 100 10.99 38.88 6.67
CA PHE B 100 12.17 38.14 7.06
C PHE B 100 12.81 37.51 5.82
N GLY B 101 14.14 37.50 5.80
CA GLY B 101 14.86 36.91 4.69
C GLY B 101 14.67 35.41 4.63
N GLN B 102 15.04 34.85 3.46
CA GLN B 102 14.82 33.43 3.21
C GLN B 102 15.77 32.54 3.99
N ASN B 103 16.84 33.09 4.58
CA ASN B 103 17.77 32.31 5.39
C ASN B 103 17.81 32.79 6.84
N ASP B 104 16.83 33.59 7.24
CA ASP B 104 16.75 34.11 8.61
C ASP B 104 16.13 33.04 9.50
N TRP B 105 16.97 32.14 10.01
CA TRP B 105 16.49 31.08 10.88
C TRP B 105 16.14 31.57 12.27
N MET B 106 16.56 32.77 12.65
CA MET B 106 16.15 33.37 13.91
C MET B 106 14.78 34.03 13.83
N ALA B 107 14.14 34.02 12.66
CA ALA B 107 12.81 34.58 12.53
C ALA B 107 11.81 33.75 13.32
N PRO B 108 10.73 34.38 13.80
CA PRO B 108 9.74 33.67 14.61
C PRO B 108 9.16 32.45 13.91
N PRO B 109 8.79 32.52 12.62
CA PRO B 109 8.17 31.34 11.99
C PRO B 109 9.05 30.11 11.93
N ALA B 110 10.35 30.23 12.21
CA ALA B 110 11.27 29.10 12.10
C ALA B 110 11.25 28.18 13.31
N SER B 111 10.68 28.61 14.43
CA SER B 111 10.63 27.82 15.65
C SER B 111 9.19 27.67 16.12
N GLY B 112 8.90 26.53 16.75
CA GLY B 112 7.54 26.25 17.14
C GLY B 112 7.03 27.16 18.24
N SER B 113 7.89 27.52 19.19
CA SER B 113 7.45 28.34 20.32
C SER B 113 7.17 29.78 19.89
N SER B 114 7.82 30.26 18.84
CA SER B 114 7.71 31.66 18.43
C SER B 114 6.92 31.87 17.16
N ALA B 115 6.54 30.81 16.45
CA ALA B 115 5.88 30.96 15.16
C ALA B 115 4.46 31.50 15.33
N PRO B 116 3.96 32.21 14.32
CA PRO B 116 2.55 32.64 14.34
C PRO B 116 1.61 31.44 14.36
N ASN B 117 0.34 31.74 14.66
CA ASN B 117 -0.64 30.68 14.88
C ASN B 117 -1.09 30.00 13.60
N ALA B 118 -0.85 30.62 12.44
CA ALA B 118 -1.27 30.03 11.17
C ALA B 118 -0.33 30.47 10.07
N MET B 119 -0.35 29.74 8.97
CA MET B 119 0.52 30.01 7.83
C MET B 119 -0.25 29.80 6.53
N VAL B 120 -0.02 30.69 5.57
CA VAL B 120 -0.62 30.60 4.24
C VAL B 120 0.49 30.78 3.22
N ILE B 121 0.57 29.87 2.25
CA ILE B 121 1.49 29.98 1.12
C ILE B 121 0.63 30.31 -0.10
N CYS B 122 0.63 31.58 -0.50
CA CYS B 122 -0.25 32.03 -1.58
C CYS B 122 0.44 33.08 -2.43
N PRO B 123 0.75 32.79 -3.69
CA PRO B 123 0.51 31.48 -4.32
C PRO B 123 1.57 30.44 -3.94
N CYS B 124 1.26 29.17 -4.15
CA CYS B 124 2.16 28.07 -3.79
C CYS B 124 2.64 27.39 -5.06
N SER B 125 3.92 27.55 -5.37
CA SER B 125 4.50 26.90 -6.54
C SER B 125 4.55 25.39 -6.33
N THR B 126 4.64 24.66 -7.45
CA THR B 126 4.78 23.20 -7.37
C THR B 126 6.08 22.81 -6.68
N GLY B 127 7.10 23.66 -6.77
CA GLY B 127 8.34 23.38 -6.07
C GLY B 127 8.21 23.50 -4.57
N THR B 128 7.51 24.54 -4.11
CA THR B 128 7.27 24.69 -2.68
C THR B 128 6.30 23.62 -2.18
N LEU B 129 5.29 23.29 -2.98
CA LEU B 129 4.41 22.18 -2.64
C LEU B 129 5.20 20.89 -2.47
N SER B 130 6.22 20.67 -3.32
CA SER B 130 7.03 19.47 -3.20
C SER B 130 7.90 19.50 -1.95
N ALA B 131 8.52 20.66 -1.67
CA ALA B 131 9.42 20.74 -0.53
C ALA B 131 8.69 20.58 0.79
N VAL B 132 7.47 21.13 0.89
CA VAL B 132 6.68 20.95 2.11
C VAL B 132 6.25 19.50 2.25
N ALA B 133 5.90 18.85 1.15
CA ALA B 133 5.47 17.47 1.21
C ALA B 133 6.60 16.54 1.63
N THR B 134 7.83 16.83 1.19
CA THR B 134 8.98 16.01 1.54
C THR B 134 9.71 16.50 2.78
N GLY B 135 9.44 17.73 3.22
CA GLY B 135 10.11 18.27 4.40
C GLY B 135 11.50 18.80 4.13
N ALA B 136 11.71 19.39 2.96
CA ALA B 136 13.06 19.77 2.54
C ALA B 136 13.67 20.84 3.45
N CYS B 137 12.87 21.83 3.86
CA CYS B 137 13.32 22.89 4.76
C CYS B 137 14.58 23.58 4.25
N ASN B 138 14.59 23.91 2.96
CA ASN B 138 15.75 24.53 2.35
C ASN B 138 15.77 26.05 2.50
N ASN B 139 14.64 26.67 2.85
CA ASN B 139 14.58 28.10 3.13
C ASN B 139 13.62 28.33 4.29
N LEU B 140 13.46 29.60 4.65
CA LEU B 140 12.59 29.93 5.78
C LEU B 140 11.13 29.58 5.51
N ILE B 141 10.69 29.73 4.26
CA ILE B 141 9.31 29.41 3.91
C ILE B 141 9.02 27.93 4.14
N GLU B 142 9.91 27.07 3.63
CA GLU B 142 9.70 25.63 3.77
C GLU B 142 9.88 25.18 5.22
N ARG B 143 10.83 25.79 5.93
CA ARG B 143 11.01 25.47 7.34
C ARG B 143 9.80 25.90 8.17
N ALA B 144 9.23 27.08 7.85
CA ALA B 144 8.06 27.54 8.58
C ALA B 144 6.86 26.62 8.35
N ALA B 145 6.69 26.13 7.13
CA ALA B 145 5.61 25.20 6.85
C ALA B 145 5.82 23.88 7.58
N ASP B 146 7.07 23.43 7.67
CA ASP B 146 7.38 22.22 8.42
C ASP B 146 7.09 22.40 9.90
N VAL B 147 7.37 23.59 10.43
CA VAL B 147 7.08 23.88 11.83
C VAL B 147 5.58 23.91 12.06
N ALA B 148 4.82 24.52 11.14
CA ALA B 148 3.38 24.56 11.27
C ALA B 148 2.76 23.17 11.28
N LEU B 149 3.35 22.23 10.52
CA LEU B 149 2.82 20.88 10.49
C LEU B 149 3.15 20.12 11.78
N LYS B 150 4.37 20.28 12.30
CA LYS B 150 4.74 19.57 13.52
C LYS B 150 4.02 20.12 14.74
N GLU B 151 3.63 21.39 14.71
CA GLU B 151 2.82 21.98 15.78
C GLU B 151 1.33 21.84 15.50
N ARG B 152 0.95 21.26 14.37
CA ARG B 152 -0.46 21.05 14.00
CA ARG B 152 -0.46 21.05 14.00
C ARG B 152 -1.23 22.37 13.99
N ARG B 153 -0.65 23.36 13.37
CA ARG B 153 -1.27 24.66 13.18
C ARG B 153 -1.76 24.80 11.75
N PRO B 154 -2.78 25.63 11.50
CA PRO B 154 -3.35 25.72 10.15
C PRO B 154 -2.31 26.09 9.11
N LEU B 155 -2.27 25.29 8.04
CA LEU B 155 -1.36 25.51 6.91
C LEU B 155 -2.18 25.47 5.63
N VAL B 156 -2.32 26.60 4.97
CA VAL B 156 -3.12 26.73 3.76
C VAL B 156 -2.18 26.92 2.58
N LEU B 157 -2.29 26.03 1.60
CA LEU B 157 -1.49 26.10 0.38
C LEU B 157 -2.38 26.46 -0.79
N VAL B 158 -1.95 27.45 -1.57
CA VAL B 158 -2.73 27.94 -2.71
C VAL B 158 -1.95 27.69 -3.99
N PRO B 159 -2.03 26.49 -4.58
CA PRO B 159 -1.30 26.22 -5.82
C PRO B 159 -2.00 26.81 -7.03
N ARG B 160 -1.19 27.16 -8.03
CA ARG B 160 -1.67 27.62 -9.34
C ARG B 160 -0.89 26.83 -10.38
N GLU B 161 -1.53 25.82 -10.96
CA GLU B 161 -0.89 25.03 -12.00
C GLU B 161 -1.97 24.30 -12.79
N ALA B 162 -1.72 24.15 -14.09
CA ALA B 162 -2.64 23.44 -14.98
C ALA B 162 -1.87 22.89 -16.16
N PRO B 163 -1.91 21.57 -16.40
CA PRO B 163 -2.65 20.59 -15.58
C PRO B 163 -1.93 20.21 -14.29
N PHE B 164 -2.63 19.49 -13.43
CA PHE B 164 -2.04 18.91 -12.23
C PHE B 164 -1.48 17.53 -12.59
N SER B 165 -0.16 17.39 -12.50
CA SER B 165 0.44 16.07 -12.70
C SER B 165 0.18 15.19 -11.48
N SER B 166 0.45 13.89 -11.65
CA SER B 166 0.31 12.96 -10.55
C SER B 166 1.31 13.26 -9.44
N ILE B 167 2.44 13.89 -9.78
CA ILE B 167 3.38 14.32 -8.76
C ILE B 167 2.80 15.46 -7.93
N HIS B 168 2.17 16.43 -8.60
CA HIS B 168 1.51 17.51 -7.87
C HIS B 168 0.39 16.97 -6.99
N LEU B 169 -0.44 16.09 -7.55
CA LEU B 169 -1.59 15.57 -6.80
C LEU B 169 -1.13 14.72 -5.63
N GLU B 170 -0.06 13.94 -5.81
CA GLU B 170 0.45 13.11 -4.71
C GLU B 170 0.97 13.98 -3.57
N ASN B 171 1.69 15.05 -3.90
CA ASN B 171 2.19 15.96 -2.87
C ASN B 171 1.03 16.68 -2.17
N MET B 172 -0.03 17.01 -2.93
CA MET B 172 -1.19 17.65 -2.32
C MET B 172 -1.95 16.68 -1.44
N LEU B 173 -2.12 15.43 -1.90
CA LEU B 173 -2.87 14.44 -1.13
C LEU B 173 -2.17 14.12 0.18
N LYS B 174 -0.84 13.99 0.16
CA LYS B 174 -0.10 13.68 1.38
C LYS B 174 -0.25 14.80 2.40
N LEU B 175 -0.15 16.05 1.96
CA LEU B 175 -0.28 17.17 2.88
C LEU B 175 -1.72 17.34 3.35
N SER B 176 -2.69 17.12 2.46
CA SER B 176 -4.09 17.19 2.86
C SER B 176 -4.44 16.11 3.88
N ASN B 177 -3.85 14.92 3.72
CA ASN B 177 -4.09 13.84 4.67
C ASN B 177 -3.51 14.15 6.04
N LEU B 178 -2.54 15.05 6.14
CA LEU B 178 -1.92 15.38 7.41
C LEU B 178 -2.55 16.61 8.07
N GLY B 179 -3.53 17.24 7.44
CA GLY B 179 -4.23 18.38 8.03
C GLY B 179 -4.09 19.67 7.26
N ALA B 180 -3.17 19.78 6.30
CA ALA B 180 -3.04 21.00 5.53
C ALA B 180 -4.23 21.18 4.61
N VAL B 181 -4.56 22.45 4.33
CA VAL B 181 -5.70 22.81 3.49
C VAL B 181 -5.17 23.14 2.11
N ILE B 182 -5.51 22.31 1.12
CA ILE B 182 -5.13 22.54 -0.27
C ILE B 182 -6.25 23.37 -0.89
N LEU B 183 -5.98 24.66 -1.09
CA LEU B 183 -6.96 25.60 -1.64
C LEU B 183 -6.43 26.11 -2.96
N PRO B 184 -6.74 25.45 -4.07
CA PRO B 184 -6.19 25.87 -5.37
C PRO B 184 -6.76 27.21 -5.81
N ALA B 185 -5.96 27.93 -6.60
CA ALA B 185 -6.41 29.20 -7.16
C ALA B 185 -7.43 28.96 -8.28
N ALA B 186 -8.58 28.41 -7.91
CA ALA B 186 -9.66 28.09 -8.85
C ALA B 186 -10.90 28.87 -8.44
N PRO B 187 -11.04 30.11 -8.89
CA PRO B 187 -12.18 30.93 -8.45
C PRO B 187 -13.49 30.44 -9.07
N GLY B 188 -14.57 30.64 -8.31
CA GLY B 188 -15.89 30.30 -8.79
C GLY B 188 -16.55 31.46 -9.51
N PHE B 189 -17.61 31.13 -10.26
CA PHE B 189 -18.31 32.11 -11.08
C PHE B 189 -19.77 32.31 -10.66
N TYR B 190 -20.20 31.69 -9.56
CA TYR B 190 -21.61 31.72 -9.18
C TYR B 190 -22.03 33.01 -8.49
N HIS B 191 -21.11 33.93 -8.25
CA HIS B 191 -21.46 35.28 -7.81
C HIS B 191 -21.43 36.27 -8.97
N GLN B 192 -21.41 35.77 -10.21
CA GLN B 192 -21.41 36.54 -11.45
C GLN B 192 -20.34 37.63 -11.40
N PRO B 193 -19.06 37.26 -11.54
CA PRO B 193 -18.00 38.27 -11.45
C PRO B 193 -17.99 39.19 -12.66
N GLN B 194 -17.56 40.42 -12.43
CA GLN B 194 -17.49 41.44 -13.47
C GLN B 194 -16.08 41.84 -13.83
N SER B 195 -15.07 41.42 -13.06
CA SER B 195 -13.70 41.86 -13.29
C SER B 195 -12.74 40.79 -12.80
N VAL B 196 -11.46 41.01 -13.09
CA VAL B 196 -10.41 40.11 -12.61
C VAL B 196 -10.35 40.13 -11.09
N GLU B 197 -10.51 41.32 -10.50
CA GLU B 197 -10.43 41.45 -9.05
C GLU B 197 -11.58 40.73 -8.34
N ASP B 198 -12.74 40.61 -9.00
CA ASP B 198 -13.81 39.82 -8.44
C ASP B 198 -13.40 38.36 -8.28
N LEU B 199 -12.70 37.82 -9.27
CA LEU B 199 -12.20 36.45 -9.16
C LEU B 199 -11.05 36.36 -8.16
N VAL B 200 -10.22 37.39 -8.07
CA VAL B 200 -9.18 37.41 -7.05
C VAL B 200 -9.81 37.47 -5.66
N ASP B 201 -10.86 38.28 -5.50
CA ASP B 201 -11.52 38.39 -4.21
C ASP B 201 -12.22 37.10 -3.81
N PHE B 202 -12.66 36.30 -4.80
CA PHE B 202 -13.28 35.01 -4.49
C PHE B 202 -12.31 34.11 -3.75
N VAL B 203 -11.11 33.92 -4.32
CA VAL B 203 -10.13 33.03 -3.71
C VAL B 203 -9.68 33.56 -2.36
N VAL B 204 -9.46 34.87 -2.26
CA VAL B 204 -9.01 35.46 -1.00
C VAL B 204 -10.07 35.25 0.09
N ALA B 205 -11.35 35.38 -0.27
CA ALA B 205 -12.41 35.18 0.72
C ALA B 205 -12.44 33.75 1.22
N ARG B 206 -12.19 32.77 0.33
CA ARG B 206 -12.13 31.38 0.76
C ARG B 206 -10.94 31.15 1.70
N ILE B 207 -9.81 31.81 1.44
CA ILE B 207 -8.67 31.71 2.34
C ILE B 207 -9.01 32.26 3.72
N LEU B 208 -9.68 33.41 3.75
CA LEU B 208 -10.07 34.00 5.02
C LEU B 208 -11.11 33.16 5.73
N ASN B 209 -12.05 32.57 4.97
CA ASN B 209 -13.03 31.67 5.56
C ASN B 209 -12.35 30.43 6.14
N THR B 210 -11.33 29.91 5.46
CA THR B 210 -10.59 28.76 5.97
C THR B 210 -9.89 29.10 7.27
N LEU B 211 -9.33 30.30 7.37
CA LEU B 211 -8.61 30.72 8.57
C LEU B 211 -9.55 31.16 9.70
N GLY B 212 -10.83 31.34 9.42
CA GLY B 212 -11.75 31.84 10.42
C GLY B 212 -11.72 33.35 10.60
N ILE B 213 -11.45 34.09 9.52
CA ILE B 213 -11.28 35.54 9.58
C ILE B 213 -12.40 36.19 8.79
N PRO B 214 -13.02 37.25 9.29
CA PRO B 214 -14.12 37.90 8.56
C PRO B 214 -13.66 38.48 7.22
N GLN B 215 -14.62 38.66 6.31
CA GLN B 215 -14.36 39.13 4.95
C GLN B 215 -15.17 40.39 4.64
N ASP B 216 -15.02 41.42 5.47
CA ASP B 216 -15.69 42.70 5.21
C ASP B 216 -14.85 43.56 4.27
N MET B 217 -14.52 42.98 3.13
CA MET B 217 -13.68 43.64 2.13
C MET B 217 -14.51 44.54 1.22
N SER C 23 40.57 -11.78 3.47
CA SER C 23 39.57 -10.74 3.31
C SER C 23 38.55 -11.11 2.24
N GLY C 24 37.27 -11.01 2.60
CA GLY C 24 36.21 -11.33 1.68
C GLY C 24 35.88 -12.81 1.69
N PRO C 25 34.85 -13.21 0.96
CA PRO C 25 34.46 -14.62 0.92
C PRO C 25 35.47 -15.48 0.18
N GLU C 26 35.78 -16.64 0.75
CA GLU C 26 36.70 -17.57 0.10
C GLU C 26 36.03 -18.33 -1.04
N ARG C 27 34.74 -18.62 -0.91
CA ARG C 27 33.98 -19.34 -1.92
C ARG C 27 32.86 -18.46 -2.44
N ILE C 28 32.78 -18.28 -3.76
CA ILE C 28 31.79 -17.42 -4.39
C ILE C 28 31.08 -18.22 -5.46
N THR C 29 29.75 -18.10 -5.49
CA THR C 29 28.94 -18.65 -6.57
C THR C 29 28.82 -17.60 -7.66
N LEU C 30 29.37 -17.88 -8.84
CA LEU C 30 29.30 -16.98 -9.99
C LEU C 30 28.34 -17.59 -11.01
N ALA C 31 27.21 -16.93 -11.21
CA ALA C 31 26.19 -17.37 -12.16
C ALA C 31 26.14 -16.37 -13.31
N MET C 32 26.10 -16.89 -14.54
CA MET C 32 25.98 -16.08 -15.75
C MET C 32 24.68 -16.43 -16.44
N THR C 33 23.84 -15.42 -16.67
CA THR C 33 22.56 -15.61 -17.33
C THR C 33 22.51 -14.79 -18.60
N GLY C 34 21.44 -15.01 -19.38
CA GLY C 34 21.39 -14.57 -20.77
C GLY C 34 21.26 -13.09 -21.05
N ALA C 35 21.88 -12.24 -20.23
CA ALA C 35 21.93 -10.83 -20.54
C ALA C 35 23.20 -10.51 -21.32
N SER C 36 23.14 -9.42 -22.07
CA SER C 36 24.33 -8.97 -22.80
C SER C 36 25.40 -8.50 -21.83
N GLY C 37 26.66 -8.75 -22.19
CA GLY C 37 27.76 -8.40 -21.31
C GLY C 37 28.46 -9.61 -20.74
N ALA C 38 28.68 -10.63 -21.58
CA ALA C 38 29.40 -11.81 -21.13
C ALA C 38 30.85 -11.49 -20.78
N GLN C 39 31.41 -10.42 -21.33
CA GLN C 39 32.76 -9.99 -20.94
C GLN C 39 32.84 -9.66 -19.46
N TYR C 40 31.75 -9.13 -18.88
CA TYR C 40 31.74 -8.83 -17.46
C TYR C 40 31.95 -10.09 -16.63
N GLY C 41 31.20 -11.14 -16.93
CA GLY C 41 31.32 -12.37 -16.15
C GLY C 41 32.65 -13.08 -16.35
N LEU C 42 33.14 -13.10 -17.60
CA LEU C 42 34.44 -13.72 -17.86
C LEU C 42 35.55 -12.98 -17.14
N ARG C 43 35.53 -11.64 -17.18
CA ARG C 43 36.53 -10.86 -16.48
C ARG C 43 36.42 -11.04 -14.97
N LEU C 44 35.18 -11.12 -14.46
CA LEU C 44 34.99 -11.32 -13.02
C LEU C 44 35.50 -12.68 -12.59
N LEU C 45 35.23 -13.73 -13.38
CA LEU C 45 35.75 -15.05 -13.07
C LEU C 45 37.27 -15.05 -13.04
N ASP C 46 37.90 -14.35 -13.99
CA ASP C 46 39.36 -14.29 -14.04
C ASP C 46 39.92 -13.61 -12.80
N CYS C 47 39.30 -12.52 -12.36
CA CYS C 47 39.80 -11.80 -11.19
C CYS C 47 39.61 -12.60 -9.92
N LEU C 48 38.49 -13.31 -9.81
CA LEU C 48 38.27 -14.17 -8.65
C LEU C 48 39.31 -15.28 -8.58
N VAL C 49 39.73 -15.79 -9.74
CA VAL C 49 40.78 -16.81 -9.77
C VAL C 49 42.12 -16.20 -9.38
N GLN C 50 42.41 -14.98 -9.86
CA GLN C 50 43.65 -14.32 -9.50
C GLN C 50 43.72 -14.02 -8.01
N GLU C 51 42.56 -13.80 -7.37
CA GLU C 51 42.50 -13.60 -5.93
C GLU C 51 42.42 -14.91 -5.16
N GLU C 52 42.64 -16.04 -5.83
CA GLU C 52 42.70 -17.36 -5.19
C GLU C 52 41.41 -17.68 -4.43
N ARG C 53 40.27 -17.45 -5.07
CA ARG C 53 38.98 -17.81 -4.52
C ARG C 53 38.45 -19.04 -5.22
N GLU C 54 37.74 -19.89 -4.47
CA GLU C 54 37.06 -21.04 -5.06
C GLU C 54 35.74 -20.58 -5.65
N VAL C 55 35.54 -20.84 -6.94
CA VAL C 55 34.38 -20.34 -7.67
C VAL C 55 33.50 -21.51 -8.08
N HIS C 56 32.25 -21.48 -7.64
CA HIS C 56 31.22 -22.42 -8.09
C HIS C 56 30.53 -21.78 -9.28
N PHE C 57 30.90 -22.21 -10.49
CA PHE C 57 30.47 -21.55 -11.71
C PHE C 57 29.17 -22.14 -12.22
N LEU C 58 28.19 -21.28 -12.50
CA LEU C 58 26.92 -21.66 -13.08
C LEU C 58 26.65 -20.80 -14.30
N ILE C 59 25.99 -21.38 -15.30
CA ILE C 59 25.68 -20.66 -16.53
C ILE C 59 24.40 -21.24 -17.12
N SER C 60 23.56 -20.37 -17.65
CA SER C 60 22.32 -20.78 -18.28
C SER C 60 22.53 -21.07 -19.77
N LYS C 61 21.54 -21.71 -20.38
CA LYS C 61 21.63 -22.02 -21.80
C LYS C 61 21.68 -20.76 -22.65
N ALA C 62 20.84 -19.77 -22.32
CA ALA C 62 20.86 -18.52 -23.06
C ALA C 62 22.18 -17.76 -22.88
N ALA C 63 22.80 -17.88 -21.70
CA ALA C 63 24.07 -17.20 -21.46
C ALA C 63 25.18 -17.81 -22.30
N GLN C 64 25.14 -19.13 -22.50
CA GLN C 64 26.13 -19.78 -23.35
C GLN C 64 26.07 -19.25 -24.78
N LEU C 65 24.86 -18.96 -25.27
CA LEU C 65 24.72 -18.41 -26.61
C LEU C 65 25.13 -16.94 -26.66
N VAL C 66 24.85 -16.19 -25.59
CA VAL C 66 25.31 -14.81 -25.51
C VAL C 66 26.83 -14.75 -25.56
N MET C 67 27.49 -15.62 -24.78
CA MET C 67 28.95 -15.62 -24.75
C MET C 67 29.54 -15.98 -26.11
N ALA C 68 28.97 -16.98 -26.78
CA ALA C 68 29.42 -17.33 -28.12
C ALA C 68 29.10 -16.24 -29.14
N THR C 69 28.10 -15.42 -28.87
CA THR C 69 27.73 -14.35 -29.80
C THR C 69 28.64 -13.13 -29.63
N GLU C 70 28.95 -12.77 -28.39
CA GLU C 70 29.67 -11.54 -28.11
C GLU C 70 31.18 -11.71 -27.97
N THR C 71 31.64 -12.89 -27.53
CA THR C 71 33.06 -13.13 -27.31
C THR C 71 33.54 -14.25 -28.24
N ASP C 72 34.83 -14.54 -28.17
CA ASP C 72 35.44 -15.64 -28.89
C ASP C 72 35.40 -16.94 -28.10
N VAL C 73 34.71 -16.96 -26.97
CA VAL C 73 34.67 -18.13 -26.10
C VAL C 73 33.37 -18.88 -26.36
N ALA C 74 33.48 -20.13 -26.82
CA ALA C 74 32.36 -21.05 -26.95
C ALA C 74 32.60 -22.18 -25.96
N LEU C 75 31.86 -22.15 -24.85
CA LEU C 75 32.11 -23.10 -23.78
C LEU C 75 31.62 -24.49 -24.17
N PRO C 76 32.35 -25.55 -23.78
CA PRO C 76 31.80 -26.90 -23.89
C PRO C 76 30.54 -27.02 -23.04
N ALA C 77 29.57 -27.80 -23.54
CA ALA C 77 28.25 -27.81 -22.92
C ALA C 77 28.25 -28.52 -21.57
N LYS C 78 28.80 -29.72 -21.52
CA LYS C 78 28.73 -30.52 -20.30
C LYS C 78 29.63 -29.92 -19.22
N PRO C 79 29.24 -30.06 -17.94
CA PRO C 79 29.97 -29.36 -16.87
C PRO C 79 31.42 -29.77 -16.74
N GLN C 80 31.73 -31.07 -16.87
CA GLN C 80 33.11 -31.50 -16.68
C GLN C 80 34.04 -30.92 -17.74
N ALA C 81 33.61 -30.95 -19.01
CA ALA C 81 34.41 -30.34 -20.06
C ALA C 81 34.43 -28.82 -19.93
N MET C 82 33.33 -28.23 -19.43
CA MET C 82 33.32 -26.78 -19.19
C MET C 82 34.25 -26.41 -18.05
N GLN C 83 34.35 -27.28 -17.03
CA GLN C 83 35.25 -27.02 -15.91
C GLN C 83 36.71 -27.05 -16.35
N ALA C 84 37.06 -27.97 -17.24
CA ALA C 84 38.44 -28.05 -17.72
C ALA C 84 38.77 -26.88 -18.64
N PHE C 85 37.79 -26.42 -19.42
CA PHE C 85 38.01 -25.27 -20.30
C PHE C 85 38.28 -24.01 -19.49
N LEU C 86 37.42 -23.71 -18.51
CA LEU C 86 37.59 -22.50 -17.71
C LEU C 86 38.85 -22.56 -16.86
N THR C 87 39.22 -23.73 -16.38
CA THR C 87 40.47 -23.87 -15.63
C THR C 87 41.66 -23.49 -16.50
N GLU C 88 41.67 -23.92 -17.76
CA GLU C 88 42.74 -23.54 -18.68
C GLU C 88 42.61 -22.09 -19.11
N TYR C 89 41.38 -21.61 -19.28
CA TYR C 89 41.16 -20.25 -19.75
C TYR C 89 41.65 -19.23 -18.72
N CYS C 90 41.47 -19.53 -17.43
CA CYS C 90 41.82 -18.60 -16.37
C CYS C 90 43.15 -18.93 -15.70
N GLY C 91 43.78 -20.05 -16.05
CA GLY C 91 44.97 -20.48 -15.35
C GLY C 91 44.72 -20.84 -13.90
N ALA C 92 43.56 -21.40 -13.60
CA ALA C 92 43.19 -21.71 -12.22
C ALA C 92 43.85 -23.00 -11.76
N ALA C 93 43.99 -23.13 -10.44
CA ALA C 93 44.50 -24.36 -9.86
C ALA C 93 43.44 -25.46 -9.95
N ALA C 94 43.87 -26.70 -9.69
CA ALA C 94 42.96 -27.83 -9.75
C ALA C 94 41.89 -27.72 -8.67
N GLY C 95 40.64 -27.86 -9.07
CA GLY C 95 39.52 -27.77 -8.15
C GLY C 95 39.15 -26.36 -7.73
N GLN C 96 39.85 -25.34 -8.24
CA GLN C 96 39.50 -23.97 -7.88
C GLN C 96 38.19 -23.53 -8.51
N ILE C 97 37.92 -23.99 -9.73
CA ILE C 97 36.68 -23.72 -10.44
C ILE C 97 35.86 -25.00 -10.47
N ARG C 98 34.62 -24.92 -10.01
CA ARG C 98 33.71 -26.07 -9.99
C ARG C 98 32.44 -25.69 -10.74
N VAL C 99 32.14 -26.44 -11.80
CA VAL C 99 30.97 -26.19 -12.63
C VAL C 99 29.89 -27.20 -12.27
N PHE C 100 28.65 -26.72 -12.17
CA PHE C 100 27.51 -27.57 -11.84
C PHE C 100 26.39 -27.32 -12.84
N GLY C 101 25.72 -28.40 -13.24
CA GLY C 101 24.63 -28.29 -14.19
C GLY C 101 23.43 -27.55 -13.63
N GLN C 102 22.54 -27.14 -14.53
CA GLN C 102 21.40 -26.31 -14.15
C GLN C 102 20.33 -27.08 -13.38
N ASN C 103 20.44 -28.41 -13.28
CA ASN C 103 19.49 -29.20 -12.52
C ASN C 103 20.19 -30.05 -11.45
N ASP C 104 21.45 -29.75 -11.14
CA ASP C 104 22.22 -30.49 -10.14
C ASP C 104 21.85 -29.94 -8.77
N TRP C 105 20.76 -30.46 -8.20
CA TRP C 105 20.32 -30.02 -6.88
C TRP C 105 21.22 -30.53 -5.76
N MET C 106 22.09 -31.49 -6.04
CA MET C 106 23.08 -31.94 -5.07
C MET C 106 24.29 -31.01 -4.98
N ALA C 107 24.35 -29.99 -5.83
CA ALA C 107 25.45 -29.06 -5.80
C ALA C 107 25.44 -28.25 -4.50
N PRO C 108 26.60 -27.81 -4.04
CA PRO C 108 26.68 -27.03 -2.79
C PRO C 108 25.77 -25.81 -2.79
N PRO C 109 25.74 -24.99 -3.87
CA PRO C 109 24.93 -23.76 -3.80
C PRO C 109 23.44 -23.98 -3.62
N ALA C 110 22.95 -25.22 -3.70
CA ALA C 110 21.52 -25.49 -3.59
C ALA C 110 21.03 -25.64 -2.16
N SER C 111 21.92 -25.82 -1.19
CA SER C 111 21.53 -25.99 0.20
C SER C 111 22.24 -24.96 1.06
N GLY C 112 21.58 -24.55 2.14
CA GLY C 112 22.11 -23.47 2.97
C GLY C 112 23.40 -23.83 3.68
N SER C 113 23.51 -25.07 4.16
CA SER C 113 24.68 -25.45 4.93
C SER C 113 25.92 -25.63 4.06
N SER C 114 25.74 -25.92 2.77
CA SER C 114 26.85 -26.22 1.88
C SER C 114 27.15 -25.13 0.87
N ALA C 115 26.29 -24.11 0.76
CA ALA C 115 26.47 -23.11 -0.29
C ALA C 115 27.64 -22.19 0.02
N PRO C 116 28.30 -21.67 -1.01
CA PRO C 116 29.27 -20.58 -0.79
C PRO C 116 28.58 -19.38 -0.17
N ASN C 117 29.34 -18.63 0.62
CA ASN C 117 28.78 -17.54 1.42
C ASN C 117 28.57 -16.25 0.63
N ALA C 118 28.76 -16.28 -0.69
CA ALA C 118 28.50 -15.11 -1.52
C ALA C 118 28.13 -15.59 -2.92
N MET C 119 27.23 -14.84 -3.56
CA MET C 119 26.76 -15.19 -4.89
C MET C 119 26.63 -13.94 -5.75
N VAL C 120 27.08 -14.05 -7.00
CA VAL C 120 26.98 -12.97 -7.97
C VAL C 120 26.35 -13.53 -9.24
N ILE C 121 25.34 -12.84 -9.76
CA ILE C 121 24.74 -13.18 -11.05
C ILE C 121 25.19 -12.11 -12.03
N CYS C 122 26.19 -12.43 -12.84
CA CYS C 122 26.80 -11.45 -13.73
C CYS C 122 27.09 -12.04 -15.11
N PRO C 123 26.39 -11.58 -16.16
CA PRO C 123 25.29 -10.61 -16.05
C PRO C 123 23.99 -11.29 -15.64
N CYS C 124 22.99 -10.48 -15.25
CA CYS C 124 21.70 -11.00 -14.78
C CYS C 124 20.62 -10.55 -15.76
N SER C 125 20.04 -11.50 -16.49
CA SER C 125 18.97 -11.19 -17.42
C SER C 125 17.73 -10.72 -16.67
N THR C 126 16.82 -10.08 -17.42
CA THR C 126 15.55 -9.68 -16.83
C THR C 126 14.72 -10.88 -16.40
N GLY C 127 14.90 -12.02 -17.08
CA GLY C 127 14.18 -13.22 -16.69
C GLY C 127 14.68 -13.81 -15.38
N THR C 128 16.00 -13.82 -15.19
CA THR C 128 16.56 -14.30 -13.93
C THR C 128 16.27 -13.33 -12.80
N LEU C 129 16.34 -12.02 -13.07
CA LEU C 129 15.89 -11.02 -12.11
C LEU C 129 14.43 -11.26 -11.72
N SER C 130 13.60 -11.65 -12.69
CA SER C 130 12.20 -11.98 -12.40
C SER C 130 12.10 -13.18 -11.47
N ALA C 131 12.83 -14.25 -11.79
CA ALA C 131 12.69 -15.50 -11.04
C ALA C 131 13.21 -15.35 -9.62
N VAL C 132 14.30 -14.62 -9.43
CA VAL C 132 14.83 -14.41 -8.09
C VAL C 132 13.87 -13.56 -7.26
N ALA C 133 13.27 -12.55 -7.88
CA ALA C 133 12.34 -11.69 -7.15
C ALA C 133 11.10 -12.45 -6.72
N THR C 134 10.62 -13.37 -7.56
CA THR C 134 9.44 -14.16 -7.23
C THR C 134 9.75 -15.45 -6.50
N GLY C 135 11.00 -15.92 -6.56
CA GLY C 135 11.37 -17.16 -5.90
C GLY C 135 11.09 -18.41 -6.72
N ALA C 136 11.22 -18.33 -8.04
CA ALA C 136 10.78 -19.41 -8.91
C ALA C 136 11.59 -20.69 -8.68
N CYS C 137 12.91 -20.58 -8.52
CA CYS C 137 13.77 -21.73 -8.27
C CYS C 137 13.60 -22.81 -9.32
N ASN C 138 13.50 -22.40 -10.58
CA ASN C 138 13.29 -23.38 -11.65
C ASN C 138 14.58 -24.05 -12.10
N ASN C 139 15.73 -23.50 -11.76
CA ASN C 139 17.02 -24.11 -12.06
C ASN C 139 17.95 -23.90 -10.87
N LEU C 140 19.21 -24.32 -11.04
CA LEU C 140 20.16 -24.22 -9.93
C LEU C 140 20.53 -22.77 -9.65
N ILE C 141 20.60 -21.93 -10.68
CA ILE C 141 20.95 -20.52 -10.47
C ILE C 141 19.90 -19.84 -9.61
N GLU C 142 18.62 -20.01 -9.97
CA GLU C 142 17.55 -19.36 -9.22
C GLU C 142 17.39 -19.96 -7.83
N ARG C 143 17.62 -21.26 -7.68
CA ARG C 143 17.57 -21.87 -6.36
C ARG C 143 18.73 -21.39 -5.48
N ALA C 144 19.92 -21.24 -6.07
CA ALA C 144 21.07 -20.78 -5.30
C ALA C 144 20.87 -19.35 -4.84
N ALA C 145 20.28 -18.49 -5.67
CA ALA C 145 19.98 -17.12 -5.26
C ALA C 145 18.92 -17.11 -4.17
N ASP C 146 17.94 -18.02 -4.26
CA ASP C 146 16.93 -18.12 -3.21
C ASP C 146 17.55 -18.58 -1.90
N VAL C 147 18.53 -19.48 -1.96
CA VAL C 147 19.21 -19.94 -0.75
C VAL C 147 20.02 -18.80 -0.14
N ALA C 148 20.70 -18.02 -0.98
CA ALA C 148 21.51 -16.91 -0.48
C ALA C 148 20.65 -15.88 0.25
N LEU C 149 19.40 -15.69 -0.20
CA LEU C 149 18.53 -14.72 0.46
C LEU C 149 18.02 -15.25 1.79
N LYS C 150 17.66 -16.54 1.85
CA LYS C 150 17.14 -17.09 3.09
C LYS C 150 18.23 -17.23 4.14
N GLU C 151 19.49 -17.37 3.71
CA GLU C 151 20.63 -17.38 4.62
C GLU C 151 21.20 -16.00 4.85
N ARG C 152 20.63 -14.98 4.20
CA ARG C 152 21.08 -13.59 4.35
CA ARG C 152 21.08 -13.59 4.35
C ARG C 152 22.56 -13.44 4.04
N ARG C 153 22.97 -14.02 2.92
CA ARG C 153 24.33 -13.94 2.40
C ARG C 153 24.37 -12.97 1.23
N PRO C 154 25.54 -12.38 0.94
CA PRO C 154 25.62 -11.40 -0.15
C PRO C 154 25.13 -11.98 -1.47
N LEU C 155 24.26 -11.22 -2.15
CA LEU C 155 23.73 -11.58 -3.46
C LEU C 155 23.81 -10.35 -4.35
N VAL C 156 24.68 -10.40 -5.35
CA VAL C 156 24.93 -9.27 -6.24
C VAL C 156 24.34 -9.59 -7.60
N LEU C 157 23.46 -8.71 -8.08
CA LEU C 157 22.80 -8.87 -9.37
C LEU C 157 23.31 -7.80 -10.32
N VAL C 158 23.73 -8.21 -11.51
CA VAL C 158 24.28 -7.28 -12.50
C VAL C 158 23.39 -7.29 -13.74
N PRO C 159 22.31 -6.50 -13.77
CA PRO C 159 21.44 -6.48 -14.95
C PRO C 159 22.01 -5.64 -16.07
N ARG C 160 21.63 -5.99 -17.29
CA ARG C 160 21.97 -5.23 -18.49
C ARG C 160 20.69 -5.12 -19.32
N GLU C 161 20.04 -3.96 -19.26
CA GLU C 161 18.83 -3.74 -20.04
C GLU C 161 18.62 -2.24 -20.19
N ALA C 162 18.10 -1.85 -21.34
CA ALA C 162 17.78 -0.46 -21.61
C ALA C 162 16.66 -0.38 -22.65
N PRO C 163 15.52 0.25 -22.33
CA PRO C 163 15.25 0.89 -21.03
C PRO C 163 14.84 -0.10 -19.94
N PHE C 164 14.79 0.36 -18.69
CA PHE C 164 14.24 -0.40 -17.58
C PHE C 164 12.74 -0.16 -17.52
N SER C 165 11.95 -1.21 -17.71
CA SER C 165 10.51 -1.08 -17.55
C SER C 165 10.16 -1.04 -16.06
N SER C 166 8.89 -0.76 -15.78
CA SER C 166 8.43 -0.76 -14.39
C SER C 166 8.48 -2.16 -13.81
N ILE C 167 8.31 -3.20 -14.64
CA ILE C 167 8.44 -4.56 -14.16
C ILE C 167 9.88 -4.84 -13.72
N HIS C 168 10.85 -4.41 -14.53
CA HIS C 168 12.25 -4.56 -14.16
C HIS C 168 12.57 -3.82 -12.86
N LEU C 169 12.12 -2.56 -12.77
CA LEU C 169 12.43 -1.74 -11.61
C LEU C 169 11.74 -2.27 -10.36
N GLU C 170 10.53 -2.80 -10.50
CA GLU C 170 9.82 -3.35 -9.35
C GLU C 170 10.54 -4.59 -8.82
N ASN C 171 11.02 -5.45 -9.72
CA ASN C 171 11.75 -6.63 -9.28
C ASN C 171 13.09 -6.25 -8.66
N MET C 172 13.76 -5.24 -9.20
CA MET C 172 15.01 -4.77 -8.60
C MET C 172 14.77 -4.14 -7.23
N LEU C 173 13.71 -3.34 -7.10
CA LEU C 173 13.44 -2.67 -5.84
C LEU C 173 13.09 -3.69 -4.74
N LYS C 174 12.33 -4.73 -5.08
CA LYS C 174 11.97 -5.73 -4.09
C LYS C 174 13.20 -6.47 -3.58
N LEU C 175 14.08 -6.89 -4.50
CA LEU C 175 15.29 -7.57 -4.09
C LEU C 175 16.26 -6.62 -3.40
N SER C 176 16.30 -5.36 -3.84
CA SER C 176 17.10 -4.35 -3.14
C SER C 176 16.65 -4.19 -1.70
N ASN C 177 15.34 -4.14 -1.48
CA ASN C 177 14.82 -3.99 -0.12
C ASN C 177 15.11 -5.19 0.76
N LEU C 178 15.32 -6.36 0.16
CA LEU C 178 15.57 -7.58 0.93
C LEU C 178 17.04 -7.81 1.22
N GLY C 179 17.92 -6.92 0.79
CA GLY C 179 19.35 -7.03 1.05
C GLY C 179 20.21 -7.26 -0.18
N ALA C 180 19.65 -7.67 -1.30
CA ALA C 180 20.46 -7.90 -2.49
C ALA C 180 21.00 -6.57 -3.04
N VAL C 181 22.16 -6.65 -3.67
CA VAL C 181 22.82 -5.48 -4.24
C VAL C 181 22.54 -5.46 -5.73
N ILE C 182 21.80 -4.44 -6.16
CA ILE C 182 21.47 -4.26 -7.58
C ILE C 182 22.57 -3.39 -8.18
N LEU C 183 23.51 -4.03 -8.89
CA LEU C 183 24.66 -3.36 -9.49
C LEU C 183 24.55 -3.45 -11.01
N PRO C 184 23.90 -2.49 -11.66
CA PRO C 184 23.71 -2.59 -13.11
C PRO C 184 25.02 -2.43 -13.86
N ALA C 185 25.06 -3.01 -15.06
CA ALA C 185 26.22 -2.88 -15.92
C ALA C 185 26.29 -1.48 -16.52
N ALA C 186 26.50 -0.49 -15.66
CA ALA C 186 26.56 0.92 -16.06
C ALA C 186 27.92 1.48 -15.68
N PRO C 187 28.93 1.30 -16.53
CA PRO C 187 30.28 1.77 -16.17
C PRO C 187 30.39 3.28 -16.18
N GLY C 188 31.21 3.79 -15.27
CA GLY C 188 31.49 5.21 -15.22
C GLY C 188 32.64 5.61 -16.10
N PHE C 189 32.73 6.91 -16.38
CA PHE C 189 33.73 7.46 -17.28
C PHE C 189 34.70 8.40 -16.57
N TYR C 190 34.63 8.50 -15.24
CA TYR C 190 35.44 9.49 -14.53
C TYR C 190 36.87 9.03 -14.28
N HIS C 191 37.25 7.83 -14.72
CA HIS C 191 38.64 7.42 -14.75
C HIS C 191 39.23 7.50 -16.15
N GLN C 192 38.55 8.20 -17.06
CA GLN C 192 38.95 8.41 -18.45
C GLN C 192 39.32 7.10 -19.12
N PRO C 193 38.35 6.26 -19.44
CA PRO C 193 38.65 4.97 -20.08
C PRO C 193 39.11 5.17 -21.52
N GLN C 194 40.01 4.29 -21.95
CA GLN C 194 40.54 4.32 -23.30
C GLN C 194 40.12 3.14 -24.15
N SER C 195 39.53 2.10 -23.54
CA SER C 195 39.17 0.90 -24.27
C SER C 195 37.89 0.31 -23.68
N VAL C 196 37.31 -0.65 -24.40
CA VAL C 196 36.17 -1.38 -23.88
C VAL C 196 36.54 -2.14 -22.62
N GLU C 197 37.78 -2.63 -22.55
CA GLU C 197 38.22 -3.38 -21.38
C GLU C 197 38.27 -2.49 -20.13
N ASP C 198 38.55 -1.20 -20.29
CA ASP C 198 38.53 -0.30 -19.15
C ASP C 198 37.14 -0.16 -18.57
N LEU C 199 36.12 -0.13 -19.43
CA LEU C 199 34.74 -0.03 -18.96
C LEU C 199 34.29 -1.33 -18.30
N VAL C 200 34.72 -2.47 -18.85
CA VAL C 200 34.42 -3.76 -18.23
C VAL C 200 35.09 -3.84 -16.86
N ASP C 201 36.34 -3.39 -16.76
CA ASP C 201 37.05 -3.43 -15.50
C ASP C 201 36.42 -2.50 -14.46
N PHE C 202 35.77 -1.42 -14.91
CA PHE C 202 35.08 -0.53 -13.98
C PHE C 202 33.99 -1.30 -13.22
N VAL C 203 33.13 -2.01 -13.95
CA VAL C 203 32.03 -2.72 -13.32
C VAL C 203 32.55 -3.88 -12.48
N VAL C 204 33.55 -4.61 -12.99
CA VAL C 204 34.11 -5.73 -12.24
C VAL C 204 34.73 -5.26 -10.94
N ALA C 205 35.41 -4.11 -10.97
CA ALA C 205 36.00 -3.56 -9.75
C ALA C 205 34.92 -3.21 -8.74
N ARG C 206 33.78 -2.69 -9.21
CA ARG C 206 32.68 -2.38 -8.31
C ARG C 206 32.07 -3.65 -7.71
N ILE C 207 32.04 -4.74 -8.48
CA ILE C 207 31.53 -6.00 -7.95
C ILE C 207 32.46 -6.54 -6.87
N LEU C 208 33.77 -6.50 -7.12
CA LEU C 208 34.74 -6.98 -6.12
C LEU C 208 34.71 -6.12 -4.87
N ASN C 209 34.55 -4.81 -5.03
CA ASN C 209 34.45 -3.93 -3.87
C ASN C 209 33.18 -4.22 -3.08
N THR C 210 32.08 -4.52 -3.77
CA THR C 210 30.85 -4.89 -3.10
C THR C 210 31.03 -6.17 -2.29
N LEU C 211 31.79 -7.13 -2.84
CA LEU C 211 32.07 -8.39 -2.16
C LEU C 211 33.14 -8.27 -1.09
N GLY C 212 33.87 -7.17 -1.05
CA GLY C 212 34.97 -7.03 -0.11
C GLY C 212 36.24 -7.71 -0.56
N ILE C 213 36.47 -7.81 -1.86
CA ILE C 213 37.65 -8.49 -2.42
C ILE C 213 38.57 -7.43 -3.01
N PRO C 214 39.89 -7.51 -2.77
CA PRO C 214 40.80 -6.46 -3.22
C PRO C 214 40.83 -6.32 -4.74
N GLN C 215 41.43 -5.21 -5.18
CA GLN C 215 41.49 -4.80 -6.58
C GLN C 215 40.17 -4.99 -7.30
N MET D 22 -1.54 4.15 -45.30
CA MET D 22 -1.68 3.11 -44.29
C MET D 22 -1.77 3.71 -42.89
N SER D 23 -2.75 3.26 -42.11
CA SER D 23 -2.93 3.69 -40.74
C SER D 23 -2.78 2.51 -39.79
N GLY D 24 -2.10 2.73 -38.67
CA GLY D 24 -1.88 1.69 -37.70
C GLY D 24 -0.52 1.03 -37.84
N PRO D 25 -0.31 -0.02 -37.05
CA PRO D 25 0.99 -0.72 -37.07
C PRO D 25 1.24 -1.43 -38.40
N GLU D 26 2.43 -1.23 -38.96
CA GLU D 26 2.83 -1.98 -40.16
C GLU D 26 3.15 -3.43 -39.81
N ARG D 27 3.95 -3.64 -38.76
CA ARG D 27 4.35 -4.97 -38.34
C ARG D 27 3.79 -5.27 -36.96
N ILE D 28 3.21 -6.46 -36.80
CA ILE D 28 2.57 -6.86 -35.55
C ILE D 28 3.10 -8.24 -35.15
N THR D 29 3.49 -8.38 -33.89
CA THR D 29 3.81 -9.69 -33.32
C THR D 29 2.52 -10.31 -32.81
N LEU D 30 2.15 -11.46 -33.39
CA LEU D 30 0.96 -12.19 -32.98
C LEU D 30 1.41 -13.48 -32.31
N ALA D 31 1.14 -13.60 -31.01
CA ALA D 31 1.47 -14.77 -30.24
C ALA D 31 0.20 -15.47 -29.78
N MET D 32 0.14 -16.77 -29.98
CA MET D 32 -0.98 -17.59 -29.53
C MET D 32 -0.48 -18.49 -28.40
N THR D 33 -1.15 -18.44 -27.26
CA THR D 33 -0.80 -19.23 -26.10
C THR D 33 -1.94 -20.16 -25.72
N GLY D 34 -1.65 -21.08 -24.80
CA GLY D 34 -2.51 -22.23 -24.54
C GLY D 34 -3.84 -21.96 -23.86
N ALA D 35 -4.47 -20.83 -24.15
CA ALA D 35 -5.84 -20.62 -23.71
C ALA D 35 -6.80 -21.07 -24.80
N SER D 36 -8.03 -21.39 -24.39
CA SER D 36 -9.05 -21.82 -25.34
C SER D 36 -9.52 -20.63 -26.16
N GLY D 37 -9.78 -20.89 -27.44
CA GLY D 37 -10.17 -19.82 -28.35
C GLY D 37 -9.17 -19.61 -29.45
N ALA D 38 -8.70 -20.72 -30.05
CA ALA D 38 -7.76 -20.63 -31.16
C ALA D 38 -8.39 -19.94 -32.37
N GLN D 39 -9.71 -20.00 -32.49
CA GLN D 39 -10.39 -19.31 -33.59
C GLN D 39 -10.17 -17.81 -33.54
N TYR D 40 -10.02 -17.25 -32.34
CA TYR D 40 -9.74 -15.83 -32.22
C TYR D 40 -8.41 -15.48 -32.87
N GLY D 41 -7.36 -16.25 -32.57
CA GLY D 41 -6.05 -15.95 -33.11
C GLY D 41 -5.95 -16.20 -34.61
N LEU D 42 -6.57 -17.28 -35.08
CA LEU D 42 -6.56 -17.57 -36.51
C LEU D 42 -7.33 -16.52 -37.29
N ARG D 43 -8.51 -16.11 -36.80
CA ARG D 43 -9.27 -15.06 -37.46
C ARG D 43 -8.52 -13.73 -37.43
N LEU D 44 -7.84 -13.44 -36.32
CA LEU D 44 -7.06 -12.21 -36.24
C LEU D 44 -5.89 -12.23 -37.22
N LEU D 45 -5.20 -13.37 -37.31
CA LEU D 45 -4.11 -13.48 -38.29
C LEU D 45 -4.63 -13.30 -39.70
N ASP D 46 -5.81 -13.85 -40.00
CA ASP D 46 -6.39 -13.71 -41.33
C ASP D 46 -6.68 -12.25 -41.66
N CYS D 47 -7.29 -11.53 -40.72
CA CYS D 47 -7.65 -10.14 -40.96
C CYS D 47 -6.43 -9.25 -41.09
N LEU D 48 -5.40 -9.51 -40.27
CA LEU D 48 -4.16 -8.75 -40.38
C LEU D 48 -3.50 -8.97 -41.74
N VAL D 49 -3.64 -10.16 -42.31
CA VAL D 49 -3.06 -10.43 -43.62
C VAL D 49 -3.82 -9.69 -44.72
N GLN D 50 -5.15 -9.71 -44.66
CA GLN D 50 -5.94 -9.01 -45.67
C GLN D 50 -5.74 -7.51 -45.61
N GLU D 51 -5.43 -6.98 -44.43
CA GLU D 51 -5.07 -5.57 -44.29
C GLU D 51 -3.61 -5.29 -44.60
N GLU D 52 -2.90 -6.28 -45.14
CA GLU D 52 -1.54 -6.12 -45.67
C GLU D 52 -0.55 -5.68 -44.59
N ARG D 53 -0.61 -6.36 -43.45
CA ARG D 53 0.34 -6.16 -42.36
C ARG D 53 1.31 -7.33 -42.30
N GLU D 54 2.56 -7.03 -41.95
CA GLU D 54 3.55 -8.07 -41.72
C GLU D 54 3.38 -8.60 -40.29
N VAL D 55 3.25 -9.91 -40.16
CA VAL D 55 2.95 -10.55 -38.88
C VAL D 55 4.11 -11.45 -38.50
N HIS D 56 4.66 -11.22 -37.30
CA HIS D 56 5.65 -12.12 -36.71
C HIS D 56 4.89 -13.09 -35.81
N PHE D 57 4.64 -14.29 -36.32
CA PHE D 57 3.75 -15.25 -35.67
C PHE D 57 4.52 -16.12 -34.69
N LEU D 58 4.03 -16.19 -33.46
CA LEU D 58 4.59 -17.05 -32.42
C LEU D 58 3.46 -17.90 -31.85
N ILE D 59 3.81 -19.11 -31.39
CA ILE D 59 2.83 -20.01 -30.81
C ILE D 59 3.53 -20.92 -29.82
N SER D 60 2.88 -21.14 -28.67
CA SER D 60 3.44 -22.00 -27.64
C SER D 60 3.14 -23.46 -27.95
N LYS D 61 3.76 -24.36 -27.17
CA LYS D 61 3.47 -25.78 -27.31
C LYS D 61 2.07 -26.11 -26.85
N ALA D 62 1.62 -25.46 -25.76
CA ALA D 62 0.26 -25.68 -25.28
C ALA D 62 -0.77 -25.17 -26.28
N ALA D 63 -0.49 -24.05 -26.95
CA ALA D 63 -1.42 -23.53 -27.94
C ALA D 63 -1.51 -24.44 -29.17
N GLN D 64 -0.41 -25.12 -29.52
CA GLN D 64 -0.47 -26.09 -30.61
C GLN D 64 -1.41 -27.23 -30.26
N LEU D 65 -1.41 -27.65 -28.99
CA LEU D 65 -2.33 -28.70 -28.56
C LEU D 65 -3.77 -28.18 -28.50
N VAL D 66 -3.96 -26.90 -28.18
CA VAL D 66 -5.31 -26.33 -28.16
C VAL D 66 -5.88 -26.29 -29.57
N MET D 67 -5.08 -25.85 -30.54
CA MET D 67 -5.57 -25.73 -31.91
C MET D 67 -5.90 -27.10 -32.49
N ALA D 68 -5.11 -28.13 -32.15
CA ALA D 68 -5.42 -29.48 -32.61
C ALA D 68 -6.66 -30.03 -31.93
N THR D 69 -6.98 -29.54 -30.73
CA THR D 69 -8.14 -30.05 -30.00
C THR D 69 -9.42 -29.34 -30.43
N GLU D 70 -9.38 -28.03 -30.61
CA GLU D 70 -10.58 -27.24 -30.84
C GLU D 70 -10.92 -27.09 -32.31
N THR D 71 -9.93 -27.05 -33.19
CA THR D 71 -10.14 -26.83 -34.60
C THR D 71 -9.71 -28.06 -35.39
N ASP D 72 -10.03 -28.05 -36.69
CA ASP D 72 -9.55 -29.06 -37.62
C ASP D 72 -8.40 -28.54 -38.46
N VAL D 73 -7.71 -27.51 -38.00
CA VAL D 73 -6.54 -26.97 -38.67
C VAL D 73 -5.33 -27.83 -38.32
N ALA D 74 -4.70 -28.41 -39.33
CA ALA D 74 -3.51 -29.25 -39.15
C ALA D 74 -2.29 -28.36 -39.23
N LEU D 75 -1.93 -27.75 -38.10
CA LEU D 75 -0.80 -26.82 -38.08
C LEU D 75 0.52 -27.59 -37.98
N PRO D 76 1.45 -27.41 -38.91
CA PRO D 76 2.76 -28.06 -38.77
C PRO D 76 3.48 -27.58 -37.51
N ALA D 77 4.40 -28.42 -37.03
CA ALA D 77 5.02 -28.16 -35.73
C ALA D 77 6.24 -27.26 -35.86
N LYS D 78 7.11 -27.50 -36.86
CA LYS D 78 8.33 -26.72 -36.99
C LYS D 78 8.06 -25.40 -37.71
N PRO D 79 8.87 -24.37 -37.47
CA PRO D 79 8.52 -23.02 -37.98
C PRO D 79 8.44 -22.91 -39.50
N GLN D 80 9.40 -23.50 -40.23
CA GLN D 80 9.43 -23.31 -41.68
C GLN D 80 8.18 -23.90 -42.34
N ALA D 81 7.81 -25.12 -41.96
CA ALA D 81 6.58 -25.70 -42.48
C ALA D 81 5.36 -24.96 -41.96
N MET D 82 5.41 -24.44 -40.74
CA MET D 82 4.31 -23.64 -40.22
C MET D 82 4.16 -22.33 -40.98
N GLN D 83 5.28 -21.73 -41.41
N GLN D 83 5.28 -21.75 -41.42
CA GLN D 83 5.20 -20.49 -42.16
CA GLN D 83 5.21 -20.49 -42.17
C GLN D 83 4.56 -20.71 -43.53
C GLN D 83 4.59 -20.68 -43.54
N ALA D 84 4.91 -21.79 -44.21
CA ALA D 84 4.34 -22.06 -45.52
C ALA D 84 2.86 -22.44 -45.42
N PHE D 85 2.47 -23.12 -44.33
CA PHE D 85 1.07 -23.47 -44.15
C PHE D 85 0.21 -22.24 -43.91
N LEU D 86 0.65 -21.36 -43.00
CA LEU D 86 -0.14 -20.17 -42.69
C LEU D 86 -0.18 -19.20 -43.85
N THR D 87 0.89 -19.13 -44.64
CA THR D 87 0.88 -18.29 -45.83
C THR D 87 -0.20 -18.75 -46.80
N GLU D 88 -0.33 -20.06 -46.99
CA GLU D 88 -1.37 -20.60 -47.86
C GLU D 88 -2.74 -20.54 -47.20
N TYR D 89 -2.78 -20.68 -45.87
CA TYR D 89 -4.06 -20.66 -45.15
C TYR D 89 -4.72 -19.30 -45.26
N CYS D 90 -3.96 -18.23 -45.13
CA CYS D 90 -4.49 -16.87 -45.17
C CYS D 90 -4.37 -16.21 -46.53
N GLY D 91 -3.73 -16.87 -47.50
CA GLY D 91 -3.47 -16.23 -48.78
C GLY D 91 -2.53 -15.05 -48.68
N ALA D 92 -1.49 -15.17 -47.86
CA ALA D 92 -0.57 -14.07 -47.64
C ALA D 92 0.47 -13.98 -48.75
N ALA D 93 1.08 -12.81 -48.87
CA ALA D 93 2.18 -12.63 -49.80
C ALA D 93 3.46 -13.22 -49.23
N ALA D 94 4.48 -13.33 -50.09
CA ALA D 94 5.75 -13.90 -49.67
C ALA D 94 6.40 -13.03 -48.60
N GLY D 95 6.81 -13.65 -47.51
CA GLY D 95 7.44 -12.94 -46.41
C GLY D 95 6.50 -12.13 -45.55
N GLN D 96 5.20 -12.14 -45.83
CA GLN D 96 4.25 -11.38 -45.01
C GLN D 96 4.08 -12.00 -43.64
N ILE D 97 4.15 -13.33 -43.54
CA ILE D 97 4.06 -14.04 -42.28
C ILE D 97 5.43 -14.63 -41.97
N ARG D 98 5.93 -14.36 -40.77
CA ARG D 98 7.22 -14.87 -40.32
CA ARG D 98 7.22 -14.87 -40.32
C ARG D 98 7.03 -15.60 -39.01
N VAL D 99 7.40 -16.88 -38.98
CA VAL D 99 7.24 -17.72 -37.80
C VAL D 99 8.62 -17.94 -37.18
N PHE D 100 8.70 -17.80 -35.85
CA PHE D 100 9.93 -17.97 -35.11
C PHE D 100 9.72 -18.94 -33.96
N GLY D 101 10.75 -19.74 -33.67
CA GLY D 101 10.66 -20.70 -32.59
C GLY D 101 10.63 -20.05 -31.23
N GLN D 102 10.26 -20.86 -30.23
CA GLN D 102 10.09 -20.35 -28.87
C GLN D 102 11.41 -20.05 -28.17
N ASN D 103 12.54 -20.44 -28.75
CA ASN D 103 13.85 -20.12 -28.18
C ASN D 103 14.72 -19.34 -29.16
N ASP D 104 14.11 -18.76 -30.19
CA ASP D 104 14.84 -17.99 -31.20
C ASP D 104 15.03 -16.57 -30.67
N TRP D 105 16.08 -16.38 -29.88
CA TRP D 105 16.37 -15.06 -29.32
C TRP D 105 16.92 -14.09 -30.36
N MET D 106 17.32 -14.58 -31.53
CA MET D 106 17.74 -13.71 -32.63
C MET D 106 16.55 -13.19 -33.43
N ALA D 107 15.33 -13.61 -33.10
CA ALA D 107 14.16 -13.12 -33.81
C ALA D 107 13.95 -11.65 -33.52
N PRO D 108 13.35 -10.92 -34.46
CA PRO D 108 13.14 -9.47 -34.27
C PRO D 108 12.39 -9.13 -33.00
N PRO D 109 11.30 -9.83 -32.65
CA PRO D 109 10.53 -9.42 -31.45
C PRO D 109 11.31 -9.52 -30.14
N ALA D 110 12.50 -10.11 -30.14
CA ALA D 110 13.24 -10.31 -28.91
C ALA D 110 14.06 -9.08 -28.51
N SER D 111 14.30 -8.14 -29.42
CA SER D 111 15.08 -6.94 -29.14
C SER D 111 14.27 -5.72 -29.52
N GLY D 112 14.44 -4.64 -28.74
CA GLY D 112 13.65 -3.44 -28.94
C GLY D 112 13.91 -2.78 -30.29
N SER D 113 15.17 -2.79 -30.73
CA SER D 113 15.52 -2.11 -31.98
C SER D 113 14.84 -2.77 -33.17
N SER D 114 14.63 -4.08 -33.13
CA SER D 114 14.13 -4.83 -34.28
C SER D 114 12.71 -5.33 -34.14
N ALA D 115 12.09 -5.18 -32.96
CA ALA D 115 10.77 -5.76 -32.74
C ALA D 115 9.71 -5.00 -33.53
N PRO D 116 8.64 -5.68 -33.93
CA PRO D 116 7.49 -4.97 -34.50
C PRO D 116 6.93 -3.99 -33.49
N ASN D 117 6.27 -2.95 -34.00
CA ASN D 117 5.84 -1.83 -33.16
C ASN D 117 4.55 -2.12 -32.40
N ALA D 118 4.01 -3.33 -32.49
CA ALA D 118 2.83 -3.71 -31.72
C ALA D 118 2.83 -5.22 -31.53
N MET D 119 2.23 -5.67 -30.43
CA MET D 119 2.16 -7.08 -30.11
C MET D 119 0.79 -7.43 -29.55
N VAL D 120 0.26 -8.58 -29.98
CA VAL D 120 -1.00 -9.11 -29.49
C VAL D 120 -0.79 -10.56 -29.07
N ILE D 121 -1.26 -10.90 -27.87
CA ILE D 121 -1.25 -12.27 -27.39
C ILE D 121 -2.71 -12.74 -27.40
N CYS D 122 -3.07 -13.53 -28.40
CA CYS D 122 -4.45 -13.95 -28.61
C CYS D 122 -4.54 -15.39 -29.08
N PRO D 123 -5.08 -16.31 -28.26
CA PRO D 123 -5.51 -16.03 -26.89
C PRO D 123 -4.35 -16.01 -25.90
N CYS D 124 -4.58 -15.48 -24.69
CA CYS D 124 -3.54 -15.35 -23.69
C CYS D 124 -3.90 -16.23 -22.50
N SER D 125 -3.13 -17.29 -22.29
CA SER D 125 -3.36 -18.17 -21.16
C SER D 125 -3.06 -17.45 -19.85
N THR D 126 -3.59 -18.01 -18.75
CA THR D 126 -3.27 -17.47 -17.44
C THR D 126 -1.80 -17.62 -17.11
N GLY D 127 -1.15 -18.64 -17.67
CA GLY D 127 0.28 -18.81 -17.44
C GLY D 127 1.12 -17.76 -18.13
N THR D 128 0.76 -17.41 -19.37
CA THR D 128 1.45 -16.34 -20.07
C THR D 128 1.13 -14.99 -19.46
N LEU D 129 -0.12 -14.79 -19.06
CA LEU D 129 -0.50 -13.57 -18.34
C LEU D 129 0.35 -13.39 -17.09
N SER D 130 0.58 -14.48 -16.36
CA SER D 130 1.43 -14.40 -15.17
C SER D 130 2.89 -14.10 -15.53
N ALA D 131 3.40 -14.77 -16.57
CA ALA D 131 4.80 -14.59 -16.93
C ALA D 131 5.07 -13.16 -17.42
N VAL D 132 4.14 -12.59 -18.19
CA VAL D 132 4.30 -11.22 -18.63
C VAL D 132 4.19 -10.26 -17.46
N ALA D 133 3.28 -10.54 -16.52
CA ALA D 133 3.11 -9.67 -15.36
C ALA D 133 4.34 -9.70 -14.45
N THR D 134 5.02 -10.84 -14.36
CA THR D 134 6.21 -10.94 -13.53
C THR D 134 7.50 -10.72 -14.31
N GLY D 135 7.47 -10.81 -15.64
CA GLY D 135 8.66 -10.63 -16.45
C GLY D 135 9.51 -11.86 -16.58
N ALA D 136 8.90 -13.04 -16.62
CA ALA D 136 9.66 -14.30 -16.56
C ALA D 136 10.60 -14.45 -17.74
N CYS D 137 10.17 -14.05 -18.94
CA CYS D 137 11.00 -14.10 -20.14
C CYS D 137 11.56 -15.51 -20.38
N ASN D 138 10.71 -16.51 -20.22
CA ASN D 138 11.16 -17.90 -20.35
C ASN D 138 11.12 -18.40 -21.79
N ASN D 139 10.38 -17.74 -22.67
CA ASN D 139 10.35 -18.09 -24.09
C ASN D 139 10.29 -16.80 -24.91
N LEU D 140 10.24 -16.96 -26.23
CA LEU D 140 10.23 -15.80 -27.10
C LEU D 140 8.96 -14.98 -26.94
N ILE D 141 7.82 -15.63 -26.67
CA ILE D 141 6.57 -14.91 -26.49
C ILE D 141 6.66 -13.98 -25.28
N GLU D 142 7.13 -14.50 -24.15
CA GLU D 142 7.21 -13.71 -22.93
C GLU D 142 8.30 -12.64 -23.03
N ARG D 143 9.41 -12.94 -23.71
CA ARG D 143 10.45 -11.94 -23.91
C ARG D 143 9.97 -10.83 -24.83
N ALA D 144 9.20 -11.18 -25.87
CA ALA D 144 8.68 -10.17 -26.79
C ALA D 144 7.71 -9.23 -26.08
N ALA D 145 6.87 -9.77 -25.19
CA ALA D 145 5.97 -8.93 -24.42
C ALA D 145 6.75 -8.04 -23.46
N ASP D 146 7.82 -8.57 -22.86
CA ASP D 146 8.67 -7.76 -21.99
C ASP D 146 9.33 -6.63 -22.77
N VAL D 147 9.72 -6.90 -24.02
CA VAL D 147 10.33 -5.86 -24.85
C VAL D 147 9.30 -4.79 -25.20
N ALA D 148 8.07 -5.21 -25.55
CA ALA D 148 7.04 -4.25 -25.90
C ALA D 148 6.71 -3.31 -24.75
N LEU D 149 6.78 -3.81 -23.51
CA LEU D 149 6.48 -2.97 -22.36
C LEU D 149 7.62 -1.99 -22.08
N LYS D 150 8.86 -2.44 -22.22
CA LYS D 150 10.00 -1.55 -21.95
C LYS D 150 10.14 -0.50 -23.06
N GLU D 151 9.69 -0.81 -24.27
CA GLU D 151 9.66 0.16 -25.35
C GLU D 151 8.36 0.94 -25.41
N ARG D 152 7.42 0.63 -24.50
CA ARG D 152 6.13 1.33 -24.44
CA ARG D 152 6.13 1.33 -24.44
C ARG D 152 5.38 1.25 -25.77
N ARG D 153 5.37 0.07 -26.35
CA ARG D 153 4.63 -0.21 -27.56
C ARG D 153 3.34 -0.94 -27.23
N PRO D 154 2.31 -0.83 -28.07
CA PRO D 154 1.01 -1.44 -27.76
C PRO D 154 1.15 -2.95 -27.52
N LEU D 155 0.59 -3.39 -26.39
CA LEU D 155 0.58 -4.80 -26.00
C LEU D 155 -0.84 -5.19 -25.62
N VAL D 156 -1.49 -5.98 -26.46
CA VAL D 156 -2.88 -6.40 -26.26
C VAL D 156 -2.89 -7.85 -25.79
N LEU D 157 -3.54 -8.10 -24.66
CA LEU D 157 -3.66 -9.43 -24.10
CA LEU D 157 -3.66 -9.43 -24.10
C LEU D 157 -5.12 -9.86 -24.16
N VAL D 158 -5.36 -11.05 -24.70
CA VAL D 158 -6.72 -11.56 -24.85
C VAL D 158 -6.87 -12.84 -24.02
N PRO D 159 -7.16 -12.73 -22.72
CA PRO D 159 -7.33 -13.92 -21.91
C PRO D 159 -8.69 -14.58 -22.11
N ARG D 160 -8.72 -15.89 -21.92
CA ARG D 160 -9.95 -16.68 -21.93
C ARG D 160 -9.91 -17.56 -20.69
N GLU D 161 -10.69 -17.19 -19.67
CA GLU D 161 -10.73 -17.94 -18.43
C GLU D 161 -11.99 -17.57 -17.67
N ALA D 162 -12.56 -18.55 -16.98
CA ALA D 162 -13.74 -18.34 -16.16
C ALA D 162 -13.80 -19.40 -15.07
N PRO D 163 -13.88 -19.02 -13.79
CA PRO D 163 -13.89 -17.62 -13.33
C PRO D 163 -12.50 -16.99 -13.31
N PHE D 164 -12.45 -15.68 -13.10
CA PHE D 164 -11.20 -14.96 -12.91
C PHE D 164 -10.85 -14.98 -11.43
N SER D 165 -9.78 -15.68 -11.07
CA SER D 165 -9.30 -15.64 -9.71
C SER D 165 -8.61 -14.30 -9.43
N SER D 166 -8.41 -14.00 -8.15
CA SER D 166 -7.74 -12.76 -7.79
C SER D 166 -6.29 -12.74 -8.29
N ILE D 167 -5.69 -13.92 -8.46
CA ILE D 167 -4.36 -13.97 -9.06
C ILE D 167 -4.41 -13.53 -10.52
N HIS D 168 -5.44 -13.96 -11.25
CA HIS D 168 -5.62 -13.53 -12.62
C HIS D 168 -5.88 -12.02 -12.68
N LEU D 169 -6.79 -11.54 -11.83
CA LEU D 169 -7.15 -10.12 -11.87
C LEU D 169 -6.00 -9.23 -11.44
N GLU D 170 -5.20 -9.67 -10.46
CA GLU D 170 -4.05 -8.88 -10.03
C GLU D 170 -3.00 -8.78 -11.14
N ASN D 171 -2.77 -9.88 -11.87
CA ASN D 171 -1.83 -9.84 -12.99
C ASN D 171 -2.36 -8.96 -14.11
N MET D 172 -3.68 -9.00 -14.35
CA MET D 172 -4.26 -8.15 -15.37
C MET D 172 -4.22 -6.68 -14.97
N LEU D 173 -4.53 -6.39 -13.70
CA LEU D 173 -4.52 -5.01 -13.23
C LEU D 173 -3.13 -4.39 -13.30
N LYS D 174 -2.11 -5.16 -12.90
CA LYS D 174 -0.75 -4.66 -12.93
C LYS D 174 -0.31 -4.32 -14.35
N LEU D 175 -0.60 -5.19 -15.31
CA LEU D 175 -0.27 -4.92 -16.70
C LEU D 175 -1.15 -3.82 -17.27
N SER D 176 -2.42 -3.76 -16.87
CA SER D 176 -3.26 -2.65 -17.30
C SER D 176 -2.72 -1.32 -16.78
N ASN D 177 -2.19 -1.29 -15.56
CA ASN D 177 -1.65 -0.05 -15.02
C ASN D 177 -0.38 0.39 -15.72
N LEU D 178 0.30 -0.53 -16.42
CA LEU D 178 1.54 -0.23 -17.11
C LEU D 178 1.34 0.14 -18.58
N GLY D 179 0.11 0.09 -19.07
CA GLY D 179 -0.22 0.48 -20.42
C GLY D 179 -0.75 -0.63 -21.30
N ALA D 180 -0.61 -1.88 -20.88
CA ALA D 180 -1.13 -2.99 -21.66
C ALA D 180 -2.65 -2.97 -21.68
N VAL D 181 -3.22 -3.42 -22.80
CA VAL D 181 -4.66 -3.45 -22.99
C VAL D 181 -5.13 -4.87 -22.69
N ILE D 182 -5.93 -5.01 -21.63
CA ILE D 182 -6.51 -6.30 -21.26
C ILE D 182 -7.86 -6.39 -21.97
N LEU D 183 -7.91 -7.18 -23.05
CA LEU D 183 -9.11 -7.35 -23.87
C LEU D 183 -9.56 -8.79 -23.76
N PRO D 184 -10.41 -9.11 -22.78
CA PRO D 184 -10.82 -10.50 -22.58
C PRO D 184 -11.68 -11.00 -23.74
N ALA D 185 -11.62 -12.31 -23.97
CA ALA D 185 -12.44 -12.93 -25.00
C ALA D 185 -13.91 -12.97 -24.55
N ALA D 186 -14.52 -11.80 -24.40
CA ALA D 186 -15.90 -11.67 -23.95
C ALA D 186 -16.69 -10.94 -25.04
N PRO D 187 -17.21 -11.66 -26.03
CA PRO D 187 -17.92 -10.98 -27.13
C PRO D 187 -19.25 -10.42 -26.68
N GLY D 188 -19.62 -9.29 -27.30
CA GLY D 188 -20.91 -8.69 -27.06
C GLY D 188 -21.99 -9.24 -27.97
N PHE D 189 -23.24 -8.98 -27.59
CA PHE D 189 -24.39 -9.52 -28.30
C PHE D 189 -25.27 -8.43 -28.90
N TYR D 190 -24.85 -7.16 -28.82
CA TYR D 190 -25.72 -6.07 -29.24
C TYR D 190 -25.74 -5.85 -30.76
N HIS D 191 -24.95 -6.61 -31.52
CA HIS D 191 -25.09 -6.65 -32.97
C HIS D 191 -25.88 -7.86 -33.44
N GLN D 192 -26.57 -8.53 -32.51
CA GLN D 192 -27.43 -9.69 -32.76
C GLN D 192 -26.68 -10.75 -33.56
N PRO D 193 -25.73 -11.45 -32.96
CA PRO D 193 -24.98 -12.47 -33.70
C PRO D 193 -25.85 -13.69 -34.01
N GLN D 194 -25.56 -14.30 -35.16
CA GLN D 194 -26.29 -15.47 -35.61
C GLN D 194 -25.44 -16.74 -35.62
N SER D 195 -24.12 -16.63 -35.45
CA SER D 195 -23.25 -17.78 -35.50
C SER D 195 -22.08 -17.58 -34.56
N VAL D 196 -21.29 -18.64 -34.39
CA VAL D 196 -20.08 -18.55 -33.56
C VAL D 196 -19.08 -17.60 -34.22
N GLU D 197 -19.02 -17.60 -35.55
CA GLU D 197 -18.10 -16.72 -36.26
C GLU D 197 -18.43 -15.25 -36.02
N ASP D 198 -19.72 -14.92 -35.84
CA ASP D 198 -20.09 -13.55 -35.51
C ASP D 198 -19.52 -13.13 -34.16
N LEU D 199 -19.52 -14.04 -33.19
CA LEU D 199 -18.95 -13.74 -31.88
C LEU D 199 -17.43 -13.68 -31.95
N VAL D 200 -16.82 -14.53 -32.79
CA VAL D 200 -15.38 -14.46 -32.98
C VAL D 200 -15.00 -13.13 -33.64
N ASP D 201 -15.77 -12.71 -34.64
CA ASP D 201 -15.48 -11.46 -35.33
C ASP D 201 -15.64 -10.25 -34.42
N PHE D 202 -16.51 -10.35 -33.41
CA PHE D 202 -16.68 -9.24 -32.47
C PHE D 202 -15.37 -8.96 -31.73
N VAL D 203 -14.77 -10.00 -31.15
CA VAL D 203 -13.53 -9.82 -30.41
C VAL D 203 -12.40 -9.38 -31.34
N VAL D 204 -12.31 -9.98 -32.53
CA VAL D 204 -11.27 -9.60 -33.48
C VAL D 204 -11.43 -8.15 -33.90
N ALA D 205 -12.69 -7.70 -34.06
CA ALA D 205 -12.92 -6.31 -34.43
C ALA D 205 -12.44 -5.36 -33.34
N ARG D 206 -12.62 -5.73 -32.07
CA ARG D 206 -12.14 -4.88 -30.98
CA ARG D 206 -12.14 -4.88 -30.98
C ARG D 206 -10.63 -4.85 -30.93
N ILE D 207 -9.97 -5.97 -31.24
CA ILE D 207 -8.51 -6.01 -31.26
C ILE D 207 -7.97 -5.09 -32.35
N LEU D 208 -8.55 -5.18 -33.55
CA LEU D 208 -8.11 -4.31 -34.63
C LEU D 208 -8.40 -2.84 -34.32
N ASN D 209 -9.53 -2.57 -33.67
CA ASN D 209 -9.84 -1.19 -33.28
C ASN D 209 -8.87 -0.69 -32.23
N THR D 210 -8.48 -1.56 -31.28
CA THR D 210 -7.50 -1.17 -30.27
C THR D 210 -6.16 -0.85 -30.93
N LEU D 211 -5.77 -1.61 -31.94
CA LEU D 211 -4.51 -1.38 -32.63
C LEU D 211 -4.57 -0.20 -33.61
N GLY D 212 -5.76 0.27 -33.95
CA GLY D 212 -5.89 1.32 -34.94
C GLY D 212 -5.92 0.83 -36.37
N ILE D 213 -6.39 -0.40 -36.58
CA ILE D 213 -6.41 -1.01 -37.92
C ILE D 213 -7.87 -1.12 -38.38
N PRO D 214 -8.16 -0.80 -39.63
CA PRO D 214 -9.55 -0.94 -40.12
C PRO D 214 -10.05 -2.37 -40.01
N GLN D 215 -11.38 -2.49 -40.01
CA GLN D 215 -12.08 -3.77 -39.86
C GLN D 215 -12.97 -3.95 -41.09
N ASP D 216 -12.38 -4.45 -42.17
CA ASP D 216 -13.01 -4.52 -43.49
C ASP D 216 -13.30 -3.12 -44.03
N SER E 23 39.29 -2.38 16.24
CA SER E 23 37.89 -2.77 16.13
C SER E 23 37.02 -1.56 15.77
N GLY E 24 36.10 -1.76 14.84
CA GLY E 24 35.28 -0.68 14.33
C GLY E 24 35.90 -0.07 13.09
N PRO E 25 35.18 0.84 12.45
CA PRO E 25 35.73 1.49 11.24
C PRO E 25 36.89 2.42 11.59
N GLU E 26 37.93 2.37 10.76
CA GLU E 26 39.10 3.22 10.98
C GLU E 26 38.89 4.63 10.41
N ARG E 27 38.05 4.77 9.40
CA ARG E 27 37.73 6.07 8.82
C ARG E 27 36.23 6.28 8.90
N ILE E 28 35.84 7.45 9.41
CA ILE E 28 34.43 7.79 9.61
C ILE E 28 34.17 9.15 8.99
N THR E 29 33.08 9.24 8.23
CA THR E 29 32.58 10.52 7.74
C THR E 29 31.63 11.09 8.80
N LEU E 30 32.02 12.22 9.39
CA LEU E 30 31.22 12.90 10.40
C LEU E 30 30.64 14.17 9.78
N ALA E 31 29.32 14.20 9.62
CA ALA E 31 28.63 15.34 9.07
C ALA E 31 27.78 15.99 10.15
N MET E 32 27.81 17.32 10.21
CA MET E 32 27.00 18.09 11.14
C MET E 32 26.09 19.00 10.34
N THR E 33 24.78 18.90 10.59
CA THR E 33 23.79 19.71 9.92
C THR E 33 23.02 20.55 10.94
N GLY E 34 22.23 21.49 10.42
CA GLY E 34 21.69 22.56 11.22
C GLY E 34 20.62 22.23 12.25
N ALA E 35 20.74 21.08 12.91
CA ALA E 35 19.86 20.79 14.03
C ALA E 35 20.51 21.21 15.33
N SER E 36 19.67 21.47 16.34
CA SER E 36 20.18 21.85 17.65
C SER E 36 20.92 20.67 18.29
N GLY E 37 21.99 20.98 19.01
CA GLY E 37 22.79 19.95 19.63
C GLY E 37 24.17 19.83 19.02
N ALA E 38 24.81 20.97 18.78
CA ALA E 38 26.17 20.96 18.22
C ALA E 38 27.15 20.30 19.17
N GLN E 39 26.87 20.33 20.47
CA GLN E 39 27.76 19.68 21.44
C GLN E 39 27.85 18.17 21.19
N TYR E 40 26.79 17.57 20.65
CA TYR E 40 26.83 16.15 20.32
C TYR E 40 27.90 15.86 19.28
N GLY E 41 27.93 16.66 18.21
CA GLY E 41 28.90 16.42 17.16
C GLY E 41 30.32 16.73 17.58
N LEU E 42 30.51 17.81 18.34
CA LEU E 42 31.84 18.17 18.81
C LEU E 42 32.37 17.12 19.79
N ARG E 43 31.52 16.64 20.69
CA ARG E 43 31.93 15.60 21.62
C ARG E 43 32.21 14.29 20.89
N LEU E 44 31.42 13.98 19.85
CA LEU E 44 31.68 12.78 19.06
C LEU E 44 32.97 12.91 18.28
N LEU E 45 33.21 14.07 17.66
CA LEU E 45 34.46 14.29 16.94
C LEU E 45 35.66 14.14 17.87
N ASP E 46 35.54 14.61 19.11
CA ASP E 46 36.64 14.48 20.06
C ASP E 46 36.90 13.02 20.39
N CYS E 47 35.85 12.25 20.65
CA CYS E 47 36.03 10.84 21.01
C CYS E 47 36.61 10.04 19.85
N LEU E 48 36.17 10.32 18.62
CA LEU E 48 36.74 9.64 17.46
C LEU E 48 38.23 9.95 17.33
N VAL E 49 38.63 11.17 17.65
CA VAL E 49 40.04 11.54 17.56
C VAL E 49 40.85 10.80 18.63
N GLN E 50 40.33 10.71 19.85
CA GLN E 50 41.04 9.99 20.90
C GLN E 50 41.06 8.49 20.65
N GLU E 51 40.11 7.96 19.89
CA GLU E 51 40.16 6.57 19.46
C GLU E 51 41.01 6.38 18.21
N GLU E 52 41.76 7.41 17.81
CA GLU E 52 42.73 7.32 16.72
C GLU E 52 42.07 6.94 15.40
N ARG E 53 40.92 7.53 15.12
CA ARG E 53 40.20 7.30 13.88
C ARG E 53 40.40 8.49 12.94
N GLU E 54 40.50 8.20 11.64
CA GLU E 54 40.52 9.26 10.64
C GLU E 54 39.10 9.75 10.39
N VAL E 55 38.91 11.06 10.45
CA VAL E 55 37.57 11.65 10.39
C VAL E 55 37.51 12.58 9.18
N HIS E 56 36.56 12.32 8.29
CA HIS E 56 36.26 13.21 7.16
C HIS E 56 35.11 14.11 7.61
N PHE E 57 35.45 15.32 8.04
CA PHE E 57 34.50 16.22 8.69
C PHE E 57 33.79 17.07 7.66
N LEU E 58 32.46 17.06 7.70
CA LEU E 58 31.63 17.90 6.86
C LEU E 58 30.66 18.68 7.74
N ILE E 59 30.33 19.89 7.32
CA ILE E 59 29.43 20.73 8.09
C ILE E 59 28.66 21.63 7.14
N SER E 60 27.38 21.84 7.45
CA SER E 60 26.52 22.67 6.64
C SER E 60 26.66 24.14 7.03
N LYS E 61 26.07 25.01 6.20
CA LYS E 61 26.04 26.43 6.54
C LYS E 61 25.21 26.68 7.79
N ALA E 62 24.05 26.02 7.91
CA ALA E 62 23.20 26.21 9.08
C ALA E 62 23.85 25.64 10.33
N ALA E 63 24.56 24.52 10.20
CA ALA E 63 25.22 23.93 11.37
C ALA E 63 26.33 24.83 11.90
N GLN E 64 27.00 25.58 11.03
CA GLN E 64 27.97 26.57 11.50
C GLN E 64 27.29 27.64 12.33
N LEU E 65 26.09 28.06 11.92
CA LEU E 65 25.34 29.05 12.69
C LEU E 65 24.86 28.46 14.01
N VAL E 66 24.46 27.18 14.00
CA VAL E 66 24.01 26.53 15.24
C VAL E 66 25.16 26.41 16.23
N MET E 67 26.33 25.99 15.74
CA MET E 67 27.49 25.81 16.63
C MET E 67 27.92 27.13 17.26
N ALA E 68 27.94 28.21 16.47
CA ALA E 68 28.28 29.52 17.01
C ALA E 68 27.22 30.05 17.96
N THR E 69 25.98 29.59 17.84
CA THR E 69 24.90 30.06 18.70
C THR E 69 24.88 29.30 20.04
N GLU E 70 25.13 27.99 19.99
CA GLU E 70 24.98 27.14 21.17
C GLU E 70 26.28 26.89 21.91
N THR E 71 27.43 26.99 21.26
CA THR E 71 28.72 26.72 21.86
C THR E 71 29.61 27.97 21.77
N ASP E 72 30.80 27.87 22.35
CA ASP E 72 31.81 28.92 22.26
C ASP E 72 32.67 28.79 21.01
N VAL E 73 32.37 27.83 20.14
CA VAL E 73 33.21 27.53 18.98
C VAL E 73 32.58 28.18 17.75
N ALA E 74 33.31 29.11 17.14
CA ALA E 74 32.95 29.71 15.85
C ALA E 74 34.00 29.24 14.85
N LEU E 75 33.61 28.27 14.01
CA LEU E 75 34.57 27.65 13.11
C LEU E 75 34.98 28.60 12.01
N PRO E 76 36.25 28.59 11.59
CA PRO E 76 36.63 29.28 10.36
C PRO E 76 35.89 28.69 9.17
N ALA E 77 35.49 29.57 8.24
CA ALA E 77 34.58 29.15 7.17
C ALA E 77 35.26 28.22 6.17
N LYS E 78 36.45 28.60 5.70
CA LYS E 78 37.10 27.82 4.66
C LYS E 78 37.61 26.48 5.21
N PRO E 79 37.65 25.44 4.37
CA PRO E 79 38.01 24.10 4.89
C PRO E 79 39.40 24.00 5.46
N GLN E 80 40.39 24.65 4.83
CA GLN E 80 41.77 24.53 5.31
C GLN E 80 41.91 25.12 6.71
N ALA E 81 41.38 26.33 6.92
CA ALA E 81 41.44 26.93 8.25
C ALA E 81 40.57 26.18 9.25
N MET E 82 39.45 25.61 8.79
CA MET E 82 38.62 24.79 9.67
C MET E 82 39.33 23.50 10.07
N GLN E 83 40.11 22.94 9.14
CA GLN E 83 40.86 21.72 9.45
CA GLN E 83 40.86 21.72 9.45
C GLN E 83 41.91 21.98 10.52
N ALA E 84 42.60 23.12 10.44
CA ALA E 84 43.61 23.44 11.44
C ALA E 84 43.00 23.77 12.79
N PHE E 85 41.83 24.42 12.79
CA PHE E 85 41.15 24.73 14.04
C PHE E 85 40.73 23.46 14.77
N LEU E 86 40.05 22.55 14.05
CA LEU E 86 39.58 21.32 14.68
C LEU E 86 40.74 20.42 15.10
N THR E 87 41.85 20.44 14.36
CA THR E 87 43.02 19.68 14.76
C THR E 87 43.56 20.18 16.10
N GLU E 88 43.60 21.50 16.28
CA GLU E 88 44.02 22.06 17.56
C GLU E 88 42.97 21.89 18.64
N TYR E 89 41.69 21.92 18.26
CA TYR E 89 40.62 21.83 19.24
C TYR E 89 40.57 20.45 19.89
N CYS E 90 40.75 19.39 19.10
CA CYS E 90 40.70 18.03 19.61
C CYS E 90 42.07 17.42 19.87
N GLY E 91 43.14 18.14 19.58
CA GLY E 91 44.47 17.57 19.72
C GLY E 91 44.72 16.40 18.79
N ALA E 92 44.30 16.53 17.53
CA ALA E 92 44.42 15.44 16.58
C ALA E 92 45.81 15.42 15.96
N ALA E 93 46.20 14.25 15.45
CA ALA E 93 47.45 14.11 14.74
C ALA E 93 47.34 14.76 13.36
N ALA E 94 48.50 14.92 12.72
CA ALA E 94 48.54 15.53 11.39
C ALA E 94 47.81 14.65 10.38
N GLY E 95 46.85 15.25 9.68
CA GLY E 95 46.07 14.53 8.69
C GLY E 95 44.98 13.63 9.24
N GLN E 96 44.82 13.58 10.57
CA GLN E 96 43.78 12.74 11.15
C GLN E 96 42.39 13.27 10.83
N ILE E 97 42.21 14.59 10.87
CA ILE E 97 40.96 15.24 10.53
C ILE E 97 41.11 15.86 9.14
N ARG E 98 40.15 15.56 8.25
CA ARG E 98 40.13 16.12 6.91
C ARG E 98 38.77 16.77 6.68
N VAL E 99 38.76 18.06 6.37
CA VAL E 99 37.55 18.82 6.14
C VAL E 99 37.38 19.05 4.65
N PHE E 100 36.16 18.87 4.15
CA PHE E 100 35.85 19.03 2.74
C PHE E 100 34.67 19.97 2.59
N GLY E 101 34.73 20.84 1.58
CA GLY E 101 33.65 21.76 1.32
C GLY E 101 32.37 21.07 0.88
N GLN E 102 31.27 21.81 0.96
CA GLN E 102 29.95 21.25 0.68
C GLN E 102 29.72 20.96 -0.79
N ASN E 103 30.57 21.46 -1.70
CA ASN E 103 30.44 21.18 -3.12
C ASN E 103 31.68 20.47 -3.67
N ASP E 104 32.50 19.90 -2.80
CA ASP E 104 33.71 19.19 -3.21
C ASP E 104 33.33 17.76 -3.58
N TRP E 105 32.93 17.58 -4.85
CA TRP E 105 32.54 16.25 -5.32
C TRP E 105 33.73 15.33 -5.52
N MET E 106 34.96 15.86 -5.51
CA MET E 106 36.16 15.04 -5.56
C MET E 106 36.55 14.49 -4.20
N ALA E 107 35.85 14.88 -3.13
CA ALA E 107 36.15 14.37 -1.81
C ALA E 107 35.88 12.87 -1.74
N PRO E 108 36.62 12.16 -0.90
CA PRO E 108 36.44 10.70 -0.79
C PRO E 108 35.01 10.27 -0.51
N PRO E 109 34.29 10.91 0.43
CA PRO E 109 32.94 10.41 0.76
C PRO E 109 31.94 10.47 -0.39
N ALA E 110 32.27 11.14 -1.50
CA ALA E 110 31.31 11.30 -2.59
C ALA E 110 31.28 10.12 -3.55
N SER E 111 32.21 9.18 -3.45
CA SER E 111 32.26 8.03 -4.33
C SER E 111 32.41 6.76 -3.52
N GLY E 112 31.83 5.67 -4.03
CA GLY E 112 31.78 4.43 -3.27
C GLY E 112 33.15 3.83 -3.02
N SER E 113 34.03 3.88 -4.02
CA SER E 113 35.33 3.21 -3.89
C SER E 113 36.25 3.91 -2.91
N SER E 114 36.05 5.22 -2.70
CA SER E 114 36.97 6.01 -1.87
C SER E 114 36.37 6.48 -0.56
N ALA E 115 35.08 6.25 -0.33
CA ALA E 115 34.43 6.81 0.85
C ALA E 115 34.82 6.04 2.10
N PRO E 116 34.85 6.71 3.26
CA PRO E 116 34.98 5.98 4.52
C PRO E 116 33.81 5.03 4.71
N ASN E 117 34.10 3.91 5.37
CA ASN E 117 33.15 2.80 5.46
C ASN E 117 32.08 3.02 6.53
N ALA E 118 31.97 4.21 7.10
CA ALA E 118 30.93 4.52 8.06
C ALA E 118 30.68 6.01 8.06
N MET E 119 29.42 6.41 8.21
CA MET E 119 29.04 7.81 8.20
C MET E 119 28.06 8.10 9.32
N VAL E 120 28.24 9.25 9.97
CA VAL E 120 27.36 9.72 11.03
C VAL E 120 26.97 11.16 10.72
N ILE E 121 25.67 11.44 10.78
CA ILE E 121 25.15 12.80 10.65
C ILE E 121 24.63 13.19 12.03
N CYS E 122 25.43 13.95 12.77
CA CYS E 122 25.10 14.33 14.13
C CYS E 122 25.49 15.77 14.42
N PRO E 123 24.51 16.65 14.69
CA PRO E 123 23.09 16.34 14.62
C PRO E 123 22.57 16.35 13.18
N CYS E 124 21.40 15.77 12.96
CA CYS E 124 20.81 15.66 11.63
C CYS E 124 19.55 16.52 11.58
N SER E 125 19.57 17.54 10.73
CA SER E 125 18.41 18.40 10.57
C SER E 125 17.24 17.62 9.98
N THR E 126 16.03 18.18 10.13
CA THR E 126 14.88 17.61 9.43
C THR E 126 15.02 17.80 7.93
N GLY E 127 15.75 18.82 7.49
CA GLY E 127 15.98 19.00 6.07
C GLY E 127 16.96 17.99 5.49
N THR E 128 18.04 17.71 6.23
CA THR E 128 18.98 16.69 5.78
C THR E 128 18.36 15.30 5.88
N LEU E 129 17.59 15.05 6.94
CA LEU E 129 16.81 13.83 7.02
C LEU E 129 15.89 13.69 5.81
N SER E 130 15.28 14.80 5.38
CA SER E 130 14.44 14.77 4.19
C SER E 130 15.27 14.47 2.94
N ALA E 131 16.42 15.13 2.79
CA ALA E 131 17.19 14.97 1.55
C ALA E 131 17.79 13.58 1.44
N VAL E 132 18.22 12.99 2.55
CA VAL E 132 18.76 11.64 2.51
C VAL E 132 17.66 10.63 2.20
N ALA E 133 16.45 10.87 2.72
CA ALA E 133 15.34 9.96 2.47
C ALA E 133 14.92 9.98 1.01
N THR E 134 14.93 11.16 0.39
CA THR E 134 14.56 11.28 -1.02
C THR E 134 15.74 11.13 -1.96
N GLY E 135 16.98 11.21 -1.45
CA GLY E 135 18.14 11.13 -2.30
C GLY E 135 18.46 12.39 -3.06
N ALA E 136 18.26 13.56 -2.43
CA ALA E 136 18.39 14.82 -3.15
C ALA E 136 19.81 15.06 -3.63
N CYS E 137 20.81 14.69 -2.83
CA CYS E 137 22.21 14.80 -3.23
C CYS E 137 22.58 16.21 -3.65
N ASN E 138 22.06 17.20 -2.91
CA ASN E 138 22.29 18.59 -3.28
C ASN E 138 23.59 19.15 -2.74
N ASN E 139 24.24 18.47 -1.79
CA ASN E 139 25.54 18.87 -1.29
C ASN E 139 26.34 17.62 -0.96
N LEU E 140 27.57 17.82 -0.49
CA LEU E 140 28.46 16.69 -0.23
C LEU E 140 27.93 15.80 0.89
N ILE E 141 27.29 16.41 1.89
CA ILE E 141 26.74 15.63 3.01
C ILE E 141 25.65 14.69 2.51
N GLU E 142 24.71 15.21 1.72
CA GLU E 142 23.63 14.39 1.22
C GLU E 142 24.12 13.37 0.20
N ARG E 143 25.13 13.72 -0.59
CA ARG E 143 25.70 12.77 -1.54
C ARG E 143 26.46 11.66 -0.82
N ALA E 144 27.18 12.01 0.26
CA ALA E 144 27.92 10.99 1.01
C ALA E 144 26.97 10.00 1.67
N ALA E 145 25.83 10.48 2.17
CA ALA E 145 24.85 9.58 2.77
C ALA E 145 24.21 8.69 1.72
N ASP E 146 23.96 9.24 0.52
CA ASP E 146 23.44 8.44 -0.58
C ASP E 146 24.43 7.37 -0.99
N VAL E 147 25.72 7.70 -0.97
CA VAL E 147 26.75 6.71 -1.31
C VAL E 147 26.82 5.63 -0.24
N ALA E 148 26.72 6.02 1.04
CA ALA E 148 26.75 5.03 2.12
C ALA E 148 25.60 4.05 2.02
N LEU E 149 24.43 4.51 1.55
CA LEU E 149 23.28 3.62 1.42
C LEU E 149 23.43 2.69 0.22
N LYS E 150 23.95 3.19 -0.89
CA LYS E 150 24.12 2.33 -2.07
C LYS E 150 25.26 1.35 -1.89
N GLU E 151 26.23 1.65 -1.02
CA GLU E 151 27.28 0.69 -0.67
C GLU E 151 26.94 -0.14 0.56
N ARG E 152 25.77 0.10 1.16
CA ARG E 152 25.30 -0.65 2.32
CA ARG E 152 25.30 -0.65 2.32
C ARG E 152 26.31 -0.58 3.47
N ARG E 153 26.77 0.65 3.75
CA ARG E 153 27.68 0.92 4.85
C ARG E 153 26.93 1.62 5.99
N PRO E 154 27.41 1.50 7.22
CA PRO E 154 26.68 2.08 8.36
C PRO E 154 26.44 3.57 8.17
N LEU E 155 25.18 3.96 8.34
CA LEU E 155 24.76 5.37 8.26
C LEU E 155 23.92 5.66 9.49
N VAL E 156 24.44 6.50 10.38
CA VAL E 156 23.78 6.84 11.65
C VAL E 156 23.28 8.27 11.56
N LEU E 157 21.98 8.46 11.75
CA LEU E 157 21.36 9.78 11.75
C LEU E 157 20.94 10.13 13.17
N VAL E 158 21.29 11.33 13.62
CA VAL E 158 20.95 11.78 14.96
C VAL E 158 20.07 13.01 14.88
N PRO E 159 18.76 12.85 14.71
CA PRO E 159 17.88 14.01 14.63
C PRO E 159 17.59 14.62 15.99
N ARG E 160 17.31 15.93 15.99
CA ARG E 160 16.89 16.67 17.17
C ARG E 160 15.70 17.52 16.76
N GLU E 161 14.50 17.08 17.13
CA GLU E 161 13.30 17.83 16.80
C GLU E 161 12.18 17.39 17.73
N ALA E 162 11.31 18.34 18.09
CA ALA E 162 10.16 18.04 18.94
C ALA E 162 9.07 19.07 18.67
N PRO E 163 7.85 18.65 18.30
CA PRO E 163 7.47 17.25 18.11
C PRO E 163 7.95 16.68 16.77
N PHE E 164 7.89 15.36 16.64
CA PHE E 164 8.13 14.70 15.36
C PHE E 164 6.83 14.70 14.56
N SER E 165 6.81 15.40 13.43
CA SER E 165 5.66 15.34 12.56
C SER E 165 5.65 14.01 11.81
N SER E 166 4.53 13.74 11.12
CA SER E 166 4.45 12.52 10.32
C SER E 166 5.43 12.55 9.16
N ILE E 167 5.75 13.74 8.65
CA ILE E 167 6.75 13.84 7.59
C ILE E 167 8.11 13.41 8.12
N HIS E 168 8.46 13.87 9.33
CA HIS E 168 9.71 13.43 9.95
C HIS E 168 9.73 11.93 10.17
N LEU E 169 8.64 11.39 10.73
CA LEU E 169 8.59 9.97 11.05
C LEU E 169 8.58 9.12 9.78
N GLU E 170 7.95 9.60 8.71
CA GLU E 170 7.94 8.86 7.46
C GLU E 170 9.34 8.79 6.86
N ASN E 171 10.07 9.90 6.88
CA ASN E 171 11.44 9.89 6.37
C ASN E 171 12.35 9.01 7.22
N MET E 172 12.16 9.04 8.55
CA MET E 172 12.97 8.19 9.42
C MET E 172 12.65 6.72 9.21
N LEU E 173 11.36 6.38 9.05
CA LEU E 173 10.97 4.99 8.86
C LEU E 173 11.52 4.44 7.55
N LYS E 174 11.51 5.25 6.49
CA LYS E 174 12.02 4.80 5.21
C LYS E 174 13.52 4.51 5.28
N LEU E 175 14.28 5.41 5.93
CA LEU E 175 15.71 5.19 6.06
C LEU E 175 16.00 4.05 7.03
N SER E 176 15.18 3.91 8.08
CA SER E 176 15.34 2.78 9.00
C SER E 176 15.12 1.46 8.29
N ASN E 177 14.11 1.40 7.42
CA ASN E 177 13.83 0.17 6.68
C ASN E 177 14.93 -0.20 5.71
N LEU E 178 15.75 0.77 5.29
CA LEU E 178 16.83 0.52 4.34
C LEU E 178 18.15 0.17 5.01
N GLY E 179 18.21 0.19 6.33
CA GLY E 179 19.42 -0.16 7.06
C GLY E 179 20.03 0.97 7.86
N ALA E 180 19.64 2.23 7.63
CA ALA E 180 20.18 3.34 8.40
C ALA E 180 19.70 3.26 9.85
N VAL E 181 20.53 3.77 10.75
CA VAL E 181 20.24 3.75 12.18
C VAL E 181 19.72 5.12 12.58
N ILE E 182 18.46 5.17 13.00
CA ILE E 182 17.84 6.41 13.47
C ILE E 182 18.07 6.47 14.98
N LEU E 183 19.07 7.25 15.39
CA LEU E 183 19.45 7.40 16.79
C LEU E 183 19.13 8.83 17.23
N PRO E 184 17.93 9.11 17.71
CA PRO E 184 17.57 10.49 18.06
C PRO E 184 18.35 10.98 19.27
N ALA E 185 18.57 12.30 19.30
CA ALA E 185 19.23 12.92 20.45
C ALA E 185 18.32 12.90 21.66
N ALA E 186 18.01 11.70 22.17
CA ALA E 186 17.12 11.51 23.31
C ALA E 186 17.90 10.77 24.39
N PRO E 187 18.66 11.49 25.21
CA PRO E 187 19.48 10.82 26.22
C PRO E 187 18.64 10.21 27.33
N GLY E 188 19.14 9.10 27.87
CA GLY E 188 18.50 8.47 29.01
C GLY E 188 19.00 9.01 30.33
N PHE E 189 18.26 8.70 31.40
CA PHE E 189 18.56 9.21 32.72
C PHE E 189 18.89 8.12 33.72
N TYR E 190 19.02 6.86 33.27
CA TYR E 190 19.16 5.75 34.19
C TYR E 190 20.59 5.56 34.70
N HIS E 191 21.55 6.35 34.23
CA HIS E 191 22.85 6.42 34.87
C HIS E 191 22.96 7.64 35.78
N GLN E 192 21.82 8.22 36.16
CA GLN E 192 21.66 9.41 37.00
C GLN E 192 22.66 10.49 36.62
N PRO E 193 22.40 11.23 35.54
CA PRO E 193 23.31 12.30 35.15
C PRO E 193 23.23 13.49 36.09
N GLN E 194 24.35 14.19 36.22
CA GLN E 194 24.44 15.37 37.08
C GLN E 194 24.78 16.64 36.32
N SER E 195 25.01 16.56 35.01
CA SER E 195 25.39 17.72 34.23
C SER E 195 24.89 17.55 32.80
N VAL E 196 24.95 18.65 32.04
CA VAL E 196 24.60 18.59 30.62
C VAL E 196 25.58 17.69 29.88
N GLU E 197 26.84 17.70 30.30
CA GLU E 197 27.86 16.88 29.65
C GLU E 197 27.57 15.39 29.81
N ASP E 198 26.94 15.00 30.93
CA ASP E 198 26.58 13.60 31.11
C ASP E 198 25.52 13.17 30.12
N LEU E 199 24.55 14.05 29.82
CA LEU E 199 23.52 13.72 28.86
C LEU E 199 24.07 13.72 27.44
N VAL E 200 25.03 14.61 27.15
CA VAL E 200 25.69 14.59 25.86
C VAL E 200 26.48 13.30 25.69
N ASP E 201 27.19 12.89 26.75
CA ASP E 201 28.00 11.68 26.68
C ASP E 201 27.14 10.43 26.52
N PHE E 202 25.90 10.45 27.01
CA PHE E 202 25.00 9.33 26.82
C PHE E 202 24.75 9.07 25.34
N VAL E 203 24.40 10.13 24.59
CA VAL E 203 24.11 9.98 23.17
C VAL E 203 25.39 9.62 22.41
N VAL E 204 26.51 10.26 22.75
CA VAL E 204 27.76 9.98 22.07
C VAL E 204 28.20 8.54 22.31
N ALA E 205 27.95 8.02 23.52
CA ALA E 205 28.29 6.63 23.81
C ALA E 205 27.48 5.66 22.97
N ARG E 206 26.18 5.96 22.76
CA ARG E 206 25.37 5.07 21.94
CA ARG E 206 25.35 5.09 21.94
C ARG E 206 25.76 5.14 20.47
N ILE E 207 26.24 6.30 20.01
CA ILE E 207 26.71 6.41 18.63
C ILE E 207 27.95 5.56 18.42
N LEU E 208 28.90 5.64 19.37
CA LEU E 208 30.11 4.83 19.27
C LEU E 208 29.79 3.34 19.38
N ASN E 209 28.86 2.98 20.25
CA ASN E 209 28.46 1.58 20.38
C ASN E 209 27.78 1.08 19.12
N THR E 210 26.99 1.94 18.47
CA THR E 210 26.37 1.56 17.20
C THR E 210 27.41 1.32 16.13
N LEU E 211 28.47 2.14 16.11
CA LEU E 211 29.54 1.99 15.14
C LEU E 211 30.51 0.86 15.48
N GLY E 212 30.46 0.34 16.70
CA GLY E 212 31.42 -0.68 17.11
C GLY E 212 32.73 -0.13 17.61
N ILE E 213 32.73 1.07 18.16
CA ILE E 213 33.94 1.75 18.64
C ILE E 213 33.87 1.81 20.15
N PRO E 214 34.94 1.45 20.87
CA PRO E 214 34.90 1.41 22.33
C PRO E 214 34.99 2.82 22.92
N GLN E 215 35.03 2.85 24.25
CA GLN E 215 35.22 4.10 24.99
C GLN E 215 36.34 3.94 26.03
N SER F 23 -4.99 18.45 -37.62
CA SER F 23 -4.20 18.10 -36.45
C SER F 23 -5.07 18.01 -35.20
N GLY F 24 -4.89 16.93 -34.45
CA GLY F 24 -5.70 16.68 -33.28
C GLY F 24 -6.93 15.86 -33.63
N PRO F 25 -7.71 15.49 -32.61
CA PRO F 25 -8.91 14.68 -32.87
C PRO F 25 -9.99 15.49 -33.58
N GLU F 26 -10.67 14.85 -34.53
CA GLU F 26 -11.70 15.52 -35.31
C GLU F 26 -13.05 15.53 -34.59
N ARG F 27 -13.32 14.50 -33.78
CA ARG F 27 -14.57 14.40 -33.04
C ARG F 27 -14.27 14.48 -31.54
N ILE F 28 -15.02 15.31 -30.83
CA ILE F 28 -14.81 15.54 -29.41
C ILE F 28 -16.12 15.29 -28.67
N THR F 29 -16.04 14.60 -27.53
CA THR F 29 -17.14 14.54 -26.58
C THR F 29 -16.94 15.63 -25.54
N LEU F 30 -17.83 16.62 -25.53
CA LEU F 30 -17.77 17.72 -24.57
C LEU F 30 -18.92 17.56 -23.59
N ALA F 31 -18.58 17.28 -22.33
CA ALA F 31 -19.55 17.10 -21.27
C ALA F 31 -19.41 18.25 -20.26
N MET F 32 -20.54 18.83 -19.87
CA MET F 32 -20.58 19.88 -18.87
C MET F 32 -21.35 19.36 -17.67
N THR F 33 -20.71 19.40 -16.50
CA THR F 33 -21.33 18.95 -15.26
C THR F 33 -21.43 20.10 -14.27
N GLY F 34 -22.09 19.84 -13.14
CA GLY F 34 -22.55 20.88 -12.25
C GLY F 34 -21.53 21.62 -11.42
N ALA F 35 -20.33 21.82 -11.95
CA ALA F 35 -19.36 22.66 -11.27
C ALA F 35 -19.46 24.09 -11.78
N SER F 36 -19.00 25.04 -10.97
CA SER F 36 -19.04 26.43 -11.36
C SER F 36 -18.04 26.71 -12.48
N GLY F 37 -18.41 27.62 -13.36
CA GLY F 37 -17.55 27.94 -14.49
C GLY F 37 -18.12 27.48 -15.81
N ALA F 38 -19.40 27.75 -16.04
CA ALA F 38 -20.04 27.39 -17.30
C ALA F 38 -19.43 28.14 -18.48
N GLN F 39 -18.84 29.31 -18.23
CA GLN F 39 -18.19 30.06 -19.31
C GLN F 39 -17.03 29.30 -19.91
N TYR F 40 -16.35 28.47 -19.10
CA TYR F 40 -15.27 27.64 -19.62
C TYR F 40 -15.79 26.67 -20.68
N GLY F 41 -16.90 26.00 -20.39
CA GLY F 41 -17.43 25.02 -21.33
C GLY F 41 -18.00 25.66 -22.58
N LEU F 42 -18.72 26.77 -22.43
CA LEU F 42 -19.27 27.46 -23.58
C LEU F 42 -18.16 28.02 -24.47
N ARG F 43 -17.12 28.58 -23.88
CA ARG F 43 -15.99 29.08 -24.66
C ARG F 43 -15.26 27.95 -25.35
N LEU F 44 -15.09 26.81 -24.67
CA LEU F 44 -14.45 25.67 -25.30
C LEU F 44 -15.28 25.12 -26.44
N LEU F 45 -16.60 25.06 -26.27
CA LEU F 45 -17.48 24.62 -27.36
C LEU F 45 -17.36 25.54 -28.56
N ASP F 46 -17.28 26.85 -28.32
CA ASP F 46 -17.18 27.81 -29.42
C ASP F 46 -15.85 27.66 -30.14
N CYS F 47 -14.78 27.35 -29.42
CA CYS F 47 -13.46 27.22 -30.06
C CYS F 47 -13.37 25.91 -30.83
N LEU F 48 -13.95 24.84 -30.30
CA LEU F 48 -13.96 23.57 -31.03
C LEU F 48 -14.74 23.69 -32.33
N VAL F 49 -15.83 24.47 -32.32
CA VAL F 49 -16.61 24.67 -33.53
C VAL F 49 -15.81 25.50 -34.54
N GLN F 50 -15.14 26.55 -34.08
CA GLN F 50 -14.34 27.37 -34.98
C GLN F 50 -13.21 26.56 -35.61
N GLU F 51 -12.69 25.56 -34.89
CA GLU F 51 -11.67 24.67 -35.44
C GLU F 51 -12.26 23.54 -36.27
N GLU F 52 -13.56 23.62 -36.60
CA GLU F 52 -14.21 22.66 -37.50
C GLU F 52 -14.15 21.24 -36.95
N ARG F 53 -14.43 21.09 -35.66
CA ARG F 53 -14.50 19.79 -35.01
C ARG F 53 -15.95 19.40 -34.76
N GLU F 54 -16.24 18.11 -34.91
CA GLU F 54 -17.56 17.60 -34.56
C GLU F 54 -17.63 17.37 -33.06
N VAL F 55 -18.63 17.95 -32.41
CA VAL F 55 -18.74 17.94 -30.96
C VAL F 55 -19.99 17.16 -30.59
N HIS F 56 -19.82 16.13 -29.75
CA HIS F 56 -20.92 15.41 -29.14
C HIS F 56 -21.15 16.02 -27.77
N PHE F 57 -22.16 16.88 -27.66
CA PHE F 57 -22.37 17.70 -26.47
C PHE F 57 -23.25 16.97 -25.47
N LEU F 58 -22.78 16.91 -24.22
CA LEU F 58 -23.53 16.34 -23.11
C LEU F 58 -23.55 17.34 -21.97
N ILE F 59 -24.64 17.36 -21.22
CA ILE F 59 -24.79 18.28 -20.10
C ILE F 59 -25.68 17.65 -19.05
N SER F 60 -25.28 17.78 -17.78
CA SER F 60 -26.05 17.21 -16.68
C SER F 60 -27.14 18.17 -16.23
N LYS F 61 -28.06 17.67 -15.39
CA LYS F 61 -29.13 18.52 -14.88
C LYS F 61 -28.57 19.63 -14.00
N ALA F 62 -27.57 19.31 -13.16
CA ALA F 62 -26.98 20.33 -12.30
C ALA F 62 -26.26 21.39 -13.12
N ALA F 63 -25.61 20.98 -14.21
CA ALA F 63 -24.92 21.95 -15.06
C ALA F 63 -25.90 22.89 -15.74
N GLN F 64 -27.10 22.40 -16.07
CA GLN F 64 -28.11 23.28 -16.66
C GLN F 64 -28.55 24.35 -15.66
N LEU F 65 -28.62 23.99 -14.37
CA LEU F 65 -28.93 24.98 -13.34
C LEU F 65 -27.77 25.94 -13.12
N VAL F 66 -26.54 25.47 -13.27
CA VAL F 66 -25.38 26.33 -13.11
C VAL F 66 -25.33 27.37 -14.23
N MET F 67 -25.56 26.94 -15.46
CA MET F 67 -25.52 27.88 -16.59
C MET F 67 -26.63 28.91 -16.49
N ALA F 68 -27.81 28.50 -16.01
CA ALA F 68 -28.90 29.45 -15.84
C ALA F 68 -28.63 30.42 -14.71
N THR F 69 -27.78 30.04 -13.76
CA THR F 69 -27.47 30.89 -12.60
C THR F 69 -26.31 31.84 -12.87
N GLU F 70 -25.27 31.37 -13.56
CA GLU F 70 -24.07 32.16 -13.76
C GLU F 70 -24.08 32.98 -15.03
N THR F 71 -24.73 32.49 -16.09
CA THR F 71 -24.80 33.18 -17.36
C THR F 71 -26.23 33.60 -17.66
N ASP F 72 -26.38 34.43 -18.69
CA ASP F 72 -27.69 34.76 -19.23
C ASP F 72 -27.97 34.00 -20.52
N VAL F 73 -27.33 32.85 -20.69
CA VAL F 73 -27.62 31.96 -21.81
C VAL F 73 -28.85 31.14 -21.47
N ALA F 74 -29.90 31.28 -22.28
CA ALA F 74 -31.15 30.54 -22.07
C ALA F 74 -31.05 29.25 -22.85
N LEU F 75 -30.50 28.21 -22.22
CA LEU F 75 -30.29 26.93 -22.89
C LEU F 75 -31.57 26.10 -22.80
N PRO F 76 -32.14 25.68 -23.94
CA PRO F 76 -33.31 24.79 -23.89
C PRO F 76 -32.96 23.47 -23.22
N ALA F 77 -33.98 22.82 -22.66
CA ALA F 77 -33.76 21.61 -21.87
C ALA F 77 -33.67 20.36 -22.74
N LYS F 78 -34.55 20.22 -23.74
CA LYS F 78 -34.59 19.02 -24.55
C LYS F 78 -33.42 19.01 -25.55
N PRO F 79 -32.92 17.82 -25.91
CA PRO F 79 -31.72 17.76 -26.76
C PRO F 79 -31.89 18.41 -28.12
N GLN F 80 -33.00 18.16 -28.81
CA GLN F 80 -33.15 18.69 -30.17
C GLN F 80 -33.17 20.21 -30.17
N ALA F 81 -33.94 20.81 -29.26
CA ALA F 81 -33.93 22.27 -29.15
C ALA F 81 -32.59 22.79 -28.64
N MET F 82 -31.90 22.01 -27.80
CA MET F 82 -30.58 22.40 -27.35
C MET F 82 -29.57 22.37 -28.48
N GLN F 83 -29.71 21.41 -29.40
CA GLN F 83 -28.81 21.33 -30.53
C GLN F 83 -28.97 22.52 -31.46
N ALA F 84 -30.22 22.93 -31.71
CA ALA F 84 -30.47 24.07 -32.59
C ALA F 84 -29.98 25.37 -31.95
N PHE F 85 -30.10 25.49 -30.63
CA PHE F 85 -29.64 26.69 -29.95
C PHE F 85 -28.12 26.80 -30.00
N LEU F 86 -27.43 25.72 -29.64
CA LEU F 86 -25.96 25.74 -29.64
C LEU F 86 -25.40 25.90 -31.04
N THR F 87 -26.10 25.39 -32.05
CA THR F 87 -25.65 25.60 -33.43
C THR F 87 -25.71 27.08 -33.80
N GLU F 88 -26.77 27.77 -33.41
CA GLU F 88 -26.88 29.20 -33.67
C GLU F 88 -25.98 30.01 -32.74
N TYR F 89 -25.74 29.52 -31.53
CA TYR F 89 -24.91 30.27 -30.58
C TYR F 89 -23.46 30.32 -31.04
N CYS F 90 -22.94 29.24 -31.60
CA CYS F 90 -21.56 29.18 -32.04
C CYS F 90 -21.38 29.37 -33.53
N GLY F 91 -22.48 29.50 -34.28
CA GLY F 91 -22.38 29.56 -35.73
C GLY F 91 -21.88 28.28 -36.35
N ALA F 92 -22.27 27.13 -35.79
CA ALA F 92 -21.79 25.84 -36.27
C ALA F 92 -22.50 25.44 -37.56
N ALA F 93 -21.86 24.56 -38.31
CA ALA F 93 -22.47 23.98 -39.50
C ALA F 93 -23.52 22.95 -39.10
N ALA F 94 -24.30 22.53 -40.09
CA ALA F 94 -25.33 21.53 -39.84
C ALA F 94 -24.70 20.20 -39.46
N GLY F 95 -25.15 19.65 -38.34
CA GLY F 95 -24.63 18.39 -37.84
C GLY F 95 -23.29 18.46 -37.16
N GLN F 96 -22.68 19.65 -37.07
CA GLN F 96 -21.40 19.77 -36.40
C GLN F 96 -21.51 19.54 -34.90
N ILE F 97 -22.63 19.95 -34.30
CA ILE F 97 -22.90 19.73 -32.89
C ILE F 97 -24.03 18.71 -32.78
N ARG F 98 -23.82 17.68 -31.97
CA ARG F 98 -24.81 16.65 -31.73
C ARG F 98 -25.02 16.51 -30.23
N VAL F 99 -26.25 16.73 -29.78
CA VAL F 99 -26.60 16.68 -28.36
C VAL F 99 -27.31 15.37 -28.08
N PHE F 100 -26.95 14.73 -26.97
CA PHE F 100 -27.53 13.45 -26.57
C PHE F 100 -27.98 13.53 -25.12
N GLY F 101 -29.11 12.90 -24.83
CA GLY F 101 -29.65 12.87 -23.49
C GLY F 101 -28.78 12.07 -22.54
N GLN F 102 -29.05 12.26 -21.25
CA GLN F 102 -28.21 11.65 -20.22
C GLN F 102 -28.45 10.16 -20.06
N ASN F 103 -29.51 9.61 -20.65
CA ASN F 103 -29.77 8.18 -20.60
C ASN F 103 -29.79 7.55 -21.99
N ASP F 104 -29.26 8.26 -22.99
CA ASP F 104 -29.21 7.76 -24.36
C ASP F 104 -28.00 6.84 -24.51
N TRP F 105 -28.20 5.56 -24.18
CA TRP F 105 -27.12 4.60 -24.29
C TRP F 105 -26.80 4.24 -25.73
N MET F 106 -27.69 4.57 -26.67
CA MET F 106 -27.41 4.36 -28.09
C MET F 106 -26.52 5.46 -28.67
N ALA F 107 -26.20 6.49 -27.88
CA ALA F 107 -25.36 7.56 -28.38
C ALA F 107 -23.94 7.05 -28.66
N PRO F 108 -23.24 7.65 -29.62
CA PRO F 108 -21.90 7.19 -29.99
C PRO F 108 -20.94 7.14 -28.79
N PRO F 109 -20.90 8.15 -27.92
CA PRO F 109 -19.92 8.11 -26.81
C PRO F 109 -20.09 6.92 -25.87
N ALA F 110 -21.20 6.20 -25.92
CA ALA F 110 -21.45 5.13 -24.96
C ALA F 110 -20.76 3.82 -25.31
N SER F 111 -20.24 3.68 -26.53
CA SER F 111 -19.58 2.46 -26.97
C SER F 111 -18.22 2.79 -27.56
N GLY F 112 -17.27 1.86 -27.38
CA GLY F 112 -15.90 2.12 -27.80
C GLY F 112 -15.75 2.23 -29.30
N SER F 113 -16.52 1.44 -30.06
CA SER F 113 -16.37 1.44 -31.52
C SER F 113 -16.87 2.74 -32.14
N SER F 114 -17.84 3.39 -31.50
CA SER F 114 -18.49 4.56 -32.09
C SER F 114 -18.14 5.87 -31.41
N ALA F 115 -17.46 5.83 -30.26
CA ALA F 115 -17.24 7.04 -29.49
C ALA F 115 -16.23 7.96 -30.17
N PRO F 116 -16.35 9.28 -29.97
CA PRO F 116 -15.30 10.20 -30.43
C PRO F 116 -13.97 9.87 -29.76
N ASN F 117 -12.89 10.25 -30.44
CA ASN F 117 -11.55 9.85 -30.02
C ASN F 117 -10.99 10.71 -28.89
N ALA F 118 -11.77 11.65 -28.36
CA ALA F 118 -11.31 12.47 -27.24
C ALA F 118 -12.53 12.99 -26.49
N MET F 119 -12.38 13.13 -25.17
CA MET F 119 -13.46 13.59 -24.32
C MET F 119 -12.95 14.62 -23.33
N VAL F 120 -13.76 15.66 -23.11
CA VAL F 120 -13.46 16.71 -22.14
C VAL F 120 -14.68 16.91 -21.27
N ILE F 121 -14.47 16.95 -19.95
CA ILE F 121 -15.53 17.26 -19.00
C ILE F 121 -15.18 18.61 -18.40
N CYS F 122 -15.80 19.67 -18.91
CA CYS F 122 -15.47 21.03 -18.49
C CYS F 122 -16.73 21.88 -18.35
N PRO F 123 -17.08 22.33 -17.14
CA PRO F 123 -16.37 21.98 -15.90
C PRO F 123 -16.75 20.59 -15.39
N CYS F 124 -15.94 20.04 -14.49
CA CYS F 124 -16.15 18.69 -13.97
C CYS F 124 -16.46 18.80 -12.48
N SER F 125 -17.68 18.44 -12.10
CA SER F 125 -18.09 18.46 -10.71
C SER F 125 -17.24 17.49 -9.89
N THR F 126 -17.25 17.68 -8.57
CA THR F 126 -16.64 16.69 -7.69
C THR F 126 -17.41 15.38 -7.73
N GLY F 127 -18.72 15.44 -8.00
CA GLY F 127 -19.50 14.22 -8.12
C GLY F 127 -19.17 13.43 -9.37
N THR F 128 -19.04 14.12 -10.51
CA THR F 128 -18.63 13.44 -11.74
C THR F 128 -17.19 12.95 -11.63
N LEU F 129 -16.32 13.76 -11.00
CA LEU F 129 -14.97 13.29 -10.70
C LEU F 129 -15.00 12.02 -9.87
N SER F 130 -15.94 11.94 -8.92
CA SER F 130 -16.09 10.73 -8.12
C SER F 130 -16.55 9.56 -8.96
N ALA F 131 -17.57 9.77 -9.79
CA ALA F 131 -18.15 8.67 -10.57
C ALA F 131 -17.16 8.12 -11.59
N VAL F 132 -16.40 9.00 -12.24
CA VAL F 132 -15.42 8.53 -13.22
C VAL F 132 -14.31 7.74 -12.53
N ALA F 133 -13.89 8.19 -11.35
CA ALA F 133 -12.84 7.47 -10.62
C ALA F 133 -13.31 6.10 -10.15
N THR F 134 -14.59 5.97 -9.78
CA THR F 134 -15.11 4.69 -9.33
C THR F 134 -15.73 3.86 -10.45
N GLY F 135 -16.03 4.48 -11.60
CA GLY F 135 -16.65 3.76 -12.69
C GLY F 135 -18.15 3.57 -12.53
N ALA F 136 -18.84 4.59 -11.99
CA ALA F 136 -20.25 4.43 -11.65
C ALA F 136 -21.11 4.24 -12.90
N CYS F 137 -20.81 4.96 -13.98
CA CYS F 137 -21.56 4.85 -15.23
C CYS F 137 -23.06 4.99 -15.02
N ASN F 138 -23.46 5.98 -14.22
CA ASN F 138 -24.87 6.17 -13.93
C ASN F 138 -25.59 6.99 -14.99
N ASN F 139 -24.86 7.73 -15.83
CA ASN F 139 -25.44 8.48 -16.93
C ASN F 139 -24.51 8.39 -18.13
N LEU F 140 -24.91 9.06 -19.23
CA LEU F 140 -24.13 8.99 -20.45
C LEU F 140 -22.75 9.63 -20.28
N ILE F 141 -22.67 10.71 -19.50
CA ILE F 141 -21.40 11.40 -19.29
C ILE F 141 -20.42 10.47 -18.58
N GLU F 142 -20.86 9.82 -17.51
CA GLU F 142 -19.97 8.95 -16.75
C GLU F 142 -19.62 7.69 -17.53
N ARG F 143 -20.57 7.17 -18.31
CA ARG F 143 -20.28 6.00 -19.14
C ARG F 143 -19.30 6.34 -20.26
N ALA F 144 -19.46 7.52 -20.87
CA ALA F 144 -18.57 7.92 -21.95
C ALA F 144 -17.14 8.08 -21.45
N ALA F 145 -16.98 8.62 -20.24
CA ALA F 145 -15.64 8.73 -19.66
C ALA F 145 -15.06 7.36 -19.36
N ASP F 146 -15.90 6.43 -18.88
CA ASP F 146 -15.45 5.07 -18.64
C ASP F 146 -15.03 4.39 -19.93
N VAL F 147 -15.73 4.69 -21.03
CA VAL F 147 -15.35 4.14 -22.33
C VAL F 147 -14.01 4.73 -22.78
N ALA F 148 -13.84 6.05 -22.62
CA ALA F 148 -12.60 6.69 -23.02
C ALA F 148 -11.40 6.11 -22.28
N LEU F 149 -11.60 5.68 -21.02
CA LEU F 149 -10.49 5.12 -20.25
C LEU F 149 -10.16 3.69 -20.68
N LYS F 150 -11.18 2.88 -20.99
CA LYS F 150 -10.91 1.53 -21.44
C LYS F 150 -10.36 1.50 -22.86
N GLU F 151 -10.67 2.51 -23.66
CA GLU F 151 -10.07 2.66 -24.98
C GLU F 151 -8.75 3.42 -24.95
N ARG F 152 -8.37 3.96 -23.79
CA ARG F 152 -7.13 4.72 -23.63
CA ARG F 152 -7.13 4.72 -23.63
C ARG F 152 -7.10 5.92 -24.58
N ARG F 153 -8.21 6.62 -24.66
CA ARG F 153 -8.35 7.84 -25.43
C ARG F 153 -8.25 9.05 -24.51
N PRO F 154 -7.88 10.21 -25.05
CA PRO F 154 -7.71 11.40 -24.18
C PRO F 154 -8.97 11.72 -23.40
N LEU F 155 -8.80 11.90 -22.09
CA LEU F 155 -9.88 12.29 -21.18
C LEU F 155 -9.38 13.44 -20.32
N VAL F 156 -9.93 14.63 -20.54
CA VAL F 156 -9.51 15.83 -19.84
C VAL F 156 -10.62 16.24 -18.87
N LEU F 157 -10.29 16.33 -17.59
CA LEU F 157 -11.22 16.72 -16.55
C LEU F 157 -10.85 18.12 -16.05
N VAL F 158 -11.84 19.00 -15.98
CA VAL F 158 -11.62 20.38 -15.55
C VAL F 158 -12.41 20.65 -14.28
N PRO F 159 -11.88 20.32 -13.11
CA PRO F 159 -12.62 20.57 -11.87
C PRO F 159 -12.54 22.01 -11.42
N ARG F 160 -13.59 22.45 -10.73
CA ARG F 160 -13.65 23.77 -10.10
C ARG F 160 -14.12 23.55 -8.67
N GLU F 161 -13.19 23.56 -7.72
CA GLU F 161 -13.54 23.37 -6.32
C GLU F 161 -12.44 23.95 -5.46
N ALA F 162 -12.82 24.54 -4.34
CA ALA F 162 -11.87 25.09 -3.39
C ALA F 162 -12.48 25.10 -1.99
N PRO F 163 -11.84 24.46 -1.00
CA PRO F 163 -10.58 23.73 -1.15
C PRO F 163 -10.76 22.34 -1.76
N PHE F 164 -9.64 21.72 -2.15
CA PHE F 164 -9.64 20.32 -2.57
C PHE F 164 -9.50 19.44 -1.34
N SER F 165 -10.51 18.63 -1.06
CA SER F 165 -10.41 17.70 0.05
C SER F 165 -9.57 16.49 -0.35
N SER F 166 -9.26 15.65 0.64
CA SER F 166 -8.49 14.43 0.35
C SER F 166 -9.27 13.49 -0.57
N ILE F 167 -10.60 13.52 -0.50
CA ILE F 167 -11.40 12.69 -1.39
C ILE F 167 -11.29 13.20 -2.83
N HIS F 168 -11.33 14.52 -3.01
CA HIS F 168 -11.16 15.09 -4.34
C HIS F 168 -9.78 14.75 -4.90
N LEU F 169 -8.74 14.93 -4.09
CA LEU F 169 -7.38 14.72 -4.56
C LEU F 169 -7.12 13.25 -4.85
N GLU F 170 -7.68 12.35 -4.04
CA GLU F 170 -7.47 10.92 -4.26
C GLU F 170 -8.14 10.46 -5.55
N ASN F 171 -9.33 11.00 -5.86
CA ASN F 171 -9.99 10.67 -7.11
C ASN F 171 -9.24 11.26 -8.31
N MET F 172 -8.71 12.46 -8.15
CA MET F 172 -7.91 13.06 -9.22
C MET F 172 -6.61 12.29 -9.43
N LEU F 173 -5.95 11.89 -8.33
CA LEU F 173 -4.68 11.17 -8.45
C LEU F 173 -4.89 9.81 -9.12
N LYS F 174 -5.96 9.11 -8.77
CA LYS F 174 -6.22 7.80 -9.36
C LYS F 174 -6.43 7.92 -10.87
N LEU F 175 -7.23 8.91 -11.29
CA LEU F 175 -7.49 9.09 -12.72
C LEU F 175 -6.24 9.59 -13.45
N SER F 176 -5.46 10.45 -12.80
CA SER F 176 -4.22 10.93 -13.42
C SER F 176 -3.23 9.79 -13.60
N ASN F 177 -3.17 8.87 -12.62
CA ASN F 177 -2.31 7.71 -12.75
C ASN F 177 -2.74 6.78 -13.87
N LEU F 178 -4.00 6.85 -14.28
CA LEU F 178 -4.54 6.00 -15.34
C LEU F 178 -4.42 6.63 -16.73
N GLY F 179 -3.95 7.87 -16.82
CA GLY F 179 -3.78 8.54 -18.09
C GLY F 179 -4.69 9.75 -18.29
N ALA F 180 -5.67 9.98 -17.43
CA ALA F 180 -6.53 11.15 -17.57
C ALA F 180 -5.77 12.41 -17.20
N VAL F 181 -6.12 13.51 -17.87
CA VAL F 181 -5.48 14.80 -17.65
C VAL F 181 -6.35 15.59 -16.68
N ILE F 182 -5.81 15.87 -15.49
CA ILE F 182 -6.50 16.68 -14.49
C ILE F 182 -6.07 18.12 -14.72
N LEU F 183 -6.94 18.91 -15.34
CA LEU F 183 -6.67 20.31 -15.69
C LEU F 183 -7.64 21.19 -14.91
N PRO F 184 -7.30 21.57 -13.68
CA PRO F 184 -8.22 22.38 -12.87
C PRO F 184 -8.41 23.76 -13.47
N ALA F 185 -9.60 24.32 -13.25
CA ALA F 185 -9.91 25.67 -13.71
C ALA F 185 -9.13 26.70 -12.89
N ALA F 186 -7.81 26.71 -13.02
CA ALA F 186 -6.93 27.61 -12.30
C ALA F 186 -6.17 28.46 -13.31
N PRO F 187 -6.73 29.60 -13.72
CA PRO F 187 -6.08 30.41 -14.76
C PRO F 187 -4.84 31.12 -14.22
N GLY F 188 -3.83 31.23 -15.08
CA GLY F 188 -2.63 31.96 -14.75
C GLY F 188 -2.73 33.43 -15.08
N PHE F 189 -1.85 34.22 -14.46
CA PHE F 189 -1.88 35.67 -14.59
C PHE F 189 -0.65 36.22 -15.29
N TYR F 190 0.20 35.36 -15.87
CA TYR F 190 1.47 35.83 -16.43
C TYR F 190 1.32 36.40 -17.83
N HIS F 191 0.13 36.39 -18.42
CA HIS F 191 -0.15 37.13 -19.63
C HIS F 191 -0.83 38.46 -19.35
N GLN F 192 -0.87 38.88 -18.08
CA GLN F 192 -1.46 40.13 -17.62
C GLN F 192 -2.88 40.28 -18.13
N PRO F 193 -3.83 39.53 -17.57
CA PRO F 193 -5.21 39.58 -18.07
C PRO F 193 -5.89 40.89 -17.69
N GLN F 194 -6.80 41.33 -18.56
CA GLN F 194 -7.56 42.55 -18.35
C GLN F 194 -9.04 42.30 -18.09
N SER F 195 -9.52 41.06 -18.28
CA SER F 195 -10.95 40.77 -18.20
C SER F 195 -11.14 39.39 -17.60
N VAL F 196 -12.40 39.08 -17.28
CA VAL F 196 -12.77 37.71 -16.93
C VAL F 196 -12.59 36.79 -18.13
N GLU F 197 -12.88 37.32 -19.33
CA GLU F 197 -12.75 36.52 -20.55
C GLU F 197 -11.31 36.12 -20.81
N ASP F 198 -10.35 36.95 -20.40
CA ASP F 198 -8.94 36.60 -20.56
C ASP F 198 -8.58 35.39 -19.71
N LEU F 199 -9.08 35.34 -18.48
CA LEU F 199 -8.83 34.19 -17.61
C LEU F 199 -9.56 32.94 -18.11
N VAL F 200 -10.76 33.12 -18.67
CA VAL F 200 -11.47 31.99 -19.26
C VAL F 200 -10.71 31.44 -20.45
N ASP F 201 -10.18 32.34 -21.29
CA ASP F 201 -9.44 31.90 -22.47
C ASP F 201 -8.14 31.22 -22.09
N PHE F 202 -7.55 31.56 -20.94
CA PHE F 202 -6.33 30.89 -20.49
C PHE F 202 -6.59 29.40 -20.29
N VAL F 203 -7.66 29.06 -19.57
CA VAL F 203 -7.96 27.66 -19.31
C VAL F 203 -8.35 26.94 -20.59
N VAL F 204 -9.17 27.60 -21.42
CA VAL F 204 -9.59 26.99 -22.69
C VAL F 204 -8.40 26.72 -23.58
N ALA F 205 -7.43 27.64 -23.62
CA ALA F 205 -6.23 27.44 -24.42
C ALA F 205 -5.42 26.26 -23.91
N ARG F 206 -5.35 26.08 -22.59
CA ARG F 206 -4.65 24.93 -22.04
C ARG F 206 -5.36 23.62 -22.36
N ILE F 207 -6.70 23.65 -22.44
CA ILE F 207 -7.44 22.45 -22.82
C ILE F 207 -7.16 22.10 -24.28
N LEU F 208 -7.23 23.10 -25.16
CA LEU F 208 -6.99 22.85 -26.58
C LEU F 208 -5.56 22.38 -26.82
N ASN F 209 -4.59 22.96 -26.10
CA ASN F 209 -3.21 22.53 -26.25
C ASN F 209 -3.02 21.11 -25.74
N THR F 210 -3.74 20.74 -24.68
CA THR F 210 -3.68 19.37 -24.18
C THR F 210 -4.24 18.39 -25.21
N LEU F 211 -5.31 18.80 -25.91
CA LEU F 211 -5.92 17.97 -26.94
C LEU F 211 -5.14 17.96 -28.25
N GLY F 212 -4.14 18.85 -28.39
CA GLY F 212 -3.43 18.95 -29.66
C GLY F 212 -4.14 19.76 -30.71
N ILE F 213 -5.02 20.68 -30.31
CA ILE F 213 -5.79 21.48 -31.24
C ILE F 213 -5.24 22.90 -31.24
N PRO F 214 -5.06 23.53 -32.40
CA PRO F 214 -4.52 24.89 -32.44
C PRO F 214 -5.41 25.88 -31.70
N GLN F 215 -4.79 27.00 -31.32
CA GLN F 215 -5.52 28.05 -30.63
C GLN F 215 -5.45 29.34 -31.43
N ASP F 216 -5.74 29.25 -32.74
CA ASP F 216 -5.79 30.45 -33.56
C ASP F 216 -6.70 31.51 -32.94
N MET F 217 -7.88 31.12 -32.51
CA MET F 217 -8.88 32.03 -31.96
C MET F 217 -8.49 32.53 -30.57
N SER G 23 -29.07 -30.62 -3.55
CA SER G 23 -27.71 -30.11 -3.56
C SER G 23 -27.65 -28.71 -4.12
N GLY G 24 -26.93 -27.82 -3.42
CA GLY G 24 -26.85 -26.43 -3.81
C GLY G 24 -27.94 -25.61 -3.16
N PRO G 25 -27.86 -24.29 -3.30
CA PRO G 25 -28.88 -23.42 -2.69
C PRO G 25 -30.22 -23.57 -3.40
N GLU G 26 -31.29 -23.61 -2.60
CA GLU G 26 -32.63 -23.78 -3.13
C GLU G 26 -33.28 -22.46 -3.56
N ARG G 27 -32.82 -21.33 -3.01
CA ARG G 27 -33.31 -20.02 -3.40
C ARG G 27 -32.17 -19.19 -3.95
N ILE G 28 -32.37 -18.59 -5.12
CA ILE G 28 -31.35 -17.82 -5.80
C ILE G 28 -31.88 -16.43 -6.10
N THR G 29 -31.05 -15.41 -5.85
CA THR G 29 -31.33 -14.07 -6.33
C THR G 29 -30.62 -13.88 -7.67
N LEU G 30 -31.40 -13.69 -8.73
CA LEU G 30 -30.87 -13.49 -10.07
C LEU G 30 -31.11 -12.05 -10.50
N ALA G 31 -30.03 -11.29 -10.67
CA ALA G 31 -30.12 -9.90 -11.10
C ALA G 31 -29.52 -9.77 -12.49
N MET G 32 -30.20 -9.03 -13.36
CA MET G 32 -29.71 -8.72 -14.70
C MET G 32 -29.51 -7.22 -14.79
N THR G 33 -28.29 -6.81 -15.17
CA THR G 33 -27.96 -5.40 -15.31
C THR G 33 -27.54 -5.12 -16.75
N GLY G 34 -27.37 -3.82 -17.05
CA GLY G 34 -27.29 -3.34 -18.41
C GLY G 34 -26.05 -3.66 -19.21
N ALA G 35 -25.44 -4.81 -18.96
CA ALA G 35 -24.36 -5.28 -19.82
C ALA G 35 -24.92 -6.12 -20.95
N SER G 36 -24.20 -6.13 -22.07
CA SER G 36 -24.62 -6.93 -23.21
C SER G 36 -24.52 -8.42 -22.88
N GLY G 37 -25.45 -9.20 -23.40
CA GLY G 37 -25.48 -10.61 -23.12
C GLY G 37 -26.68 -11.01 -22.30
N ALA G 38 -27.86 -10.49 -22.65
CA ALA G 38 -29.08 -10.85 -21.95
C ALA G 38 -29.42 -12.32 -22.13
N GLN G 39 -28.94 -12.96 -23.20
CA GLN G 39 -29.17 -14.39 -23.39
C GLN G 39 -28.56 -15.20 -22.24
N TYR G 40 -27.45 -14.74 -21.67
CA TYR G 40 -26.86 -15.43 -20.53
C TYR G 40 -27.83 -15.46 -19.35
N GLY G 41 -28.44 -14.32 -19.04
CA GLY G 41 -29.34 -14.26 -17.89
C GLY G 41 -30.62 -15.04 -18.11
N LEU G 42 -31.22 -14.91 -19.30
CA LEU G 42 -32.44 -15.65 -19.60
C LEU G 42 -32.18 -17.16 -19.57
N ARG G 43 -31.06 -17.59 -20.16
CA ARG G 43 -30.74 -19.01 -20.14
C ARG G 43 -30.45 -19.50 -18.73
N LEU G 44 -29.78 -18.68 -17.92
CA LEU G 44 -29.52 -19.05 -16.53
C LEU G 44 -30.82 -19.19 -15.75
N LEU G 45 -31.74 -18.23 -15.93
CA LEU G 45 -33.04 -18.32 -15.27
C LEU G 45 -33.78 -19.59 -15.69
N ASP G 46 -33.67 -19.97 -16.97
CA ASP G 46 -34.36 -21.16 -17.45
C ASP G 46 -33.83 -22.41 -16.80
N CYS G 47 -32.51 -22.53 -16.65
CA CYS G 47 -31.92 -23.72 -16.04
C CYS G 47 -32.20 -23.76 -14.53
N LEU G 48 -32.19 -22.60 -13.86
CA LEU G 48 -32.55 -22.58 -12.45
C LEU G 48 -33.98 -23.01 -12.24
N VAL G 49 -34.87 -22.69 -13.18
CA VAL G 49 -36.25 -23.15 -13.09
C VAL G 49 -36.32 -24.66 -13.32
N GLN G 50 -35.58 -25.15 -14.32
CA GLN G 50 -35.56 -26.59 -14.60
C GLN G 50 -34.99 -27.38 -13.42
N GLU G 51 -34.04 -26.79 -12.68
CA GLU G 51 -33.50 -27.41 -11.49
C GLU G 51 -34.36 -27.20 -10.26
N GLU G 52 -35.57 -26.66 -10.44
CA GLU G 52 -36.57 -26.56 -9.38
C GLU G 52 -36.09 -25.67 -8.22
N ARG G 53 -35.48 -24.54 -8.57
CA ARG G 53 -35.04 -23.56 -7.59
C ARG G 53 -35.99 -22.37 -7.58
N GLU G 54 -36.17 -21.76 -6.41
CA GLU G 54 -36.91 -20.52 -6.31
C GLU G 54 -36.00 -19.35 -6.66
N VAL G 55 -36.42 -18.53 -7.61
CA VAL G 55 -35.59 -17.44 -8.12
C VAL G 55 -36.25 -16.12 -7.76
N HIS G 56 -35.50 -15.25 -7.09
CA HIS G 56 -35.90 -13.87 -6.86
C HIS G 56 -35.28 -13.03 -7.96
N PHE G 57 -36.07 -12.70 -8.97
CA PHE G 57 -35.56 -12.08 -10.19
C PHE G 57 -35.58 -10.56 -10.07
N LEU G 58 -34.45 -9.94 -10.40
CA LEU G 58 -34.31 -8.49 -10.43
C LEU G 58 -33.70 -8.07 -11.74
N ILE G 59 -34.08 -6.88 -12.22
CA ILE G 59 -33.58 -6.37 -13.48
C ILE G 59 -33.56 -4.85 -13.41
N SER G 60 -32.49 -4.26 -13.95
CA SER G 60 -32.33 -2.81 -13.96
C SER G 60 -33.01 -2.20 -15.19
N LYS G 61 -33.12 -0.88 -15.18
CA LYS G 61 -33.73 -0.19 -16.32
C LYS G 61 -32.87 -0.33 -17.56
N ALA G 62 -31.55 -0.28 -17.41
CA ALA G 62 -30.66 -0.44 -18.56
C ALA G 62 -30.72 -1.86 -19.12
N ALA G 63 -30.85 -2.85 -18.24
CA ALA G 63 -30.94 -4.24 -18.70
C ALA G 63 -32.23 -4.49 -19.47
N GLN G 64 -33.32 -3.79 -19.11
CA GLN G 64 -34.55 -3.91 -19.87
C GLN G 64 -34.36 -3.38 -21.28
N LEU G 65 -33.58 -2.31 -21.42
CA LEU G 65 -33.28 -1.79 -22.76
C LEU G 65 -32.36 -2.74 -23.53
N VAL G 66 -31.44 -3.40 -22.83
CA VAL G 66 -30.57 -4.37 -23.49
C VAL G 66 -31.37 -5.56 -24.00
N MET G 67 -32.28 -6.07 -23.17
CA MET G 67 -33.06 -7.25 -23.56
C MET G 67 -33.94 -6.95 -24.76
N ALA G 68 -34.53 -5.75 -24.81
CA ALA G 68 -35.34 -5.38 -25.96
C ALA G 68 -34.50 -5.15 -27.20
N THR G 69 -33.23 -4.79 -27.03
CA THR G 69 -32.36 -4.52 -28.18
C THR G 69 -31.75 -5.80 -28.73
N GLU G 70 -31.38 -6.74 -27.86
CA GLU G 70 -30.64 -7.92 -28.28
C GLU G 70 -31.53 -9.13 -28.56
N THR G 71 -32.67 -9.24 -27.89
CA THR G 71 -33.53 -10.39 -28.00
C THR G 71 -34.90 -10.00 -28.55
N ASP G 72 -35.70 -11.02 -28.87
CA ASP G 72 -37.09 -10.85 -29.25
C ASP G 72 -38.04 -11.06 -28.08
N VAL G 73 -37.53 -11.00 -26.86
CA VAL G 73 -38.32 -11.20 -25.66
C VAL G 73 -38.98 -9.86 -25.29
N ALA G 74 -40.31 -9.85 -25.23
CA ALA G 74 -41.08 -8.66 -24.87
C ALA G 74 -41.35 -8.71 -23.37
N LEU G 75 -40.43 -8.13 -22.60
CA LEU G 75 -40.53 -8.19 -21.14
C LEU G 75 -41.42 -7.07 -20.63
N PRO G 76 -42.41 -7.37 -19.78
CA PRO G 76 -43.21 -6.30 -19.17
C PRO G 76 -42.36 -5.44 -18.25
N ALA G 77 -42.88 -4.26 -17.93
CA ALA G 77 -42.05 -3.25 -17.27
C ALA G 77 -42.05 -3.40 -15.75
N LYS G 78 -43.22 -3.55 -15.16
CA LYS G 78 -43.27 -3.55 -13.71
C LYS G 78 -43.46 -4.97 -13.18
N PRO G 79 -43.07 -5.24 -11.92
CA PRO G 79 -42.82 -6.64 -11.52
C PRO G 79 -43.96 -7.63 -11.72
N GLN G 80 -45.20 -7.31 -11.36
CA GLN G 80 -46.24 -8.33 -11.34
C GLN G 80 -46.48 -8.92 -12.73
N ALA G 81 -46.56 -8.05 -13.74
CA ALA G 81 -46.67 -8.54 -15.12
C ALA G 81 -45.40 -9.23 -15.56
N MET G 82 -44.24 -8.75 -15.09
CA MET G 82 -42.98 -9.41 -15.41
C MET G 82 -42.90 -10.79 -14.79
N GLN G 83 -43.49 -10.98 -13.61
CA GLN G 83 -43.48 -12.30 -12.96
C GLN G 83 -44.32 -13.29 -13.74
N ALA G 84 -45.50 -12.88 -14.19
CA ALA G 84 -46.37 -13.78 -14.94
C ALA G 84 -45.76 -14.12 -16.30
N PHE G 85 -45.06 -13.17 -16.93
CA PHE G 85 -44.44 -13.43 -18.22
C PHE G 85 -43.31 -14.44 -18.09
N LEU G 86 -42.41 -14.23 -17.11
CA LEU G 86 -41.28 -15.13 -16.94
C LEU G 86 -41.71 -16.52 -16.51
N THR G 87 -42.81 -16.62 -15.74
CA THR G 87 -43.34 -17.93 -15.39
C THR G 87 -43.81 -18.66 -16.63
N GLU G 88 -44.50 -17.95 -17.54
CA GLU G 88 -44.95 -18.57 -18.79
C GLU G 88 -43.76 -18.81 -19.72
N TYR G 89 -42.79 -17.89 -19.73
CA TYR G 89 -41.66 -18.02 -20.64
C TYR G 89 -40.76 -19.20 -20.27
N CYS G 90 -40.63 -19.49 -18.97
CA CYS G 90 -39.74 -20.55 -18.51
C CYS G 90 -40.48 -21.85 -18.18
N GLY G 91 -41.80 -21.85 -18.21
CA GLY G 91 -42.54 -23.03 -17.76
C GLY G 91 -42.39 -23.31 -16.29
N ALA G 92 -42.26 -22.27 -15.47
CA ALA G 92 -42.06 -22.43 -14.04
C ALA G 92 -43.37 -22.74 -13.34
N ALA G 93 -43.25 -23.31 -12.14
CA ALA G 93 -44.41 -23.54 -11.30
C ALA G 93 -44.87 -22.22 -10.69
N ALA G 94 -46.09 -22.25 -10.14
CA ALA G 94 -46.65 -21.06 -9.53
C ALA G 94 -45.83 -20.63 -8.31
N GLY G 95 -45.44 -19.36 -8.27
CA GLY G 95 -44.66 -18.84 -7.18
C GLY G 95 -43.18 -19.21 -7.20
N GLN G 96 -42.74 -19.97 -8.20
CA GLN G 96 -41.33 -20.34 -8.28
C GLN G 96 -40.45 -19.13 -8.58
N ILE G 97 -40.94 -18.23 -9.45
CA ILE G 97 -40.24 -17.00 -9.79
C ILE G 97 -40.91 -15.84 -9.08
N ARG G 98 -40.12 -15.03 -8.40
CA ARG G 98 -40.60 -13.83 -7.72
CA ARG G 98 -40.60 -13.83 -7.72
C ARG G 98 -39.82 -12.62 -8.22
N VAL G 99 -40.54 -11.61 -8.70
CA VAL G 99 -39.93 -10.41 -9.25
C VAL G 99 -40.20 -9.25 -8.30
N PHE G 100 -39.17 -8.44 -8.07
CA PHE G 100 -39.26 -7.29 -7.17
C PHE G 100 -38.71 -6.06 -7.87
N GLY G 101 -39.35 -4.92 -7.63
CA GLY G 101 -38.91 -3.67 -8.21
C GLY G 101 -37.56 -3.21 -7.65
N GLN G 102 -36.94 -2.26 -8.35
CA GLN G 102 -35.61 -1.82 -8.01
C GLN G 102 -35.57 -0.96 -6.74
N ASN G 103 -36.72 -0.53 -6.22
CA ASN G 103 -36.76 0.24 -4.99
C ASN G 103 -37.62 -0.44 -3.92
N ASP G 104 -37.87 -1.74 -4.07
CA ASP G 104 -38.66 -2.52 -3.10
C ASP G 104 -37.72 -2.98 -2.00
N TRP G 105 -37.49 -2.10 -1.03
CA TRP G 105 -36.62 -2.42 0.10
C TRP G 105 -37.24 -3.44 1.04
N MET G 106 -38.54 -3.70 0.94
CA MET G 106 -39.18 -4.75 1.72
C MET G 106 -38.97 -6.14 1.10
N ALA G 107 -38.33 -6.22 -0.05
CA ALA G 107 -38.12 -7.51 -0.70
C ALA G 107 -37.14 -8.36 0.13
N PRO G 108 -37.26 -9.68 0.05
CA PRO G 108 -36.39 -10.57 0.82
C PRO G 108 -34.90 -10.29 0.59
N PRO G 109 -34.43 -10.13 -0.66
CA PRO G 109 -32.98 -9.96 -0.85
C PRO G 109 -32.39 -8.71 -0.21
N ALA G 110 -33.21 -7.81 0.32
CA ALA G 110 -32.69 -6.57 0.91
C ALA G 110 -32.28 -6.72 2.36
N SER G 111 -32.70 -7.79 3.04
CA SER G 111 -32.38 -8.00 4.44
C SER G 111 -31.64 -9.33 4.61
N GLY G 112 -30.74 -9.37 5.59
CA GLY G 112 -29.91 -10.56 5.76
C GLY G 112 -30.68 -11.79 6.18
N SER G 113 -31.66 -11.62 7.07
CA SER G 113 -32.39 -12.77 7.60
C SER G 113 -33.31 -13.39 6.56
N SER G 114 -33.76 -12.61 5.58
CA SER G 114 -34.77 -13.06 4.63
C SER G 114 -34.25 -13.28 3.22
N ALA G 115 -33.01 -12.90 2.94
CA ALA G 115 -32.50 -12.98 1.57
C ALA G 115 -32.21 -14.43 1.17
N PRO G 116 -32.34 -14.74 -0.12
CA PRO G 116 -31.84 -16.03 -0.61
C PRO G 116 -30.33 -16.12 -0.37
N ASN G 117 -29.88 -17.33 -0.06
CA ASN G 117 -28.50 -17.55 0.34
C ASN G 117 -27.54 -17.70 -0.82
N ALA G 118 -27.88 -17.16 -1.99
CA ALA G 118 -26.99 -17.13 -3.14
C ALA G 118 -27.51 -16.08 -4.11
N MET G 119 -26.59 -15.33 -4.71
CA MET G 119 -26.96 -14.27 -5.64
C MET G 119 -26.05 -14.31 -6.86
N VAL G 120 -26.65 -14.08 -8.03
CA VAL G 120 -25.93 -14.01 -9.29
C VAL G 120 -26.36 -12.74 -10.01
N ILE G 121 -25.39 -11.97 -10.48
CA ILE G 121 -25.63 -10.81 -11.33
C ILE G 121 -25.15 -11.18 -12.73
N CYS G 122 -26.09 -11.51 -13.61
CA CYS G 122 -25.76 -12.00 -14.94
C CYS G 122 -26.71 -11.44 -15.99
N PRO G 123 -26.23 -10.56 -16.88
CA PRO G 123 -24.87 -10.03 -16.88
C PRO G 123 -24.68 -8.88 -15.89
N CYS G 124 -23.43 -8.58 -15.55
CA CYS G 124 -23.10 -7.52 -14.60
C CYS G 124 -22.43 -6.38 -15.34
N SER G 125 -23.10 -5.23 -15.40
CA SER G 125 -22.52 -4.07 -16.06
C SER G 125 -21.36 -3.52 -15.24
N THR G 126 -20.53 -2.69 -15.90
CA THR G 126 -19.43 -2.05 -15.20
C THR G 126 -19.94 -1.10 -14.12
N GLY G 127 -21.11 -0.51 -14.32
CA GLY G 127 -21.67 0.36 -13.31
C GLY G 127 -22.14 -0.39 -12.07
N THR G 128 -22.75 -1.56 -12.26
CA THR G 128 -23.15 -2.38 -11.12
C THR G 128 -21.94 -2.98 -10.44
N LEU G 129 -20.95 -3.43 -11.22
CA LEU G 129 -19.68 -3.89 -10.64
C LEU G 129 -19.06 -2.80 -9.78
N SER G 130 -19.13 -1.55 -10.22
CA SER G 130 -18.60 -0.45 -9.43
C SER G 130 -19.42 -0.22 -8.17
N ALA G 131 -20.74 -0.23 -8.29
CA ALA G 131 -21.60 0.05 -7.14
C ALA G 131 -21.46 -1.03 -6.07
N VAL G 132 -21.33 -2.29 -6.48
CA VAL G 132 -21.13 -3.36 -5.51
C VAL G 132 -19.77 -3.23 -4.84
N ALA G 133 -18.74 -2.85 -5.60
CA ALA G 133 -17.41 -2.72 -5.03
C ALA G 133 -17.31 -1.55 -4.07
N THR G 134 -18.09 -0.49 -4.29
CA THR G 134 -18.09 0.67 -3.41
C THR G 134 -19.19 0.64 -2.36
N GLY G 135 -20.18 -0.24 -2.51
CA GLY G 135 -21.26 -0.32 -1.55
C GLY G 135 -22.33 0.74 -1.72
N ALA G 136 -22.59 1.16 -2.95
CA ALA G 136 -23.48 2.30 -3.19
C ALA G 136 -24.89 2.01 -2.70
N CYS G 137 -25.40 0.80 -2.93
CA CYS G 137 -26.74 0.40 -2.49
C CYS G 137 -27.80 1.38 -2.98
N ASN G 138 -27.71 1.78 -4.25
CA ASN G 138 -28.64 2.75 -4.79
C ASN G 138 -29.94 2.12 -5.30
N ASN G 139 -29.96 0.80 -5.50
CA ASN G 139 -31.17 0.10 -5.87
C ASN G 139 -31.18 -1.27 -5.18
N LEU G 140 -32.23 -2.05 -5.45
CA LEU G 140 -32.37 -3.34 -4.78
C LEU G 140 -31.28 -4.30 -5.19
N ILE G 141 -30.83 -4.24 -6.45
CA ILE G 141 -29.77 -5.13 -6.91
C ILE G 141 -28.48 -4.86 -6.16
N GLU G 142 -28.09 -3.59 -6.05
CA GLU G 142 -26.85 -3.25 -5.36
C GLU G 142 -26.96 -3.49 -3.85
N ARG G 143 -28.14 -3.26 -3.28
CA ARG G 143 -28.33 -3.54 -1.86
C ARG G 143 -28.31 -5.04 -1.59
N ALA G 144 -28.90 -5.84 -2.48
CA ALA G 144 -28.89 -7.28 -2.30
C ALA G 144 -27.48 -7.84 -2.37
N ALA G 145 -26.66 -7.33 -3.28
CA ALA G 145 -25.26 -7.76 -3.35
C ALA G 145 -24.50 -7.33 -2.10
N ASP G 146 -24.80 -6.14 -1.57
CA ASP G 146 -24.18 -5.70 -0.34
C ASP G 146 -24.58 -6.60 0.83
N VAL G 147 -25.83 -7.04 0.86
CA VAL G 147 -26.27 -7.96 1.91
C VAL G 147 -25.59 -9.31 1.76
N ALA G 148 -25.45 -9.80 0.53
CA ALA G 148 -24.80 -11.09 0.32
C ALA G 148 -23.36 -11.09 0.80
N LEU G 149 -22.67 -9.96 0.66
CA LEU G 149 -21.27 -9.88 1.10
C LEU G 149 -21.18 -9.80 2.62
N LYS G 150 -22.07 -9.04 3.27
CA LYS G 150 -22.02 -8.93 4.71
C LYS G 150 -22.49 -10.20 5.40
N GLU G 151 -23.24 -11.06 4.71
CA GLU G 151 -23.68 -12.34 5.25
C GLU G 151 -22.80 -13.50 4.80
N ARG G 152 -21.72 -13.22 4.06
CA ARG G 152 -20.79 -14.26 3.61
CA ARG G 152 -20.79 -14.26 3.61
C ARG G 152 -21.50 -15.30 2.74
N ARG G 153 -22.40 -14.83 1.89
CA ARG G 153 -23.12 -15.75 1.01
C ARG G 153 -22.59 -15.65 -0.42
N PRO G 154 -22.71 -16.71 -1.20
CA PRO G 154 -22.15 -16.71 -2.57
C PRO G 154 -22.67 -15.54 -3.40
N LEU G 155 -21.75 -14.85 -4.05
CA LEU G 155 -22.06 -13.73 -4.92
C LEU G 155 -21.27 -13.91 -6.21
N VAL G 156 -21.97 -14.18 -7.31
CA VAL G 156 -21.36 -14.43 -8.61
C VAL G 156 -21.69 -13.25 -9.52
N LEU G 157 -20.67 -12.62 -10.06
CA LEU G 157 -20.82 -11.50 -10.98
C LEU G 157 -20.32 -11.90 -12.35
N VAL G 158 -21.13 -11.64 -13.38
CA VAL G 158 -20.80 -12.04 -14.75
C VAL G 158 -20.66 -10.78 -15.61
N PRO G 159 -19.49 -10.15 -15.63
CA PRO G 159 -19.32 -8.96 -16.46
C PRO G 159 -19.13 -9.29 -17.93
N ARG G 160 -19.56 -8.35 -18.78
CA ARG G 160 -19.35 -8.42 -20.23
C ARG G 160 -18.82 -7.07 -20.65
N GLU G 161 -17.50 -6.98 -20.85
CA GLU G 161 -16.88 -5.73 -21.28
C GLU G 161 -15.54 -6.04 -21.90
N ALA G 162 -15.17 -5.26 -22.91
CA ALA G 162 -13.90 -5.40 -23.59
C ALA G 162 -13.51 -4.07 -24.24
N PRO G 163 -12.32 -3.53 -23.93
CA PRO G 163 -11.35 -4.09 -22.98
C PRO G 163 -11.73 -3.84 -21.52
N PHE G 164 -11.04 -4.51 -20.60
CA PHE G 164 -11.17 -4.26 -19.17
C PHE G 164 -10.23 -3.13 -18.80
N SER G 165 -10.78 -1.99 -18.38
CA SER G 165 -9.95 -0.91 -17.89
C SER G 165 -9.40 -1.26 -16.51
N SER G 166 -8.43 -0.46 -16.05
CA SER G 166 -7.90 -0.64 -14.71
C SER G 166 -8.97 -0.38 -13.65
N ILE G 167 -9.92 0.50 -13.96
CA ILE G 167 -11.04 0.72 -13.04
C ILE G 167 -11.90 -0.54 -12.92
N HIS G 168 -12.19 -1.18 -14.05
CA HIS G 168 -12.93 -2.43 -14.02
C HIS G 168 -12.17 -3.51 -13.25
N LEU G 169 -10.86 -3.59 -13.47
CA LEU G 169 -10.07 -4.68 -12.90
C LEU G 169 -9.91 -4.52 -11.40
N GLU G 170 -9.73 -3.29 -10.92
CA GLU G 170 -9.61 -3.06 -9.48
C GLU G 170 -10.93 -3.34 -8.77
N ASN G 171 -12.05 -3.01 -9.40
CA ASN G 171 -13.34 -3.35 -8.82
C ASN G 171 -13.55 -4.85 -8.74
N MET G 172 -13.15 -5.57 -9.80
CA MET G 172 -13.24 -7.03 -9.78
C MET G 172 -12.28 -7.63 -8.75
N LEU G 173 -11.07 -7.09 -8.67
CA LEU G 173 -10.07 -7.61 -7.72
C LEU G 173 -10.52 -7.40 -6.28
N LYS G 174 -11.09 -6.24 -5.97
CA LYS G 174 -11.54 -5.98 -4.61
C LYS G 174 -12.65 -6.93 -4.20
N LEU G 175 -13.61 -7.17 -5.09
CA LEU G 175 -14.73 -8.04 -4.76
C LEU G 175 -14.29 -9.50 -4.70
N SER G 176 -13.38 -9.92 -5.58
CA SER G 176 -12.90 -11.29 -5.56
C SER G 176 -12.05 -11.56 -4.31
N ASN G 177 -11.31 -10.55 -3.85
CA ASN G 177 -10.57 -10.69 -2.59
C ASN G 177 -11.51 -10.87 -1.41
N LEU G 178 -12.73 -10.36 -1.51
CA LEU G 178 -13.72 -10.45 -0.44
C LEU G 178 -14.54 -11.73 -0.49
N GLY G 179 -14.33 -12.58 -1.50
CA GLY G 179 -15.03 -13.84 -1.62
C GLY G 179 -15.96 -13.94 -2.80
N ALA G 180 -16.29 -12.82 -3.45
CA ALA G 180 -17.15 -12.88 -4.63
C ALA G 180 -16.44 -13.58 -5.77
N VAL G 181 -17.23 -14.21 -6.64
CA VAL G 181 -16.71 -14.94 -7.79
C VAL G 181 -16.88 -14.07 -9.03
N ILE G 182 -15.76 -13.68 -9.64
CA ILE G 182 -15.77 -12.91 -10.87
C ILE G 182 -15.72 -13.91 -12.02
N LEU G 183 -16.88 -14.17 -12.63
CA LEU G 183 -17.01 -15.12 -13.72
C LEU G 183 -17.36 -14.35 -14.99
N PRO G 184 -16.37 -13.90 -15.77
CA PRO G 184 -16.67 -13.11 -16.97
C PRO G 184 -17.36 -13.94 -18.02
N ALA G 185 -18.16 -13.27 -18.86
CA ALA G 185 -18.83 -13.92 -19.97
C ALA G 185 -17.83 -14.25 -21.06
N ALA G 186 -16.88 -15.13 -20.77
CA ALA G 186 -15.82 -15.53 -21.70
C ALA G 186 -15.98 -17.01 -21.99
N PRO G 187 -16.81 -17.39 -22.97
CA PRO G 187 -17.05 -18.81 -23.22
C PRO G 187 -15.83 -19.49 -23.83
N GLY G 188 -15.63 -20.75 -23.44
CA GLY G 188 -14.55 -21.54 -23.99
C GLY G 188 -14.96 -22.25 -25.26
N PHE G 189 -13.95 -22.74 -25.99
CA PHE G 189 -14.17 -23.40 -27.28
C PHE G 189 -13.70 -24.84 -27.29
N TYR G 190 -13.30 -25.40 -26.14
CA TYR G 190 -12.72 -26.73 -26.11
C TYR G 190 -13.74 -27.85 -26.14
N HIS G 191 -15.04 -27.53 -26.16
CA HIS G 191 -16.07 -28.52 -26.43
C HIS G 191 -16.60 -28.42 -27.85
N GLN G 192 -15.86 -27.74 -28.73
CA GLN G 192 -16.17 -27.53 -30.14
C GLN G 192 -17.60 -27.07 -30.33
N PRO G 193 -17.91 -25.81 -30.00
CA PRO G 193 -19.29 -25.33 -30.14
C PRO G 193 -19.66 -25.12 -31.60
N GLN G 194 -20.94 -25.31 -31.89
CA GLN G 194 -21.47 -25.14 -33.24
C GLN G 194 -22.50 -24.03 -33.35
N SER G 195 -22.85 -23.38 -32.25
CA SER G 195 -23.91 -22.38 -32.27
C SER G 195 -23.63 -21.33 -31.20
N VAL G 196 -24.34 -20.20 -31.32
CA VAL G 196 -24.29 -19.19 -30.28
C VAL G 196 -24.81 -19.75 -28.96
N GLU G 197 -25.83 -20.61 -29.04
CA GLU G 197 -26.40 -21.20 -27.83
C GLU G 197 -25.42 -22.11 -27.11
N ASP G 198 -24.50 -22.75 -27.85
CA ASP G 198 -23.48 -23.56 -27.22
C ASP G 198 -22.55 -22.71 -26.38
N LEU G 199 -22.19 -21.52 -26.88
CA LEU G 199 -21.33 -20.64 -26.10
C LEU G 199 -22.07 -20.03 -24.92
N VAL G 200 -23.36 -19.76 -25.07
CA VAL G 200 -24.17 -19.29 -23.95
C VAL G 200 -24.25 -20.36 -22.87
N ASP G 201 -24.46 -21.61 -23.28
CA ASP G 201 -24.57 -22.70 -22.31
C ASP G 201 -23.25 -22.96 -21.59
N PHE G 202 -22.12 -22.68 -22.24
CA PHE G 202 -20.83 -22.83 -21.59
C PHE G 202 -20.74 -21.96 -20.35
N VAL G 203 -21.09 -20.67 -20.48
CA VAL G 203 -20.99 -19.75 -19.36
C VAL G 203 -22.03 -20.09 -18.29
N VAL G 204 -23.25 -20.42 -18.72
CA VAL G 204 -24.30 -20.77 -17.75
C VAL G 204 -23.91 -22.01 -16.96
N ALA G 205 -23.31 -23.00 -17.63
CA ALA G 205 -22.88 -24.21 -16.94
C ALA G 205 -21.81 -23.91 -15.90
N ARG G 206 -20.92 -22.96 -16.21
CA ARG G 206 -19.90 -22.57 -15.24
C ARG G 206 -20.52 -21.87 -14.04
N ILE G 207 -21.57 -21.08 -14.27
CA ILE G 207 -22.25 -20.38 -13.18
C ILE G 207 -22.91 -21.40 -12.25
N LEU G 208 -23.65 -22.36 -12.82
CA LEU G 208 -24.25 -23.41 -12.01
C LEU G 208 -23.18 -24.22 -11.29
N ASN G 209 -22.06 -24.49 -11.97
CA ASN G 209 -20.96 -25.22 -11.34
C ASN G 209 -20.41 -24.43 -10.15
N THR G 210 -20.30 -23.11 -10.28
CA THR G 210 -19.83 -22.29 -9.18
C THR G 210 -20.82 -22.32 -8.01
N LEU G 211 -22.11 -22.29 -8.31
CA LEU G 211 -23.15 -22.31 -7.28
C LEU G 211 -23.34 -23.69 -6.65
N GLY G 212 -22.74 -24.73 -7.23
CA GLY G 212 -22.98 -26.08 -6.75
C GLY G 212 -24.27 -26.70 -7.23
N ILE G 213 -24.79 -26.25 -8.35
CA ILE G 213 -26.06 -26.73 -8.91
C ILE G 213 -25.75 -27.62 -10.11
N PRO G 214 -26.38 -28.79 -10.22
CA PRO G 214 -26.09 -29.67 -11.36
C PRO G 214 -26.42 -29.02 -12.70
N GLN G 215 -25.73 -29.50 -13.73
CA GLN G 215 -25.93 -29.03 -15.10
C GLN G 215 -26.60 -30.12 -15.91
N ASP G 216 -27.61 -29.73 -16.71
CA ASP G 216 -28.35 -30.68 -17.53
C ASP G 216 -28.86 -29.94 -18.77
N MET G 217 -28.17 -30.11 -19.89
CA MET G 217 -28.55 -29.48 -21.14
C MET G 217 -29.93 -29.96 -21.63
N SER H 23 -17.99 -38.20 4.58
CA SER H 23 -17.56 -36.90 5.08
C SER H 23 -16.24 -36.48 4.44
N GLY H 24 -16.17 -35.21 4.03
CA GLY H 24 -15.00 -34.69 3.36
C GLY H 24 -15.06 -34.93 1.87
N PRO H 25 -14.05 -34.44 1.15
CA PRO H 25 -14.03 -34.63 -0.30
C PRO H 25 -13.78 -36.07 -0.68
N GLU H 26 -14.48 -36.53 -1.71
CA GLU H 26 -14.31 -37.89 -2.20
C GLU H 26 -13.12 -38.03 -3.14
N ARG H 27 -12.81 -36.99 -3.91
CA ARG H 27 -11.66 -37.00 -4.80
C ARG H 27 -10.71 -35.89 -4.39
N ILE H 28 -9.42 -36.22 -4.29
CA ILE H 28 -8.39 -35.27 -3.86
C ILE H 28 -7.24 -35.32 -4.85
N THR H 29 -6.78 -34.15 -5.27
CA THR H 29 -5.54 -34.04 -6.05
C THR H 29 -4.36 -33.95 -5.08
N LEU H 30 -3.49 -34.94 -5.10
CA LEU H 30 -2.31 -34.97 -4.24
C LEU H 30 -1.08 -34.76 -5.11
N ALA H 31 -0.38 -33.65 -4.89
CA ALA H 31 0.81 -33.30 -5.64
C ALA H 31 2.02 -33.32 -4.71
N MET H 32 3.09 -33.96 -5.17
CA MET H 32 4.36 -33.99 -4.45
C MET H 32 5.38 -33.20 -5.26
N THR H 33 5.98 -32.20 -4.63
CA THR H 33 6.99 -31.37 -5.27
C THR H 33 8.31 -31.49 -4.52
N GLY H 34 9.35 -30.90 -5.11
CA GLY H 34 10.73 -31.17 -4.72
C GLY H 34 11.20 -30.65 -3.37
N ALA H 35 10.32 -30.59 -2.38
CA ALA H 35 10.74 -30.25 -1.03
C ALA H 35 11.05 -31.52 -0.26
N SER H 36 11.93 -31.39 0.74
CA SER H 36 12.28 -32.52 1.58
C SER H 36 11.09 -32.91 2.45
N GLY H 37 10.92 -34.21 2.66
CA GLY H 37 9.80 -34.70 3.42
C GLY H 37 8.87 -35.56 2.59
N ALA H 38 9.46 -36.46 1.80
CA ALA H 38 8.64 -37.34 0.96
C ALA H 38 7.80 -38.30 1.80
N GLN H 39 8.24 -38.58 3.03
CA GLN H 39 7.45 -39.42 3.92
C GLN H 39 6.09 -38.82 4.21
N TYR H 40 6.00 -37.48 4.26
CA TYR H 40 4.71 -36.83 4.48
C TYR H 40 3.73 -37.15 3.36
N GLY H 41 4.19 -37.05 2.11
CA GLY H 41 3.30 -37.31 0.98
C GLY H 41 2.92 -38.77 0.85
N LEU H 42 3.88 -39.67 1.06
CA LEU H 42 3.58 -41.09 0.97
C LEU H 42 2.62 -41.52 2.08
N ARG H 43 2.83 -41.02 3.30
CA ARG H 43 1.93 -41.36 4.40
C ARG H 43 0.53 -40.79 4.16
N LEU H 44 0.46 -39.58 3.60
CA LEU H 44 -0.84 -38.99 3.30
C LEU H 44 -1.58 -39.79 2.21
N LEU H 45 -0.85 -40.19 1.16
CA LEU H 45 -1.46 -41.01 0.12
C LEU H 45 -1.99 -42.32 0.69
N ASP H 46 -1.24 -42.93 1.62
CA ASP H 46 -1.68 -44.19 2.22
C ASP H 46 -2.94 -43.99 3.05
N CYS H 47 -3.04 -42.87 3.76
CA CYS H 47 -4.22 -42.61 4.57
C CYS H 47 -5.42 -42.27 3.71
N LEU H 48 -5.21 -41.51 2.62
CA LEU H 48 -6.32 -41.20 1.72
C LEU H 48 -6.86 -42.45 1.07
N VAL H 49 -5.99 -43.42 0.75
CA VAL H 49 -6.44 -44.68 0.20
C VAL H 49 -7.22 -45.48 1.23
N GLN H 50 -6.72 -45.52 2.48
CA GLN H 50 -7.42 -46.25 3.53
C GLN H 50 -8.78 -45.64 3.83
N GLU H 51 -8.94 -44.35 3.61
CA GLU H 51 -10.22 -43.69 3.78
C GLU H 51 -11.09 -43.75 2.53
N GLU H 52 -10.73 -44.60 1.57
CA GLU H 52 -11.54 -44.87 0.38
C GLU H 52 -11.79 -43.60 -0.43
N ARG H 53 -10.72 -42.82 -0.63
CA ARG H 53 -10.78 -41.62 -1.44
C ARG H 53 -10.08 -41.85 -2.77
N GLU H 54 -10.63 -41.29 -3.84
CA GLU H 54 -9.98 -41.33 -5.15
C GLU H 54 -8.92 -40.23 -5.19
N VAL H 55 -7.68 -40.62 -5.50
CA VAL H 55 -6.54 -39.71 -5.45
C VAL H 55 -6.00 -39.53 -6.86
N HIS H 56 -5.94 -38.28 -7.33
CA HIS H 56 -5.28 -37.93 -8.57
C HIS H 56 -3.85 -37.53 -8.23
N PHE H 57 -2.91 -38.44 -8.43
CA PHE H 57 -1.54 -38.27 -7.95
C PHE H 57 -0.68 -37.57 -9.00
N LEU H 58 -0.02 -36.49 -8.58
CA LEU H 58 0.93 -35.77 -9.41
C LEU H 58 2.25 -35.66 -8.67
N ILE H 59 3.35 -35.68 -9.41
CA ILE H 59 4.67 -35.58 -8.83
C ILE H 59 5.59 -34.88 -9.82
N SER H 60 6.43 -33.98 -9.31
CA SER H 60 7.38 -33.25 -10.12
C SER H 60 8.66 -34.07 -10.30
N LYS H 61 9.48 -33.66 -11.27
CA LYS H 61 10.74 -34.34 -11.49
C LYS H 61 11.68 -34.19 -10.29
N ALA H 62 11.68 -33.01 -9.67
CA ALA H 62 12.51 -32.81 -8.49
C ALA H 62 12.04 -33.66 -7.32
N ALA H 63 10.72 -33.82 -7.18
CA ALA H 63 10.19 -34.65 -6.11
C ALA H 63 10.57 -36.12 -6.29
N GLN H 64 10.67 -36.57 -7.55
CA GLN H 64 11.13 -37.94 -7.79
C GLN H 64 12.57 -38.11 -7.32
N LEU H 65 13.40 -37.09 -7.50
CA LEU H 65 14.77 -37.16 -7.02
C LEU H 65 14.83 -37.13 -5.49
N VAL H 66 13.92 -36.39 -4.87
CA VAL H 66 13.88 -36.33 -3.40
C VAL H 66 13.49 -37.69 -2.83
N MET H 67 12.47 -38.32 -3.41
CA MET H 67 12.01 -39.61 -2.91
C MET H 67 13.09 -40.69 -3.07
N ALA H 68 13.84 -40.63 -4.17
CA ALA H 68 14.93 -41.58 -4.36
C ALA H 68 16.08 -41.31 -3.40
N THR H 69 16.26 -40.06 -3.00
CA THR H 69 17.38 -39.70 -2.13
C THR H 69 17.05 -39.98 -0.65
N GLU H 70 15.82 -39.68 -0.24
CA GLU H 70 15.46 -39.75 1.18
C GLU H 70 14.91 -41.10 1.59
N THR H 71 14.20 -41.79 0.71
CA THR H 71 13.51 -43.03 1.05
C THR H 71 14.12 -44.19 0.30
N ASP H 72 13.68 -45.40 0.68
CA ASP H 72 14.02 -46.62 -0.03
C ASP H 72 12.90 -47.04 -0.98
N VAL H 73 12.03 -46.11 -1.37
CA VAL H 73 10.92 -46.39 -2.27
C VAL H 73 11.40 -46.21 -3.70
N ALA H 74 11.39 -47.29 -4.48
CA ALA H 74 11.81 -47.26 -5.88
C ALA H 74 10.59 -46.92 -6.72
N LEU H 75 10.36 -45.64 -6.93
CA LEU H 75 9.19 -45.18 -7.68
C LEU H 75 9.48 -45.20 -9.17
N PRO H 76 8.70 -45.89 -9.98
CA PRO H 76 8.89 -45.83 -11.44
C PRO H 76 8.66 -44.41 -11.96
N ALA H 77 9.25 -44.12 -13.12
CA ALA H 77 9.26 -42.77 -13.67
C ALA H 77 8.00 -42.45 -14.48
N LYS H 78 7.54 -43.39 -15.33
CA LYS H 78 6.41 -43.04 -16.18
C LYS H 78 5.09 -43.30 -15.47
N PRO H 79 4.04 -42.58 -15.85
CA PRO H 79 2.82 -42.57 -15.01
C PRO H 79 2.17 -43.94 -14.83
N GLN H 80 2.02 -44.72 -15.90
CA GLN H 80 1.28 -45.98 -15.78
C GLN H 80 1.98 -46.96 -14.85
N ALA H 81 3.30 -47.10 -14.98
CA ALA H 81 4.03 -47.94 -14.04
C ALA H 81 4.02 -47.34 -12.63
N MET H 82 4.03 -46.02 -12.53
CA MET H 82 3.94 -45.37 -11.23
C MET H 82 2.57 -45.61 -10.59
N GLN H 83 1.52 -45.64 -11.42
CA GLN H 83 0.17 -45.89 -10.89
C GLN H 83 0.04 -47.31 -10.35
N ALA H 84 0.68 -48.28 -11.02
CA ALA H 84 0.61 -49.65 -10.54
C ALA H 84 1.45 -49.85 -9.28
N PHE H 85 2.59 -49.17 -9.19
CA PHE H 85 3.44 -49.30 -8.01
C PHE H 85 2.75 -48.73 -6.78
N LEU H 86 2.19 -47.52 -6.89
CA LEU H 86 1.52 -46.91 -5.75
C LEU H 86 0.25 -47.66 -5.37
N THR H 87 -0.39 -48.32 -6.34
CA THR H 87 -1.58 -49.11 -6.03
C THR H 87 -1.22 -50.29 -5.14
N GLU H 88 -0.10 -50.97 -5.41
CA GLU H 88 0.35 -52.06 -4.56
C GLU H 88 0.99 -51.55 -3.28
N TYR H 89 1.65 -50.39 -3.34
CA TYR H 89 2.30 -49.85 -2.16
C TYR H 89 1.29 -49.51 -1.07
N CYS H 90 0.14 -48.97 -1.45
CA CYS H 90 -0.89 -48.57 -0.49
C CYS H 90 -2.03 -49.57 -0.39
N GLY H 91 -2.02 -50.64 -1.19
CA GLY H 91 -3.14 -51.56 -1.19
C GLY H 91 -4.42 -50.93 -1.70
N ALA H 92 -4.33 -50.13 -2.75
CA ALA H 92 -5.48 -49.43 -3.28
C ALA H 92 -6.26 -50.32 -4.25
N ALA H 93 -7.54 -49.98 -4.42
CA ALA H 93 -8.36 -50.66 -5.41
C ALA H 93 -8.00 -50.18 -6.80
N ALA H 94 -8.48 -50.92 -7.81
CA ALA H 94 -8.22 -50.54 -9.20
C ALA H 94 -8.89 -49.22 -9.52
N GLY H 95 -8.11 -48.29 -10.07
CA GLY H 95 -8.63 -46.98 -10.42
C GLY H 95 -8.75 -46.01 -9.26
N GLN H 96 -8.41 -46.43 -8.04
CA GLN H 96 -8.48 -45.50 -6.91
C GLN H 96 -7.39 -44.45 -6.99
N ILE H 97 -6.20 -44.83 -7.44
CA ILE H 97 -5.09 -43.92 -7.64
C ILE H 97 -4.91 -43.71 -9.14
N ARG H 98 -4.92 -42.45 -9.58
CA ARG H 98 -4.75 -42.10 -10.98
C ARG H 98 -3.59 -41.13 -11.09
N VAL H 99 -2.56 -41.52 -11.84
CA VAL H 99 -1.35 -40.72 -12.00
C VAL H 99 -1.38 -40.06 -13.38
N PHE H 100 -1.04 -38.77 -13.41
CA PHE H 100 -1.03 -38.00 -14.65
C PHE H 100 0.31 -37.31 -14.80
N GLY H 101 0.79 -37.21 -16.05
CA GLY H 101 2.04 -36.56 -16.33
C GLY H 101 1.99 -35.06 -16.08
N GLN H 102 3.18 -34.46 -16.00
CA GLN H 102 3.29 -33.04 -15.68
C GLN H 102 2.83 -32.14 -16.81
N ASN H 103 2.64 -32.67 -18.01
CA ASN H 103 2.16 -31.89 -19.15
C ASN H 103 0.83 -32.41 -19.69
N ASP H 104 0.15 -33.27 -18.93
CA ASP H 104 -1.13 -33.84 -19.34
C ASP H 104 -2.23 -32.83 -19.02
N TRP H 105 -2.48 -31.92 -19.96
CA TRP H 105 -3.50 -30.90 -19.75
C TRP H 105 -4.91 -31.45 -19.87
N MET H 106 -5.08 -32.62 -20.48
CA MET H 106 -6.38 -33.27 -20.53
C MET H 106 -6.74 -33.96 -19.22
N ALA H 107 -5.84 -33.98 -18.25
CA ALA H 107 -6.13 -34.59 -16.97
C ALA H 107 -7.25 -33.82 -16.26
N PRO H 108 -8.03 -34.51 -15.44
CA PRO H 108 -9.15 -33.84 -14.73
C PRO H 108 -8.72 -32.62 -13.94
N PRO H 109 -7.63 -32.68 -13.16
CA PRO H 109 -7.30 -31.52 -12.31
C PRO H 109 -6.99 -30.23 -13.07
N ALA H 110 -6.84 -30.28 -14.39
CA ALA H 110 -6.48 -29.09 -15.16
C ALA H 110 -7.69 -28.25 -15.57
N SER H 111 -8.90 -28.73 -15.33
CA SER H 111 -10.10 -28.00 -15.72
C SER H 111 -11.06 -27.91 -14.54
N GLY H 112 -11.77 -26.79 -14.45
CA GLY H 112 -12.63 -26.56 -13.29
C GLY H 112 -13.78 -27.54 -13.19
N SER H 113 -14.39 -27.90 -14.32
CA SER H 113 -15.54 -28.78 -14.29
C SER H 113 -15.18 -30.22 -13.98
N SER H 114 -13.94 -30.63 -14.21
CA SER H 114 -13.53 -32.02 -14.04
C SER H 114 -12.56 -32.25 -12.89
N ALA H 115 -12.05 -31.18 -12.27
CA ALA H 115 -11.03 -31.34 -11.25
C ALA H 115 -11.64 -31.90 -9.96
N PRO H 116 -10.86 -32.65 -9.18
CA PRO H 116 -11.29 -33.00 -7.83
C PRO H 116 -11.52 -31.75 -7.00
N ASN H 117 -12.40 -31.86 -6.00
CA ASN H 117 -12.86 -30.71 -5.23
C ASN H 117 -11.91 -30.33 -4.10
N ALA H 118 -10.71 -30.92 -4.03
CA ALA H 118 -9.73 -30.56 -3.03
C ALA H 118 -8.35 -30.93 -3.54
N MET H 119 -7.36 -30.12 -3.18
CA MET H 119 -5.99 -30.35 -3.63
C MET H 119 -5.02 -30.11 -2.48
N VAL H 120 -4.02 -30.99 -2.38
CA VAL H 120 -2.95 -30.87 -1.38
C VAL H 120 -1.62 -30.99 -2.10
N ILE H 121 -0.71 -30.07 -1.81
CA ILE H 121 0.66 -30.12 -2.31
C ILE H 121 1.55 -30.47 -1.12
N CYS H 122 1.94 -31.73 -1.03
CA CYS H 122 2.68 -32.22 0.14
C CYS H 122 3.79 -33.19 -0.29
N PRO H 123 5.07 -32.81 -0.12
CA PRO H 123 5.48 -31.49 0.37
C PRO H 123 5.48 -30.44 -0.73
N CYS H 124 5.50 -29.16 -0.33
CA CYS H 124 5.45 -28.04 -1.27
C CYS H 124 6.81 -27.34 -1.28
N SER H 125 7.52 -27.45 -2.40
CA SER H 125 8.78 -26.74 -2.55
C SER H 125 8.52 -25.23 -2.63
N THR H 126 9.58 -24.45 -2.36
CA THR H 126 9.47 -23.01 -2.47
C THR H 126 9.22 -22.58 -3.91
N GLY H 127 9.72 -23.35 -4.87
CA GLY H 127 9.46 -23.03 -6.27
C GLY H 127 8.01 -23.22 -6.66
N THR H 128 7.40 -24.31 -6.19
CA THR H 128 5.98 -24.52 -6.46
C THR H 128 5.13 -23.52 -5.69
N LEU H 129 5.52 -23.21 -4.45
CA LEU H 129 4.86 -22.14 -3.71
C LEU H 129 4.90 -20.82 -4.48
N SER H 130 6.04 -20.55 -5.12
CA SER H 130 6.18 -19.32 -5.91
C SER H 130 5.27 -19.34 -7.12
N ALA H 131 5.22 -20.47 -7.83
CA ALA H 131 4.43 -20.55 -9.05
C ALA H 131 2.94 -20.47 -8.77
N VAL H 132 2.49 -21.07 -7.67
CA VAL H 132 1.08 -20.98 -7.30
C VAL H 132 0.72 -19.56 -6.91
N ALA H 133 1.64 -18.86 -6.23
CA ALA H 133 1.37 -17.49 -5.81
C ALA H 133 1.34 -16.54 -7.00
N THR H 134 2.18 -16.78 -8.02
CA THR H 134 2.21 -15.92 -9.19
C THR H 134 1.27 -16.40 -10.30
N GLY H 135 0.90 -17.68 -10.31
CA GLY H 135 0.00 -18.20 -11.32
C GLY H 135 0.70 -18.65 -12.57
N ALA H 136 1.91 -19.20 -12.41
CA ALA H 136 2.75 -19.52 -13.56
C ALA H 136 2.12 -20.60 -14.45
N CYS H 137 1.51 -21.62 -13.84
CA CYS H 137 0.83 -22.68 -14.59
C CYS H 137 1.75 -23.33 -15.63
N ASN H 138 3.00 -23.59 -15.23
CA ASN H 138 3.96 -24.17 -16.17
C ASN H 138 3.89 -25.68 -16.24
N ASN H 139 3.22 -26.34 -15.29
CA ASN H 139 3.01 -27.78 -15.33
C ASN H 139 1.63 -28.08 -14.79
N LEU H 140 1.29 -29.37 -14.75
CA LEU H 140 -0.05 -29.78 -14.31
C LEU H 140 -0.27 -29.47 -12.83
N ILE H 141 0.77 -29.59 -12.01
CA ILE H 141 0.64 -29.30 -10.59
C ILE H 141 0.27 -27.84 -10.38
N GLU H 142 0.98 -26.93 -11.05
CA GLU H 142 0.72 -25.51 -10.89
C GLU H 142 -0.62 -25.12 -11.51
N ARG H 143 -0.97 -25.71 -12.65
CA ARG H 143 -2.26 -25.42 -13.27
C ARG H 143 -3.41 -25.92 -12.40
N ALA H 144 -3.25 -27.09 -11.79
CA ALA H 144 -4.30 -27.64 -10.94
C ALA H 144 -4.52 -26.76 -9.70
N ALA H 145 -3.44 -26.22 -9.14
CA ALA H 145 -3.59 -25.31 -8.00
C ALA H 145 -4.25 -24.01 -8.43
N ASP H 146 -3.93 -23.53 -9.63
CA ASP H 146 -4.58 -22.33 -10.15
C ASP H 146 -6.07 -22.56 -10.37
N VAL H 147 -6.44 -23.76 -10.85
CA VAL H 147 -7.84 -24.09 -11.03
C VAL H 147 -8.55 -24.18 -9.69
N ALA H 148 -7.89 -24.77 -8.69
CA ALA H 148 -8.51 -24.88 -7.37
C ALA H 148 -8.80 -23.52 -6.76
N LEU H 149 -7.94 -22.53 -7.02
CA LEU H 149 -8.14 -21.20 -6.48
C LEU H 149 -9.27 -20.46 -7.21
N LYS H 150 -9.34 -20.60 -8.53
CA LYS H 150 -10.39 -19.90 -9.29
C LYS H 150 -11.75 -20.53 -9.04
N GLU H 151 -11.80 -21.82 -8.68
CA GLU H 151 -13.04 -22.48 -8.31
C GLU H 151 -13.31 -22.39 -6.81
N ARG H 152 -12.41 -21.77 -6.05
CA ARG H 152 -12.57 -21.59 -4.60
CA ARG H 152 -12.57 -21.59 -4.60
C ARG H 152 -12.75 -22.94 -3.90
N ARG H 153 -11.87 -23.88 -4.24
CA ARG H 153 -11.86 -25.19 -3.62
C ARG H 153 -10.65 -25.31 -2.70
N PRO H 154 -10.72 -26.16 -1.66
CA PRO H 154 -9.64 -26.23 -0.68
C PRO H 154 -8.29 -26.53 -1.33
N LEU H 155 -7.28 -25.74 -0.96
CA LEU H 155 -5.93 -25.90 -1.44
C LEU H 155 -4.99 -25.83 -0.24
N VAL H 156 -4.37 -26.96 0.09
CA VAL H 156 -3.47 -27.07 1.24
C VAL H 156 -2.05 -27.19 0.73
N LEU H 157 -1.18 -26.30 1.20
CA LEU H 157 0.24 -26.30 0.84
C LEU H 157 1.07 -26.67 2.06
N VAL H 158 1.99 -27.61 1.88
CA VAL H 158 2.83 -28.09 2.98
C VAL H 158 4.29 -27.78 2.66
N PRO H 159 4.76 -26.58 2.97
CA PRO H 159 6.17 -26.25 2.70
C PRO H 159 7.10 -26.83 3.74
N ARG H 160 8.32 -27.14 3.29
CA ARG H 160 9.40 -27.60 4.17
C ARG H 160 10.62 -26.76 3.82
N GLU H 161 10.91 -25.75 4.63
CA GLU H 161 12.06 -24.89 4.38
C GLU H 161 12.44 -24.21 5.69
N ALA H 162 13.74 -24.01 5.88
CA ALA H 162 14.27 -23.31 7.04
C ALA H 162 15.62 -22.70 6.69
N PRO H 163 15.77 -21.38 6.85
CA PRO H 163 14.73 -20.46 7.30
C PRO H 163 13.73 -20.08 6.22
N PHE H 164 12.64 -19.41 6.62
CA PHE H 164 11.70 -18.82 5.68
C PHE H 164 12.18 -17.42 5.32
N SER H 165 12.51 -17.21 4.05
CA SER H 165 12.85 -15.87 3.60
C SER H 165 11.59 -15.03 3.45
N SER H 166 11.79 -13.72 3.29
CA SER H 166 10.65 -12.83 3.08
C SER H 166 9.95 -13.13 1.76
N ILE H 167 10.67 -13.66 0.78
CA ILE H 167 10.03 -14.10 -0.46
C ILE H 167 9.11 -15.28 -0.19
N HIS H 168 9.57 -16.25 0.60
CA HIS H 168 8.74 -17.38 0.98
C HIS H 168 7.51 -16.92 1.76
N LEU H 169 7.71 -16.05 2.74
CA LEU H 169 6.60 -15.61 3.57
C LEU H 169 5.61 -14.75 2.79
N GLU H 170 6.11 -13.95 1.85
CA GLU H 170 5.21 -13.12 1.04
C GLU H 170 4.34 -13.98 0.14
N ASN H 171 4.91 -15.01 -0.47
CA ASN H 171 4.12 -15.91 -1.30
C ASN H 171 3.11 -16.69 -0.46
N MET H 172 3.51 -17.12 0.74
CA MET H 172 2.58 -17.82 1.63
C MET H 172 1.45 -16.90 2.09
N LEU H 173 1.78 -15.65 2.44
CA LEU H 173 0.75 -14.73 2.92
C LEU H 173 -0.26 -14.40 1.84
N LYS H 174 0.20 -14.21 0.59
CA LYS H 174 -0.73 -13.91 -0.49
C LYS H 174 -1.70 -15.05 -0.72
N LEU H 175 -1.20 -16.29 -0.73
CA LEU H 175 -2.08 -17.44 -0.91
C LEU H 175 -2.94 -17.68 0.32
N SER H 176 -2.41 -17.41 1.51
CA SER H 176 -3.23 -17.54 2.72
C SER H 176 -4.36 -16.53 2.74
N ASN H 177 -4.10 -15.32 2.22
CA ASN H 177 -5.15 -14.30 2.15
C ASN H 177 -6.23 -14.64 1.14
N LEU H 178 -5.93 -15.51 0.17
CA LEU H 178 -6.89 -15.86 -0.87
C LEU H 178 -7.68 -17.13 -0.55
N GLY H 179 -7.40 -17.78 0.59
CA GLY H 179 -8.14 -18.94 1.02
C GLY H 179 -7.32 -20.21 1.17
N ALA H 180 -6.12 -20.25 0.58
CA ALA H 180 -5.28 -21.44 0.69
C ALA H 180 -4.79 -21.61 2.12
N VAL H 181 -4.64 -22.87 2.53
CA VAL H 181 -4.19 -23.22 3.86
C VAL H 181 -2.70 -23.49 3.81
N ILE H 182 -1.92 -22.67 4.50
CA ILE H 182 -0.47 -22.84 4.59
C ILE H 182 -0.19 -23.70 5.82
N LEU H 183 0.04 -24.99 5.59
CA LEU H 183 0.28 -25.96 6.66
C LEU H 183 1.72 -26.43 6.58
N PRO H 184 2.66 -25.77 7.24
CA PRO H 184 4.06 -26.16 7.12
C PRO H 184 4.32 -27.50 7.78
N ALA H 185 5.35 -28.18 7.28
CA ALA H 185 5.76 -29.46 7.86
C ALA H 185 6.47 -29.23 9.18
N ALA H 186 5.75 -28.69 10.17
CA ALA H 186 6.28 -28.39 11.49
C ALA H 186 5.50 -29.22 12.51
N PRO H 187 5.93 -30.45 12.77
CA PRO H 187 5.18 -31.31 13.70
C PRO H 187 5.32 -30.84 15.13
N GLY H 188 4.25 -31.03 15.90
CA GLY H 188 4.28 -30.73 17.31
C GLY H 188 4.76 -31.91 18.14
N PHE H 189 5.12 -31.62 19.39
CA PHE H 189 5.67 -32.63 20.29
C PHE H 189 4.79 -32.86 21.51
N TYR H 190 3.59 -32.27 21.56
CA TYR H 190 2.78 -32.33 22.77
C TYR H 190 2.01 -33.63 22.92
N HIS H 191 2.11 -34.55 21.96
CA HIS H 191 1.61 -35.91 22.12
C HIS H 191 2.73 -36.90 22.44
N GLN H 192 3.91 -36.39 22.81
CA GLN H 192 5.09 -37.16 23.18
C GLN H 192 5.42 -38.19 22.12
N PRO H 193 5.98 -37.78 20.98
CA PRO H 193 6.30 -38.73 19.92
C PRO H 193 7.49 -39.61 20.29
N GLN H 194 7.44 -40.86 19.84
CA GLN H 194 8.48 -41.84 20.12
C GLN H 194 9.32 -42.19 18.90
N SER H 195 8.92 -41.78 17.70
CA SER H 195 9.63 -42.15 16.49
C SER H 195 9.45 -41.07 15.44
N VAL H 196 10.19 -41.21 14.34
CA VAL H 196 10.03 -40.31 13.21
C VAL H 196 8.63 -40.45 12.62
N GLU H 197 8.08 -41.65 12.64
CA GLU H 197 6.74 -41.87 12.09
C GLU H 197 5.67 -41.12 12.88
N ASP H 198 5.88 -40.98 14.19
CA ASP H 198 4.93 -40.22 15.00
C ASP H 198 4.89 -38.75 14.59
N LEU H 199 6.05 -38.19 14.26
CA LEU H 199 6.09 -36.80 13.79
C LEU H 199 5.52 -36.67 12.39
N VAL H 200 5.72 -37.67 11.54
CA VAL H 200 5.10 -37.66 10.22
C VAL H 200 3.58 -37.74 10.34
N ASP H 201 3.09 -38.59 11.24
CA ASP H 201 1.65 -38.74 11.41
C ASP H 201 1.01 -37.48 11.99
N PHE H 202 1.77 -36.71 12.77
CA PHE H 202 1.25 -35.44 13.29
C PHE H 202 0.85 -34.50 12.15
N VAL H 203 1.77 -34.30 11.20
CA VAL H 203 1.48 -33.40 10.09
C VAL H 203 0.37 -33.97 9.20
N VAL H 204 0.42 -35.28 8.94
CA VAL H 204 -0.59 -35.89 8.08
C VAL H 204 -1.97 -35.79 8.72
N ALA H 205 -2.05 -35.96 10.04
CA ALA H 205 -3.33 -35.84 10.73
C ALA H 205 -3.90 -34.43 10.61
N ARG H 206 -3.03 -33.42 10.75
CA ARG H 206 -3.49 -32.04 10.58
C ARG H 206 -3.96 -31.78 9.16
N ILE H 207 -3.31 -32.39 8.17
CA ILE H 207 -3.75 -32.24 6.78
C ILE H 207 -5.13 -32.83 6.60
N LEU H 208 -5.34 -34.05 7.11
CA LEU H 208 -6.65 -34.70 7.00
C LEU H 208 -7.71 -33.92 7.76
N ASN H 209 -7.36 -33.40 8.94
CA ASN H 209 -8.31 -32.60 9.71
C ASN H 209 -8.67 -31.33 8.96
N THR H 210 -7.70 -30.70 8.31
CA THR H 210 -7.98 -29.50 7.52
C THR H 210 -8.93 -29.83 6.36
N LEU H 211 -8.79 -31.02 5.77
CA LEU H 211 -9.66 -31.45 4.69
C LEU H 211 -10.99 -31.99 5.17
N GLY H 212 -11.17 -32.19 6.47
CA GLY H 212 -12.39 -32.77 6.98
C GLY H 212 -12.48 -34.27 6.79
N ILE H 213 -11.35 -34.96 6.78
CA ILE H 213 -11.29 -36.41 6.59
C ILE H 213 -10.88 -37.04 7.90
N PRO H 214 -11.58 -38.08 8.37
CA PRO H 214 -11.28 -38.66 9.69
C PRO H 214 -10.00 -39.48 9.71
N GLN H 215 -9.70 -40.07 10.86
CA GLN H 215 -8.55 -40.96 11.01
C GLN H 215 -8.99 -42.31 11.55
N SER I 23 9.58 12.89 -38.93
CA SER I 23 9.37 11.81 -37.97
C SER I 23 10.08 12.09 -36.65
N GLY I 24 9.33 12.06 -35.56
CA GLY I 24 9.88 12.38 -34.26
C GLY I 24 9.68 13.84 -33.92
N PRO I 25 10.04 14.23 -32.70
CA PRO I 25 9.86 15.63 -32.30
C PRO I 25 10.85 16.55 -32.99
N GLU I 26 10.36 17.71 -33.40
CA GLU I 26 11.21 18.70 -34.04
C GLU I 26 12.06 19.46 -33.04
N ARG I 27 11.55 19.69 -31.83
CA ARG I 27 12.26 20.39 -30.78
C ARG I 27 12.43 19.46 -29.59
N ILE I 28 13.64 19.42 -29.03
CA ILE I 28 13.97 18.54 -27.91
C ILE I 28 14.72 19.36 -26.87
N THR I 29 14.31 19.23 -25.61
CA THR I 29 15.06 19.79 -24.49
C THR I 29 16.09 18.77 -24.04
N LEU I 30 17.37 19.11 -24.18
CA LEU I 30 18.47 18.23 -23.77
C LEU I 30 19.11 18.81 -22.52
N ALA I 31 19.01 18.07 -21.42
CA ALA I 31 19.56 18.48 -20.14
C ALA I 31 20.68 17.52 -19.75
N MET I 32 21.81 18.07 -19.32
CA MET I 32 22.94 17.28 -18.82
C MET I 32 23.14 17.62 -17.35
N THR I 33 23.14 16.60 -16.51
CA THR I 33 23.31 16.77 -15.07
C THR I 33 24.55 15.99 -14.61
N GLY I 34 24.87 16.14 -13.33
CA GLY I 34 26.17 15.75 -12.81
C GLY I 34 26.46 14.27 -12.64
N ALA I 35 25.95 13.44 -13.53
CA ALA I 35 26.31 12.02 -13.52
C ALA I 35 27.47 11.78 -14.47
N SER I 36 28.20 10.69 -14.22
CA SER I 36 29.31 10.32 -15.08
C SER I 36 28.79 9.86 -16.44
N GLY I 37 29.52 10.20 -17.49
CA GLY I 37 29.12 9.85 -18.84
C GLY I 37 28.74 11.06 -19.68
N ALA I 38 29.58 12.10 -19.63
CA ALA I 38 29.29 13.32 -20.38
C ALA I 38 29.32 13.11 -21.88
N GLN I 39 30.06 12.11 -22.37
CA GLN I 39 30.07 11.85 -23.81
C GLN I 39 28.74 11.30 -24.30
N TYR I 40 27.94 10.67 -23.44
CA TYR I 40 26.59 10.28 -23.85
C TYR I 40 25.78 11.50 -24.26
N GLY I 41 25.85 12.57 -23.46
CA GLY I 41 25.10 13.77 -23.79
C GLY I 41 25.67 14.53 -24.97
N LEU I 42 26.99 14.62 -25.06
CA LEU I 42 27.62 15.29 -26.19
C LEU I 42 27.35 14.54 -27.49
N ARG I 43 27.45 13.21 -27.47
CA ARG I 43 27.15 12.43 -28.66
C ARG I 43 25.68 12.55 -29.05
N LEU I 44 24.78 12.57 -28.07
CA LEU I 44 23.36 12.72 -28.37
C LEU I 44 23.07 14.10 -28.96
N LEU I 45 23.71 15.14 -28.42
CA LEU I 45 23.52 16.48 -28.97
C LEU I 45 23.96 16.55 -30.42
N ASP I 46 25.07 15.89 -30.75
CA ASP I 46 25.58 15.89 -32.11
C ASP I 46 24.62 15.19 -33.06
N CYS I 47 24.07 14.05 -32.65
CA CYS I 47 23.13 13.33 -33.51
C CYS I 47 21.83 14.09 -33.69
N LEU I 48 21.35 14.76 -32.64
CA LEU I 48 20.15 15.58 -32.77
C LEU I 48 20.38 16.73 -33.75
N VAL I 49 21.59 17.29 -33.76
CA VAL I 49 21.91 18.36 -34.70
C VAL I 49 21.98 17.81 -36.13
N GLN I 50 22.60 16.65 -36.31
CA GLN I 50 22.66 16.05 -37.64
C GLN I 50 21.28 15.69 -38.17
N GLU I 51 20.34 15.38 -37.28
CA GLU I 51 18.96 15.13 -37.67
C GLU I 51 18.15 16.41 -37.82
N GLU I 52 18.80 17.57 -37.75
CA GLU I 52 18.16 18.86 -38.02
C GLU I 52 17.00 19.13 -37.07
N ARG I 53 17.25 18.90 -35.78
CA ARG I 53 16.29 19.18 -34.73
C ARG I 53 16.74 20.38 -33.91
N GLU I 54 15.78 21.21 -33.50
CA GLU I 54 16.07 22.32 -32.61
C GLU I 54 16.25 21.80 -31.19
N VAL I 55 17.37 22.15 -30.57
CA VAL I 55 17.73 21.61 -29.26
C VAL I 55 17.81 22.77 -28.27
N HIS I 56 17.03 22.68 -27.20
CA HIS I 56 17.14 23.61 -26.08
C HIS I 56 18.06 22.95 -25.05
N PHE I 57 19.30 23.42 -24.99
CA PHE I 57 20.34 22.77 -24.20
C PHE I 57 20.40 23.36 -22.80
N LEU I 58 20.39 22.48 -21.80
CA LEU I 58 20.53 22.86 -20.40
C LEU I 58 21.60 22.02 -19.75
N ILE I 59 22.37 22.62 -18.85
CA ILE I 59 23.45 21.91 -18.17
C ILE I 59 23.55 22.43 -16.74
N SER I 60 23.74 21.51 -15.81
CA SER I 60 23.87 21.86 -14.40
C SER I 60 25.31 22.25 -14.08
N LYS I 61 25.48 22.80 -12.87
CA LYS I 61 26.82 23.19 -12.44
C LYS I 61 27.70 21.97 -12.22
N ALA I 62 27.13 20.90 -11.66
CA ALA I 62 27.90 19.67 -11.47
C ALA I 62 28.24 19.01 -12.80
N ALA I 63 27.35 19.12 -13.79
CA ALA I 63 27.63 18.52 -15.09
C ALA I 63 28.76 19.25 -15.82
N GLN I 64 28.89 20.56 -15.61
CA GLN I 64 30.03 21.27 -16.17
C GLN I 64 31.34 20.80 -15.55
N LEU I 65 31.31 20.44 -14.26
CA LEU I 65 32.49 19.88 -13.62
C LEU I 65 32.79 18.48 -14.14
N VAL I 66 31.74 17.69 -14.42
CA VAL I 66 31.94 16.35 -14.96
C VAL I 66 32.56 16.43 -16.34
N MET I 67 32.06 17.33 -17.18
CA MET I 67 32.56 17.43 -18.55
C MET I 67 34.02 17.87 -18.57
N ALA I 68 34.39 18.78 -17.68
CA ALA I 68 35.78 19.21 -17.59
C ALA I 68 36.69 18.11 -17.04
N THR I 69 36.13 17.17 -16.27
CA THR I 69 36.90 16.10 -15.67
C THR I 69 37.08 14.91 -16.61
N GLU I 70 36.03 14.56 -17.36
CA GLU I 70 36.02 13.34 -18.17
C GLU I 70 36.41 13.57 -19.63
N THR I 71 36.17 14.77 -20.16
CA THR I 71 36.43 15.05 -21.57
C THR I 71 37.46 16.15 -21.72
N ASP I 72 37.91 16.35 -22.95
CA ASP I 72 38.77 17.48 -23.32
C ASP I 72 37.97 18.64 -23.90
N VAL I 73 36.67 18.70 -23.61
CA VAL I 73 35.80 19.76 -24.10
C VAL I 73 35.84 20.92 -23.12
N ALA I 74 36.33 22.07 -23.58
CA ALA I 74 36.39 23.28 -22.76
C ALA I 74 35.09 24.05 -22.99
N LEU I 75 34.09 23.73 -22.18
CA LEU I 75 32.78 24.34 -22.35
C LEU I 75 32.73 25.70 -21.64
N PRO I 76 32.36 26.77 -22.33
CA PRO I 76 32.20 28.06 -21.64
C PRO I 76 31.09 28.00 -20.60
N ALA I 77 31.18 28.90 -19.63
CA ALA I 77 30.27 28.90 -18.49
C ALA I 77 28.95 29.61 -18.79
N LYS I 78 29.01 30.80 -19.38
CA LYS I 78 27.79 31.57 -19.62
C LYS I 78 27.05 31.06 -20.85
N PRO I 79 25.71 31.15 -20.84
CA PRO I 79 24.91 30.59 -21.95
C PRO I 79 25.30 31.07 -23.34
N GLN I 80 25.43 32.39 -23.56
CA GLN I 80 25.69 32.87 -24.92
C GLN I 80 27.02 32.36 -25.46
N ALA I 81 28.07 32.37 -24.65
CA ALA I 81 29.33 31.78 -25.10
C ALA I 81 29.21 30.27 -25.24
N MET I 82 28.41 29.62 -24.40
CA MET I 82 28.17 28.19 -24.54
C MET I 82 27.37 27.89 -25.79
N GLN I 83 26.46 28.78 -26.18
CA GLN I 83 25.66 28.55 -27.37
C GLN I 83 26.51 28.63 -28.63
N ALA I 84 27.47 29.56 -28.69
CA ALA I 84 28.33 29.67 -29.85
C ALA I 84 29.34 28.52 -29.92
N PHE I 85 29.80 28.04 -28.75
CA PHE I 85 30.75 26.94 -28.74
C PHE I 85 30.10 25.65 -29.25
N LEU I 86 28.93 25.30 -28.71
CA LEU I 86 28.25 24.08 -29.12
C LEU I 86 27.79 24.14 -30.57
N THR I 87 27.46 25.35 -31.06
CA THR I 87 27.11 25.49 -32.47
C THR I 87 28.30 25.14 -33.36
N GLU I 88 29.50 25.60 -32.99
CA GLU I 88 30.69 25.24 -33.76
C GLU I 88 31.10 23.80 -33.51
N TYR I 89 30.89 23.30 -32.28
CA TYR I 89 31.29 21.94 -31.95
C TYR I 89 30.47 20.92 -32.74
N CYS I 90 29.20 21.21 -32.97
CA CYS I 90 28.30 20.29 -33.67
C CYS I 90 28.08 20.64 -35.13
N GLY I 91 28.59 21.79 -35.58
CA GLY I 91 28.29 22.24 -36.93
C GLY I 91 26.83 22.57 -37.14
N ALA I 92 26.16 23.07 -36.10
CA ALA I 92 24.74 23.35 -36.17
C ALA I 92 24.47 24.62 -36.96
N ALA I 93 23.24 24.74 -37.44
CA ALA I 93 22.80 25.93 -38.14
C ALA I 93 22.52 27.05 -37.15
N ALA I 94 22.28 28.25 -37.69
CA ALA I 94 22.01 29.41 -36.85
C ALA I 94 20.70 29.22 -36.09
N GLY I 95 20.76 29.39 -34.77
CA GLY I 95 19.58 29.25 -33.95
C GLY I 95 19.10 27.83 -33.72
N GLN I 96 19.85 26.83 -34.20
CA GLN I 96 19.43 25.45 -34.01
C GLN I 96 19.63 25.01 -32.56
N ILE I 97 20.68 25.49 -31.91
CA ILE I 97 20.96 25.20 -30.51
C ILE I 97 20.68 26.46 -29.70
N ARG I 98 19.86 26.32 -28.65
CA ARG I 98 19.51 27.41 -27.76
C ARG I 98 19.88 27.02 -26.34
N VAL I 99 20.74 27.81 -25.70
CA VAL I 99 21.20 27.55 -24.34
C VAL I 99 20.48 28.50 -23.40
N PHE I 100 20.06 27.97 -22.25
CA PHE I 100 19.36 28.75 -21.23
C PHE I 100 19.97 28.48 -19.87
N GLY I 101 20.08 29.53 -19.05
CA GLY I 101 20.63 29.39 -17.72
C GLY I 101 19.74 28.58 -16.80
N GLN I 102 20.31 28.18 -15.67
CA GLN I 102 19.62 27.29 -14.74
C GLN I 102 18.51 28.00 -13.96
N ASN I 103 18.43 29.32 -14.01
CA ASN I 103 17.36 30.06 -13.35
C ASN I 103 16.56 30.90 -14.33
N ASP I 104 16.68 30.61 -15.63
CA ASP I 104 15.95 31.34 -16.66
C ASP I 104 14.54 30.74 -16.76
N TRP I 105 13.64 31.26 -15.91
CA TRP I 105 12.27 30.77 -15.93
C TRP I 105 11.49 31.25 -17.14
N MET I 106 11.99 32.28 -17.83
CA MET I 106 11.37 32.74 -19.07
C MET I 106 11.71 31.85 -20.26
N ALA I 107 12.54 30.83 -20.05
CA ALA I 107 12.91 29.94 -21.14
C ALA I 107 11.70 29.10 -21.59
N PRO I 108 11.66 28.71 -22.85
CA PRO I 108 10.53 27.91 -23.36
C PRO I 108 10.28 26.66 -22.55
N PRO I 109 11.30 25.86 -22.20
CA PRO I 109 11.02 24.60 -21.48
C PRO I 109 10.33 24.77 -20.13
N ALA I 110 10.28 25.98 -19.57
CA ALA I 110 9.71 26.19 -18.26
C ALA I 110 8.19 26.32 -18.26
N SER I 111 7.57 26.51 -19.43
CA SER I 111 6.13 26.67 -19.54
C SER I 111 5.57 25.63 -20.50
N GLY I 112 4.34 25.19 -20.23
CA GLY I 112 3.75 24.11 -21.01
C GLY I 112 3.47 24.50 -22.45
N SER I 113 2.97 25.71 -22.68
CA SER I 113 2.60 26.12 -24.03
C SER I 113 3.82 26.37 -24.92
N SER I 114 4.99 26.62 -24.33
CA SER I 114 6.17 26.98 -25.10
C SER I 114 7.26 25.92 -25.07
N ALA I 115 7.12 24.87 -24.26
CA ALA I 115 8.19 23.91 -24.11
C ALA I 115 8.31 23.02 -25.35
N PRO I 116 9.51 22.53 -25.65
CA PRO I 116 9.66 21.54 -26.71
C PRO I 116 8.87 20.28 -26.41
N ASN I 117 8.56 19.53 -27.46
CA ASN I 117 7.66 18.39 -27.35
C ASN I 117 8.30 17.17 -26.73
N ALA I 118 9.60 17.19 -26.44
CA ALA I 118 10.27 16.05 -25.83
C ALA I 118 11.47 16.55 -25.03
N MET I 119 11.81 15.79 -23.99
CA MET I 119 12.92 16.15 -23.12
C MET I 119 13.75 14.92 -22.79
N VAL I 120 15.07 15.08 -22.78
CA VAL I 120 16.00 14.03 -22.41
C VAL I 120 16.97 14.59 -21.38
N ILE I 121 17.17 13.87 -20.29
CA ILE I 121 18.17 14.21 -19.29
C ILE I 121 19.27 13.16 -19.41
N CYS I 122 20.36 13.53 -20.07
CA CYS I 122 21.43 12.56 -20.35
C CYS I 122 22.80 13.21 -20.21
N PRO I 123 23.60 12.81 -19.21
CA PRO I 123 23.21 11.84 -18.18
C PRO I 123 22.35 12.46 -17.09
N CYS I 124 21.68 11.63 -16.30
CA CYS I 124 20.78 12.10 -15.25
C CYS I 124 21.35 11.65 -13.90
N SER I 125 21.79 12.62 -13.10
CA SER I 125 22.32 12.30 -11.79
C SER I 125 21.24 11.73 -10.89
N THR I 126 21.68 11.05 -9.82
CA THR I 126 20.72 10.57 -8.83
C THR I 126 20.00 11.72 -8.14
N GLY I 127 20.66 12.88 -8.03
CA GLY I 127 20.02 14.03 -7.44
C GLY I 127 18.92 14.61 -8.31
N THR I 128 19.17 14.70 -9.62
CA THR I 128 18.13 15.16 -10.53
C THR I 128 17.00 14.14 -10.63
N LEU I 129 17.35 12.85 -10.68
CA LEU I 129 16.34 11.80 -10.63
C LEU I 129 15.46 11.93 -9.39
N SER I 130 16.07 12.28 -8.25
CA SER I 130 15.30 12.50 -7.03
C SER I 130 14.40 13.72 -7.14
N ALA I 131 14.93 14.82 -7.69
CA ALA I 131 14.16 16.05 -7.77
C ALA I 131 12.99 15.93 -8.75
N VAL I 132 13.20 15.22 -9.86
CA VAL I 132 12.12 15.01 -10.82
C VAL I 132 11.05 14.12 -10.21
N ALA I 133 11.46 13.09 -9.46
CA ALA I 133 10.49 12.19 -8.85
C ALA I 133 9.66 12.89 -7.79
N THR I 134 10.25 13.82 -7.05
CA THR I 134 9.54 14.54 -6.00
C THR I 134 8.92 15.84 -6.49
N GLY I 135 9.35 16.36 -7.63
CA GLY I 135 8.82 17.62 -8.15
C GLY I 135 9.45 18.86 -7.57
N ALA I 136 10.75 18.80 -7.25
CA ALA I 136 11.38 19.91 -6.54
C ALA I 136 11.39 21.19 -7.37
N CYS I 137 11.66 21.08 -8.68
CA CYS I 137 11.70 22.22 -9.59
C CYS I 137 12.61 23.32 -9.06
N ASN I 138 13.77 22.94 -8.54
CA ASN I 138 14.69 23.91 -7.96
C ASN I 138 15.52 24.64 -9.01
N ASN I 139 15.56 24.15 -10.24
CA ASN I 139 16.24 24.83 -11.34
C ASN I 139 15.44 24.61 -12.63
N LEU I 140 15.97 25.13 -13.73
CA LEU I 140 15.26 25.03 -15.01
C LEU I 140 15.17 23.59 -15.48
N ILE I 141 16.19 22.77 -15.22
CA ILE I 141 16.15 21.38 -15.66
C ILE I 141 15.04 20.61 -14.96
N GLU I 142 14.95 20.76 -13.64
CA GLU I 142 13.92 20.06 -12.88
C GLU I 142 12.53 20.61 -13.17
N ARG I 143 12.43 21.93 -13.41
CA ARG I 143 11.14 22.51 -13.77
C ARG I 143 10.70 22.05 -15.15
N ALA I 144 11.64 21.94 -16.10
CA ALA I 144 11.29 21.49 -17.44
C ALA I 144 10.81 20.05 -17.45
N ALA I 145 11.42 19.19 -16.61
CA ALA I 145 10.95 17.82 -16.49
C ALA I 145 9.58 17.75 -15.85
N ASP I 146 9.33 18.60 -14.85
CA ASP I 146 8.01 18.66 -14.22
C ASP I 146 6.96 19.12 -15.22
N VAL I 147 7.33 20.02 -16.13
CA VAL I 147 6.41 20.49 -17.15
C VAL I 147 6.12 19.39 -18.16
N ALA I 148 7.15 18.65 -18.56
CA ALA I 148 6.96 17.56 -19.52
C ALA I 148 6.02 16.49 -18.96
N LEU I 149 6.07 16.24 -17.66
CA LEU I 149 5.21 15.23 -17.07
C LEU I 149 3.76 15.71 -16.98
N LYS I 150 3.56 16.99 -16.64
CA LYS I 150 2.20 17.50 -16.53
C LYS I 150 1.55 17.69 -17.90
N GLU I 151 2.35 17.88 -18.94
CA GLU I 151 1.84 17.91 -20.31
C GLU I 151 1.86 16.53 -20.97
N ARG I 152 2.35 15.52 -20.27
CA ARG I 152 2.41 14.15 -20.79
CA ARG I 152 2.41 14.15 -20.79
C ARG I 152 3.19 14.08 -22.09
N ARG I 153 4.38 14.67 -22.08
CA ARG I 153 5.31 14.64 -23.20
C ARG I 153 6.47 13.69 -22.88
N PRO I 154 7.14 13.15 -23.90
CA PRO I 154 8.22 12.19 -23.64
C PRO I 154 9.31 12.77 -22.75
N LEU I 155 9.65 12.01 -21.71
CA LEU I 155 10.71 12.37 -20.78
C LEU I 155 11.62 11.16 -20.59
N VAL I 156 12.84 11.25 -21.09
CA VAL I 156 13.80 10.15 -21.05
C VAL I 156 14.90 10.52 -20.06
N LEU I 157 15.10 9.66 -19.06
CA LEU I 157 16.14 9.85 -18.06
C LEU I 157 17.22 8.80 -18.26
N VAL I 158 18.48 9.23 -18.27
CA VAL I 158 19.61 8.34 -18.49
C VAL I 158 20.51 8.35 -17.26
N PRO I 159 20.21 7.55 -16.25
CA PRO I 159 21.04 7.54 -15.04
C PRO I 159 22.31 6.72 -15.23
N ARG I 160 23.35 7.12 -14.50
CA ARG I 160 24.62 6.39 -14.43
C ARG I 160 24.98 6.26 -12.96
N GLU I 161 24.78 5.07 -12.40
CA GLU I 161 25.11 4.82 -11.00
C GLU I 161 25.22 3.33 -10.77
N ALA I 162 26.15 2.94 -9.91
CA ALA I 162 26.35 1.54 -9.54
C ALA I 162 26.95 1.46 -8.15
N PRO I 163 26.31 0.76 -7.20
CA PRO I 163 25.02 0.08 -7.38
C PRO I 163 23.82 1.02 -7.34
N PHE I 164 22.66 0.49 -7.71
CA PHE I 164 21.40 1.21 -7.57
C PHE I 164 20.84 0.97 -6.18
N SER I 165 20.75 2.03 -5.38
CA SER I 165 20.10 1.92 -4.08
C SER I 165 18.59 1.74 -4.25
N SER I 166 17.93 1.37 -3.16
CA SER I 166 16.47 1.31 -3.16
C SER I 166 15.88 2.70 -3.33
N ILE I 167 16.58 3.74 -2.89
CA ILE I 167 16.12 5.11 -3.11
C ILE I 167 16.17 5.45 -4.60
N HIS I 168 17.25 5.05 -5.27
CA HIS I 168 17.34 5.24 -6.72
C HIS I 168 16.25 4.45 -7.44
N LEU I 169 16.07 3.18 -7.06
CA LEU I 169 15.10 2.33 -7.74
C LEU I 169 13.68 2.81 -7.49
N GLU I 170 13.39 3.30 -6.28
CA GLU I 170 12.04 3.79 -5.99
C GLU I 170 11.72 5.04 -6.80
N ASN I 171 12.71 5.94 -6.95
CA ASN I 171 12.48 7.13 -7.76
C ASN I 171 12.34 6.78 -9.24
N MET I 172 13.11 5.79 -9.71
CA MET I 172 12.98 5.35 -11.10
C MET I 172 11.65 4.68 -11.35
N LEU I 173 11.21 3.83 -10.40
CA LEU I 173 9.93 3.13 -10.57
C LEU I 173 8.76 4.10 -10.58
N LYS I 174 8.80 5.11 -9.69
CA LYS I 174 7.71 6.08 -9.63
C LYS I 174 7.61 6.85 -10.94
N LEU I 175 8.73 7.31 -11.47
CA LEU I 175 8.71 8.06 -12.72
C LEU I 175 8.35 7.16 -13.91
N SER I 176 8.83 5.91 -13.89
CA SER I 176 8.46 4.99 -14.96
C SER I 176 6.97 4.68 -14.93
N ASN I 177 6.38 4.58 -13.73
CA ASN I 177 4.94 4.36 -13.61
C ASN I 177 4.14 5.56 -14.12
N LEU I 178 4.73 6.75 -14.17
CA LEU I 178 4.04 7.94 -14.63
C LEU I 178 4.25 8.22 -16.12
N GLY I 179 4.98 7.35 -16.83
CA GLY I 179 5.19 7.50 -18.25
C GLY I 179 6.61 7.82 -18.66
N ALA I 180 7.46 8.25 -17.74
CA ALA I 180 8.84 8.54 -18.08
C ALA I 180 9.59 7.26 -18.45
N VAL I 181 10.59 7.41 -19.31
CA VAL I 181 11.40 6.29 -19.79
C VAL I 181 12.71 6.31 -19.02
N ILE I 182 12.94 5.27 -18.22
CA ILE I 182 14.19 5.12 -17.49
C ILE I 182 15.13 4.31 -18.37
N LEU I 183 16.05 4.99 -19.04
CA LEU I 183 17.01 4.37 -19.96
C LEU I 183 18.40 4.49 -19.36
N PRO I 184 18.85 3.51 -18.56
CA PRO I 184 20.15 3.64 -17.89
C PRO I 184 21.30 3.57 -18.89
N ALA I 185 22.42 4.18 -18.52
CA ALA I 185 23.62 4.12 -19.32
C ALA I 185 24.25 2.73 -19.22
N ALA I 186 23.54 1.72 -19.72
CA ALA I 186 23.99 0.32 -19.70
C ALA I 186 24.10 -0.17 -21.13
N PRO I 187 25.23 0.07 -21.79
CA PRO I 187 25.36 -0.37 -23.18
C PRO I 187 25.45 -1.88 -23.31
N GLY I 188 24.89 -2.39 -24.41
CA GLY I 188 24.98 -3.79 -24.70
C GLY I 188 26.20 -4.14 -25.53
N PHE I 189 26.54 -5.43 -25.56
CA PHE I 189 27.73 -5.91 -26.25
C PHE I 189 27.42 -6.84 -27.41
N TYR I 190 26.14 -6.97 -27.78
CA TYR I 190 25.76 -7.94 -28.80
C TYR I 190 25.98 -7.44 -30.22
N HIS I 191 26.47 -6.21 -30.40
CA HIS I 191 26.92 -5.75 -31.71
C HIS I 191 28.45 -5.75 -31.82
N GLN I 192 29.13 -6.46 -30.91
CA GLN I 192 30.58 -6.61 -30.86
C GLN I 192 31.27 -5.26 -30.94
N PRO I 193 31.23 -4.46 -29.87
CA PRO I 193 31.85 -3.14 -29.91
C PRO I 193 33.38 -3.23 -29.93
N GLN I 194 33.99 -2.28 -30.63
CA GLN I 194 35.44 -2.23 -30.75
C GLN I 194 36.08 -1.08 -29.98
N SER I 195 35.30 -0.12 -29.52
CA SER I 195 35.85 1.06 -28.86
C SER I 195 34.85 1.57 -27.82
N VAL I 196 35.30 2.56 -27.05
CA VAL I 196 34.42 3.21 -26.09
C VAL I 196 33.29 3.93 -26.81
N GLU I 197 33.59 4.50 -27.98
CA GLU I 197 32.57 5.23 -28.74
C GLU I 197 31.48 4.30 -29.24
N ASP I 198 31.80 3.03 -29.52
CA ASP I 198 30.77 2.08 -29.92
C ASP I 198 29.77 1.86 -28.79
N LEU I 199 30.26 1.79 -27.54
CA LEU I 199 29.36 1.64 -26.40
C LEU I 199 28.57 2.91 -26.15
N VAL I 200 29.17 4.08 -26.39
CA VAL I 200 28.44 5.33 -26.28
C VAL I 200 27.37 5.42 -27.36
N ASP I 201 27.70 4.98 -28.58
CA ASP I 201 26.73 5.02 -29.67
C ASP I 201 25.58 4.07 -29.44
N PHE I 202 25.82 2.97 -28.70
CA PHE I 202 24.73 2.05 -28.37
C PHE I 202 23.64 2.74 -27.58
N VAL I 203 24.02 3.44 -26.50
CA VAL I 203 23.05 4.11 -25.66
C VAL I 203 22.38 5.26 -26.40
N VAL I 204 23.17 6.01 -27.18
CA VAL I 204 22.62 7.17 -27.89
C VAL I 204 21.58 6.71 -28.92
N ALA I 205 21.88 5.64 -29.66
CA ALA I 205 20.91 5.09 -30.60
C ALA I 205 19.65 4.60 -29.87
N ARG I 206 19.82 4.06 -28.66
CA ARG I 206 18.66 3.68 -27.86
C ARG I 206 17.80 4.88 -27.50
N ILE I 207 18.44 6.03 -27.24
CA ILE I 207 17.70 7.24 -26.90
C ILE I 207 16.95 7.77 -28.12
N LEU I 208 17.62 7.81 -29.27
CA LEU I 208 16.94 8.23 -30.50
C LEU I 208 15.83 7.26 -30.86
N ASN I 209 16.04 5.96 -30.60
CA ASN I 209 15.00 4.96 -30.86
C ASN I 209 13.78 5.21 -29.99
N THR I 210 14.00 5.56 -28.71
CA THR I 210 12.88 5.85 -27.82
C THR I 210 12.13 7.10 -28.27
N LEU I 211 12.87 8.13 -28.69
CA LEU I 211 12.25 9.37 -29.14
C LEU I 211 11.61 9.27 -30.51
N GLY I 212 11.87 8.19 -31.26
CA GLY I 212 11.33 8.06 -32.60
C GLY I 212 12.11 8.80 -33.65
N ILE I 213 13.41 8.96 -33.46
CA ILE I 213 14.29 9.70 -34.37
C ILE I 213 15.22 8.71 -35.04
N PRO I 214 15.41 8.78 -36.36
CA PRO I 214 16.33 7.85 -37.04
C PRO I 214 17.74 7.97 -36.51
N GLN I 215 18.52 6.91 -36.74
CA GLN I 215 19.89 6.80 -36.22
C GLN I 215 20.84 6.65 -37.41
N ASP I 216 21.32 7.77 -37.94
CA ASP I 216 22.28 7.78 -39.04
C ASP I 216 23.68 7.90 -38.45
N MET I 217 24.17 6.79 -37.93
CA MET I 217 25.49 6.74 -37.30
C MET I 217 26.59 6.57 -38.35
N SER J 23 -7.37 29.20 29.48
CA SER J 23 -6.64 28.82 28.27
C SER J 23 -6.10 27.40 28.39
N GLY J 24 -6.44 26.56 27.42
CA GLY J 24 -6.03 25.18 27.43
C GLY J 24 -7.00 24.29 28.19
N PRO J 25 -6.70 22.99 28.26
CA PRO J 25 -7.60 22.07 28.97
C PRO J 25 -7.53 22.27 30.47
N GLU J 26 -8.69 22.17 31.13
CA GLU J 26 -8.74 22.33 32.58
C GLU J 26 -8.28 21.07 33.29
N ARG J 27 -8.60 19.90 32.74
CA ARG J 27 -8.20 18.62 33.32
C ARG J 27 -7.34 17.86 32.33
N ILE J 28 -6.24 17.29 32.81
CA ILE J 28 -5.28 16.57 31.98
C ILE J 28 -5.01 15.22 32.62
N THR J 29 -5.05 14.17 31.81
CA THR J 29 -4.61 12.85 32.25
C THR J 29 -3.10 12.74 32.00
N LEU J 30 -2.33 12.59 33.07
CA LEU J 30 -0.88 12.46 32.98
C LEU J 30 -0.51 11.03 33.35
N ALA J 31 0.02 10.28 32.39
CA ALA J 31 0.43 8.90 32.58
C ALA J 31 1.94 8.79 32.44
N MET J 32 2.57 8.11 33.38
CA MET J 32 4.01 7.85 33.35
C MET J 32 4.23 6.36 33.14
N THR J 33 4.98 6.01 32.10
CA THR J 33 5.26 4.62 31.77
C THR J 33 6.77 4.37 31.86
N GLY J 34 7.14 3.11 31.69
CA GLY J 34 8.47 2.63 32.05
C GLY J 34 9.64 3.06 31.18
N ALA J 35 9.54 4.22 30.53
CA ALA J 35 10.68 4.75 29.78
C ALA J 35 11.55 5.60 30.72
N SER J 36 12.82 5.73 30.34
CA SER J 36 13.75 6.54 31.10
C SER J 36 13.38 8.01 30.98
N GLY J 37 13.57 8.75 32.07
CA GLY J 37 13.23 10.16 32.08
C GLY J 37 12.06 10.47 32.99
N ALA J 38 12.10 9.94 34.21
CA ALA J 38 11.02 10.22 35.17
C ALA J 38 10.99 11.69 35.56
N GLN J 39 12.13 12.39 35.46
CA GLN J 39 12.16 13.81 35.77
C GLN J 39 11.24 14.61 34.85
N TYR J 40 11.07 14.16 33.61
CA TYR J 40 10.16 14.84 32.70
C TYR J 40 8.73 14.82 33.22
N GLY J 41 8.26 13.64 33.64
CA GLY J 41 6.90 13.53 34.13
C GLY J 41 6.68 14.25 35.44
N LEU J 42 7.65 14.16 36.36
CA LEU J 42 7.53 14.86 37.64
C LEU J 42 7.54 16.37 37.44
N ARG J 43 8.40 16.86 36.54
CA ARG J 43 8.43 18.30 36.26
C ARG J 43 7.15 18.74 35.56
N LEU J 44 6.62 17.92 34.66
CA LEU J 44 5.37 18.26 33.98
C LEU J 44 4.21 18.30 34.95
N LEU J 45 4.14 17.31 35.86
CA LEU J 45 3.10 17.32 36.88
C LEU J 45 3.18 18.56 37.75
N ASP J 46 4.39 19.00 38.08
CA ASP J 46 4.56 20.18 38.91
C ASP J 46 4.05 21.43 38.21
N CYS J 47 4.38 21.59 36.93
CA CYS J 47 3.97 22.79 36.20
C CYS J 47 2.46 22.79 35.94
N LEU J 48 1.88 21.62 35.67
CA LEU J 48 0.43 21.54 35.52
C LEU J 48 -0.28 21.96 36.80
N VAL J 49 0.30 21.63 37.95
CA VAL J 49 -0.27 22.05 39.23
C VAL J 49 -0.13 23.56 39.40
N GLN J 50 1.04 24.11 39.09
CA GLN J 50 1.23 25.56 39.20
C GLN J 50 0.30 26.32 38.26
N GLU J 51 -0.07 25.71 37.14
CA GLU J 51 -1.04 26.31 36.22
C GLU J 51 -2.48 26.00 36.62
N GLU J 52 -2.69 25.51 37.85
CA GLU J 52 -4.03 25.31 38.42
C GLU J 52 -4.88 24.39 37.56
N ARG J 53 -4.30 23.29 37.12
CA ARG J 53 -4.99 22.29 36.33
C ARG J 53 -5.26 21.05 37.19
N GLU J 54 -6.42 20.43 36.97
CA GLU J 54 -6.72 19.15 37.60
C GLU J 54 -6.02 18.03 36.84
N VAL J 55 -5.26 17.21 37.54
CA VAL J 55 -4.43 16.18 36.92
C VAL J 55 -4.92 14.82 37.40
N HIS J 56 -5.28 13.96 36.45
CA HIS J 56 -5.59 12.56 36.73
C HIS J 56 -4.31 11.77 36.49
N PHE J 57 -3.61 11.43 37.56
CA PHE J 57 -2.27 10.86 37.48
C PHE J 57 -2.34 9.33 37.42
N LEU J 58 -1.66 8.76 36.43
CA LEU J 58 -1.54 7.32 36.28
C LEU J 58 -0.06 6.96 36.13
N ILE J 59 0.31 5.80 36.65
CA ILE J 59 1.71 5.35 36.57
C ILE J 59 1.73 3.83 36.48
N SER J 60 2.57 3.33 35.58
CA SER J 60 2.75 1.89 35.43
C SER J 60 3.67 1.34 36.52
N LYS J 61 3.67 0.01 36.65
CA LYS J 61 4.53 -0.64 37.63
C LYS J 61 5.99 -0.52 37.19
N ALA J 62 6.24 -0.58 35.88
CA ALA J 62 7.59 -0.37 35.36
C ALA J 62 8.06 1.06 35.60
N ALA J 63 7.16 2.04 35.47
CA ALA J 63 7.53 3.43 35.72
C ALA J 63 7.84 3.68 37.19
N GLN J 64 7.19 2.94 38.09
CA GLN J 64 7.53 3.04 39.50
C GLN J 64 8.94 2.54 39.76
N LEU J 65 9.38 1.51 39.02
CA LEU J 65 10.75 1.03 39.15
C LEU J 65 11.75 2.00 38.53
N VAL J 66 11.37 2.67 37.44
CA VAL J 66 12.25 3.66 36.83
C VAL J 66 12.45 4.85 37.77
N MET J 67 11.36 5.32 38.39
CA MET J 67 11.47 6.45 39.31
C MET J 67 12.33 6.12 40.52
N ALA J 68 12.20 4.89 41.05
CA ALA J 68 13.05 4.49 42.16
C ALA J 68 14.49 4.34 41.75
N THR J 69 14.75 4.06 40.46
CA THR J 69 16.11 3.87 39.98
C THR J 69 16.78 5.19 39.64
N GLU J 70 16.04 6.10 38.99
CA GLU J 70 16.62 7.32 38.45
C GLU J 70 16.55 8.51 39.40
N THR J 71 15.62 8.52 40.35
CA THR J 71 15.43 9.64 41.23
C THR J 71 15.54 9.20 42.70
N ASP J 72 15.59 10.20 43.58
CA ASP J 72 15.51 9.98 45.01
C ASP J 72 14.09 10.18 45.54
N VAL J 73 13.10 10.15 44.65
CA VAL J 73 11.71 10.32 45.03
C VAL J 73 11.15 8.98 45.49
N ALA J 74 10.76 8.90 46.76
CA ALA J 74 10.19 7.68 47.33
C ALA J 74 8.69 7.73 47.13
N LEU J 75 8.24 7.20 45.99
CA LEU J 75 6.83 7.24 45.65
C LEU J 75 6.09 6.07 46.29
N PRO J 76 5.04 6.31 47.07
CA PRO J 76 4.25 5.20 47.61
C PRO J 76 3.60 4.38 46.50
N ALA J 77 3.27 3.13 46.83
CA ALA J 77 2.87 2.18 45.80
C ALA J 77 1.40 2.29 45.45
N LYS J 78 0.53 2.38 46.45
CA LYS J 78 -0.91 2.34 46.19
C LYS J 78 -1.48 3.74 46.06
N PRO J 79 -2.60 3.88 45.35
CA PRO J 79 -3.00 5.22 44.87
C PRO J 79 -3.21 6.27 45.96
N GLN J 80 -3.94 5.93 47.03
CA GLN J 80 -4.30 6.95 48.02
C GLN J 80 -3.07 7.54 48.69
N ALA J 81 -2.10 6.70 49.06
CA ALA J 81 -0.85 7.22 49.60
C ALA J 81 -0.04 7.95 48.53
N MET J 82 -0.13 7.51 47.27
CA MET J 82 0.55 8.20 46.19
C MET J 82 -0.07 9.58 45.93
N GLN J 83 -1.39 9.70 46.11
CA GLN J 83 -2.04 10.99 45.91
C GLN J 83 -1.59 12.00 46.97
N ALA J 84 -1.47 11.56 48.22
CA ALA J 84 -1.05 12.47 49.28
C ALA J 84 0.41 12.88 49.11
N PHE J 85 1.25 11.96 48.64
CA PHE J 85 2.66 12.29 48.42
C PHE J 85 2.82 13.33 47.30
N LEU J 86 2.19 13.07 46.15
CA LEU J 86 2.30 14.00 45.02
C LEU J 86 1.66 15.34 45.33
N THR J 87 0.61 15.35 46.15
CA THR J 87 0.02 16.63 46.57
C THR J 87 1.02 17.45 47.37
N GLU J 88 1.77 16.81 48.27
CA GLU J 88 2.79 17.54 49.03
C GLU J 88 4.04 17.80 48.21
N TYR J 89 4.35 16.92 47.26
CA TYR J 89 5.54 17.11 46.43
C TYR J 89 5.40 18.33 45.54
N CYS J 90 4.19 18.59 45.03
CA CYS J 90 3.94 19.71 44.13
C CYS J 90 3.27 20.90 44.79
N GLY J 91 2.89 20.79 46.07
CA GLY J 91 2.14 21.83 46.71
C GLY J 91 0.76 22.04 46.12
N ALA J 92 0.11 20.96 45.72
CA ALA J 92 -1.18 21.04 45.04
C ALA J 92 -2.30 21.28 46.04
N ALA J 93 -3.38 21.88 45.54
CA ALA J 93 -4.57 22.07 46.35
C ALA J 93 -5.28 20.74 46.58
N ALA J 94 -6.24 20.74 47.49
CA ALA J 94 -6.97 19.53 47.81
C ALA J 94 -7.80 19.09 46.61
N GLY J 95 -7.67 17.82 46.23
CA GLY J 95 -8.39 17.28 45.10
C GLY J 95 -7.85 17.65 43.74
N GLN J 96 -6.77 18.44 43.68
CA GLN J 96 -6.24 18.84 42.38
C GLN J 96 -5.59 17.66 41.67
N ILE J 97 -4.92 16.79 42.41
CA ILE J 97 -4.30 15.59 41.86
C ILE J 97 -5.12 14.39 42.28
N ARG J 98 -5.50 13.56 41.31
CA ARG J 98 -6.26 12.34 41.57
C ARG J 98 -5.51 11.17 40.92
N VAL J 99 -5.17 10.17 41.74
CA VAL J 99 -4.41 9.01 41.30
C VAL J 99 -5.35 7.82 41.21
N PHE J 100 -5.23 7.06 40.11
CA PHE J 100 -6.07 5.90 39.87
C PHE J 100 -5.21 4.69 39.55
N GLY J 101 -5.64 3.53 40.02
CA GLY J 101 -4.91 2.29 39.78
C GLY J 101 -4.94 1.88 38.32
N GLN J 102 -4.06 0.92 38.00
CA GLN J 102 -3.91 0.49 36.61
C GLN J 102 -5.07 -0.37 36.12
N ASN J 103 -5.93 -0.84 37.02
CA ASN J 103 -7.10 -1.63 36.63
C ASN J 103 -8.40 -1.00 37.10
N ASP J 104 -8.37 0.29 37.45
CA ASP J 104 -9.57 1.02 37.87
C ASP J 104 -10.31 1.46 36.62
N TRP J 105 -11.20 0.60 36.12
CA TRP J 105 -11.95 0.92 34.92
C TRP J 105 -13.06 1.92 35.16
N MET J 106 -13.47 2.12 36.40
CA MET J 106 -14.45 3.16 36.73
C MET J 106 -13.84 4.53 36.85
N ALA J 107 -12.52 4.66 36.68
CA ALA J 107 -11.88 5.95 36.71
C ALA J 107 -12.34 6.81 35.53
N PRO J 108 -12.38 8.13 35.70
CA PRO J 108 -12.88 9.02 34.63
C PRO J 108 -12.18 8.81 33.30
N PRO J 109 -10.84 8.70 33.25
CA PRO J 109 -10.18 8.59 31.93
C PRO J 109 -10.57 7.37 31.12
N ALA J 110 -11.27 6.39 31.71
CA ALA J 110 -11.57 5.15 31.00
C ALA J 110 -12.82 5.24 30.13
N SER J 111 -13.60 6.32 30.24
CA SER J 111 -14.82 6.47 29.46
C SER J 111 -14.83 7.84 28.81
N GLY J 112 -15.43 7.91 27.61
CA GLY J 112 -15.44 9.14 26.85
C GLY J 112 -16.23 10.26 27.52
N SER J 113 -17.34 9.90 28.16
CA SER J 113 -18.16 10.92 28.81
C SER J 113 -17.47 11.54 30.01
N SER J 114 -16.55 10.82 30.66
CA SER J 114 -15.96 11.24 31.92
C SER J 114 -14.49 11.62 31.83
N ALA J 115 -13.82 11.32 30.72
CA ALA J 115 -12.38 11.51 30.64
C ALA J 115 -12.00 12.99 30.57
N PRO J 116 -10.83 13.35 31.09
CA PRO J 116 -10.33 14.72 30.91
C PRO J 116 -10.14 15.07 29.45
N ASN J 117 -10.05 16.38 29.18
CA ASN J 117 -10.03 16.89 27.82
C ASN J 117 -8.71 16.63 27.10
N ALA J 118 -7.67 16.20 27.80
CA ALA J 118 -6.37 15.98 27.18
C ALA J 118 -5.60 14.94 27.97
N MET J 119 -4.67 14.28 27.29
CA MET J 119 -3.87 13.23 27.91
C MET J 119 -2.42 13.34 27.44
N VAL J 120 -1.49 13.12 28.36
CA VAL J 120 -0.06 13.10 28.08
C VAL J 120 0.53 11.84 28.69
N ILE J 121 1.31 11.11 27.90
CA ILE J 121 2.06 9.96 28.37
C ILE J 121 3.52 10.38 28.39
N CYS J 122 4.04 10.68 29.58
CA CYS J 122 5.39 11.20 29.70
C CYS J 122 6.08 10.65 30.94
N PRO J 123 7.15 9.85 30.80
CA PRO J 123 7.66 9.40 29.50
C PRO J 123 6.84 8.25 28.92
N CYS J 124 7.05 7.95 27.63
CA CYS J 124 6.26 6.93 26.94
C CYS J 124 7.21 5.79 26.55
N SER J 125 7.05 4.65 27.20
CA SER J 125 7.85 3.48 26.86
C SER J 125 7.49 2.98 25.46
N THR J 126 8.40 2.20 24.88
CA THR J 126 8.12 1.58 23.58
C THR J 126 6.97 0.58 23.69
N GLY J 127 6.80 -0.04 24.85
CA GLY J 127 5.69 -0.95 25.03
C GLY J 127 4.35 -0.26 25.07
N THR J 128 4.26 0.86 25.81
CA THR J 128 3.02 1.63 25.82
C THR J 128 2.76 2.27 24.46
N LEU J 129 3.81 2.74 23.79
CA LEU J 129 3.67 3.23 22.42
C LEU J 129 3.10 2.15 21.51
N SER J 130 3.53 0.90 21.71
CA SER J 130 3.00 -0.20 20.90
C SER J 130 1.54 -0.48 21.25
N ALA J 131 1.21 -0.47 22.55
CA ALA J 131 -0.16 -0.80 22.96
C ALA J 131 -1.15 0.26 22.49
N VAL J 132 -0.74 1.53 22.51
CA VAL J 132 -1.63 2.59 22.04
C VAL J 132 -1.81 2.49 20.52
N ALA J 133 -0.75 2.13 19.80
CA ALA J 133 -0.84 2.02 18.35
C ALA J 133 -1.72 0.85 17.93
N THR J 134 -1.70 -0.25 18.68
CA THR J 134 -2.51 -1.42 18.35
C THR J 134 -3.88 -1.41 19.03
N GLY J 135 -4.05 -0.63 20.09
CA GLY J 135 -5.31 -0.58 20.79
C GLY J 135 -5.49 -1.68 21.82
N ALA J 136 -4.42 -2.07 22.50
CA ALA J 136 -4.47 -3.23 23.39
C ALA J 136 -5.39 -3.00 24.58
N CYS J 137 -5.35 -1.80 25.17
CA CYS J 137 -6.18 -1.44 26.32
C CYS J 137 -6.03 -2.46 27.45
N ASN J 138 -4.79 -2.83 27.77
CA ASN J 138 -4.54 -3.82 28.80
C ASN J 138 -4.51 -3.24 30.20
N ASN J 139 -4.36 -1.92 30.34
CA ASN J 139 -4.42 -1.25 31.63
C ASN J 139 -5.15 0.08 31.45
N LEU J 140 -5.27 0.82 32.55
CA LEU J 140 -6.00 2.09 32.49
C LEU J 140 -5.29 3.11 31.63
N ILE J 141 -3.97 3.10 31.61
CA ILE J 141 -3.21 4.06 30.79
C ILE J 141 -3.51 3.82 29.32
N GLU J 142 -3.43 2.57 28.86
CA GLU J 142 -3.66 2.27 27.46
C GLU J 142 -5.12 2.49 27.08
N ARG J 143 -6.05 2.14 27.96
CA ARG J 143 -7.47 2.37 27.68
C ARG J 143 -7.77 3.86 27.62
N ALA J 144 -7.15 4.66 28.49
CA ALA J 144 -7.38 6.10 28.48
C ALA J 144 -6.86 6.74 27.19
N ALA J 145 -5.73 6.24 26.68
CA ALA J 145 -5.22 6.74 25.41
C ALA J 145 -6.13 6.32 24.26
N ASP J 146 -6.69 5.11 24.32
CA ASP J 146 -7.65 4.67 23.31
C ASP J 146 -8.91 5.51 23.36
N VAL J 147 -9.36 5.90 24.56
CA VAL J 147 -10.52 6.77 24.68
C VAL J 147 -10.22 8.15 24.09
N ALA J 148 -9.02 8.68 24.35
CA ALA J 148 -8.67 9.99 23.84
C ALA J 148 -8.67 10.01 22.32
N LEU J 149 -8.27 8.90 21.69
CA LEU J 149 -8.24 8.86 20.23
C LEU J 149 -9.65 8.75 19.65
N LYS J 150 -10.51 7.93 20.26
CA LYS J 150 -11.86 7.78 19.75
C LYS J 150 -12.69 9.03 19.98
N GLU J 151 -12.37 9.83 20.99
CA GLU J 151 -13.02 11.11 21.22
C GLU J 151 -12.29 12.26 20.53
N ARG J 152 -11.16 11.98 19.87
CA ARG J 152 -10.39 12.98 19.15
CA ARG J 152 -10.39 12.98 19.15
C ARG J 152 -9.96 14.13 20.08
N ARG J 153 -9.41 13.75 21.24
CA ARG J 153 -8.89 14.70 22.20
C ARG J 153 -7.36 14.67 22.18
N PRO J 154 -6.71 15.78 22.56
CA PRO J 154 -5.24 15.84 22.46
C PRO J 154 -4.57 14.69 23.21
N LEU J 155 -3.68 14.00 22.50
CA LEU J 155 -2.91 12.89 23.06
C LEU J 155 -1.44 13.12 22.72
N VAL J 156 -0.64 13.41 23.74
CA VAL J 156 0.78 13.69 23.58
C VAL J 156 1.56 12.51 24.12
N LEU J 157 2.45 11.96 23.29
CA LEU J 157 3.32 10.86 23.68
C LEU J 157 4.76 11.34 23.72
N VAL J 158 5.46 11.05 24.81
CA VAL J 158 6.84 11.47 24.98
C VAL J 158 7.73 10.24 25.07
N PRO J 159 8.17 9.68 23.95
CA PRO J 159 9.03 8.50 24.00
C PRO J 159 10.48 8.85 24.30
N ARG J 160 11.16 7.92 24.96
CA ARG J 160 12.59 8.02 25.24
C ARG J 160 13.22 6.69 24.84
N GLU J 161 13.89 6.67 23.70
CA GLU J 161 14.54 5.46 23.22
C GLU J 161 15.60 5.84 22.20
N ALA J 162 16.68 5.06 22.18
CA ALA J 162 17.75 5.25 21.22
C ALA J 162 18.50 3.94 21.00
N PRO J 163 18.62 3.46 19.76
CA PRO J 163 18.03 4.07 18.56
C PRO J 163 16.53 3.77 18.43
N PHE J 164 15.87 4.46 17.51
CA PHE J 164 14.49 4.15 17.16
C PHE J 164 14.48 3.05 16.11
N SER J 165 13.94 1.89 16.47
CA SER J 165 13.74 0.84 15.48
C SER J 165 12.59 1.22 14.55
N SER J 166 12.50 0.49 13.43
CA SER J 166 11.39 0.69 12.50
C SER J 166 10.05 0.29 13.13
N ILE J 167 10.08 -0.63 14.11
CA ILE J 167 8.87 -0.95 14.86
C ILE J 167 8.42 0.28 15.66
N HIS J 168 9.36 0.93 16.34
CA HIS J 168 9.03 2.15 17.08
C HIS J 168 8.55 3.25 16.15
N LEU J 169 9.25 3.45 15.03
CA LEU J 169 8.88 4.51 14.11
C LEU J 169 7.54 4.25 13.44
N GLU J 170 7.24 2.98 13.13
CA GLU J 170 5.97 2.66 12.52
C GLU J 170 4.81 2.91 13.48
N ASN J 171 4.99 2.57 14.76
CA ASN J 171 3.95 2.85 15.74
C ASN J 171 3.77 4.36 15.94
N MET J 172 4.88 5.11 15.95
CA MET J 172 4.79 6.55 16.09
C MET J 172 4.12 7.18 14.87
N LEU J 173 4.46 6.70 13.67
CA LEU J 173 3.89 7.27 12.46
C LEU J 173 2.39 7.02 12.38
N LYS J 174 1.95 5.81 12.75
CA LYS J 174 0.52 5.50 12.72
C LYS J 174 -0.25 6.39 13.68
N LEU J 175 0.28 6.61 14.88
CA LEU J 175 -0.42 7.43 15.86
C LEU J 175 -0.41 8.91 15.46
N SER J 176 0.70 9.39 14.91
CA SER J 176 0.77 10.78 14.47
C SER J 176 -0.16 11.01 13.28
N ASN J 177 -0.31 10.02 12.40
CA ASN J 177 -1.27 10.13 11.31
C ASN J 177 -2.69 10.20 11.80
N LEU J 178 -2.97 9.70 13.00
CA LEU J 178 -4.30 9.71 13.58
C LEU J 178 -4.59 10.97 14.39
N GLY J 179 -3.61 11.84 14.57
CA GLY J 179 -3.79 13.08 15.32
C GLY J 179 -2.98 13.17 16.59
N ALA J 180 -2.41 12.06 17.07
CA ALA J 180 -1.58 12.10 18.27
C ALA J 180 -0.29 12.87 17.99
N VAL J 181 0.25 13.48 19.04
CA VAL J 181 1.47 14.27 18.94
C VAL J 181 2.62 13.44 19.47
N ILE J 182 3.57 13.12 18.61
CA ILE J 182 4.78 12.38 19.00
C ILE J 182 5.84 13.42 19.34
N LEU J 183 6.03 13.65 20.64
CA LEU J 183 6.98 14.63 21.15
C LEU J 183 8.10 13.89 21.86
N PRO J 184 9.17 13.51 21.17
CA PRO J 184 10.23 12.74 21.82
C PRO J 184 10.99 13.57 22.84
N ALA J 185 11.54 12.88 23.83
CA ALA J 185 12.35 13.53 24.85
C ALA J 185 13.71 13.92 24.27
N ALA J 186 13.70 14.83 23.30
CA ALA J 186 14.91 15.32 22.64
C ALA J 186 15.03 16.81 22.91
N PRO J 187 15.66 17.21 24.02
CA PRO J 187 15.73 18.63 24.35
C PRO J 187 16.68 19.37 23.42
N GLY J 188 16.32 20.60 23.10
CA GLY J 188 17.19 21.46 22.31
C GLY J 188 18.21 22.18 23.16
N PHE J 189 19.21 22.75 22.48
CA PHE J 189 20.30 23.43 23.14
C PHE J 189 20.40 24.90 22.75
N TYR J 190 19.45 25.41 21.97
CA TYR J 190 19.56 26.77 21.45
C TYR J 190 19.19 27.84 22.46
N HIS J 191 18.72 27.47 23.66
CA HIS J 191 18.57 28.40 24.76
C HIS J 191 19.73 28.32 25.73
N GLN J 192 20.83 27.67 25.32
CA GLN J 192 22.07 27.53 26.07
C GLN J 192 21.82 27.02 27.48
N PRO J 193 21.49 25.74 27.64
CA PRO J 193 21.21 25.22 28.98
C PRO J 193 22.48 25.11 29.82
N GLN J 194 22.31 25.26 31.13
CA GLN J 194 23.41 25.19 32.07
C GLN J 194 23.29 24.02 33.03
N SER J 195 22.22 23.23 32.96
CA SER J 195 22.01 22.15 33.91
C SER J 195 21.09 21.11 33.28
N VAL J 196 21.00 19.96 33.96
CA VAL J 196 20.05 18.92 33.54
C VAL J 196 18.63 19.45 33.63
N GLU J 197 18.36 20.29 34.63
CA GLU J 197 17.02 20.83 34.82
C GLU J 197 16.60 21.73 33.66
N ASP J 198 17.56 22.43 33.05
CA ASP J 198 17.23 23.26 31.89
C ASP J 198 16.81 22.40 30.70
N LEU J 199 17.45 21.25 30.52
CA LEU J 199 17.06 20.35 29.44
C LEU J 199 15.71 19.70 29.71
N VAL J 200 15.44 19.38 30.98
CA VAL J 200 14.12 18.85 31.34
C VAL J 200 13.05 19.91 31.10
N ASP J 201 13.34 21.16 31.44
CA ASP J 201 12.36 22.23 31.27
C ASP J 201 12.08 22.50 29.80
N PHE J 202 13.06 22.25 28.92
CA PHE J 202 12.83 22.42 27.48
C PHE J 202 11.71 21.52 26.99
N VAL J 203 11.79 20.22 27.31
CA VAL J 203 10.79 19.28 26.85
C VAL J 203 9.44 19.55 27.50
N VAL J 204 9.44 19.87 28.80
CA VAL J 204 8.19 20.18 29.48
C VAL J 204 7.53 21.42 28.87
N ALA J 205 8.32 22.43 28.55
CA ALA J 205 7.77 23.63 27.93
C ALA J 205 7.12 23.32 26.59
N ARG J 206 7.72 22.40 25.81
CA ARG J 206 7.12 22.05 24.53
C ARG J 206 5.84 21.25 24.71
N ILE J 207 5.76 20.43 25.75
CA ILE J 207 4.52 19.70 26.04
C ILE J 207 3.42 20.69 26.40
N LEU J 208 3.74 21.67 27.25
CA LEU J 208 2.74 22.66 27.65
C LEU J 208 2.30 23.51 26.47
N ASN J 209 3.24 23.89 25.60
CA ASN J 209 2.88 24.67 24.43
C ASN J 209 2.03 23.87 23.45
N THR J 210 2.30 22.57 23.35
CA THR J 210 1.46 21.71 22.51
C THR J 210 0.04 21.64 23.05
N LEU J 211 -0.11 21.54 24.37
CA LEU J 211 -1.42 21.50 25.00
C LEU J 211 -2.13 22.84 25.01
N GLY J 212 -1.42 23.93 24.72
CA GLY J 212 -2.02 25.25 24.82
C GLY J 212 -2.03 25.83 26.21
N ILE J 213 -1.07 25.44 27.04
CA ILE J 213 -0.98 25.88 28.44
C ILE J 213 0.22 26.80 28.55
N PRO J 214 0.09 27.98 29.17
CA PRO J 214 1.21 28.93 29.22
C PRO J 214 2.33 28.49 30.15
N GLN J 215 3.42 29.26 30.17
CA GLN J 215 4.52 29.03 31.08
C GLN J 215 4.88 30.32 31.81
N SER K 23 -20.14 27.36 23.00
CA SER K 23 -21.26 26.50 23.38
C SER K 23 -21.49 25.43 22.33
N GLY K 24 -20.47 25.17 21.53
CA GLY K 24 -20.60 24.27 20.41
C GLY K 24 -21.12 25.00 19.19
N PRO K 25 -21.42 24.26 18.12
CA PRO K 25 -21.90 24.91 16.90
C PRO K 25 -23.32 25.45 17.08
N GLU K 26 -23.56 26.64 16.53
CA GLU K 26 -24.89 27.24 16.60
C GLU K 26 -25.84 26.70 15.54
N ARG K 27 -25.31 26.36 14.36
CA ARG K 27 -26.09 25.78 13.28
C ARG K 27 -25.56 24.40 12.96
N ILE K 28 -26.46 23.44 12.78
CA ILE K 28 -26.11 22.04 12.54
C ILE K 28 -26.95 21.51 11.39
N THR K 29 -26.29 20.88 10.42
CA THR K 29 -26.99 20.14 9.39
C THR K 29 -27.29 18.73 9.91
N LEU K 30 -28.58 18.41 10.04
CA LEU K 30 -29.01 17.09 10.47
C LEU K 30 -29.62 16.37 9.28
N ALA K 31 -28.98 15.30 8.85
CA ALA K 31 -29.44 14.50 7.72
C ALA K 31 -29.85 13.12 8.21
N MET K 32 -31.00 12.64 7.77
CA MET K 32 -31.48 11.31 8.09
C MET K 32 -31.50 10.48 6.81
N THR K 33 -30.81 9.35 6.82
CA THR K 33 -30.74 8.46 5.67
C THR K 33 -31.36 7.11 6.02
N GLY K 34 -31.55 6.29 5.00
CA GLY K 34 -32.38 5.11 5.10
C GLY K 34 -31.86 3.94 5.92
N ALA K 35 -31.18 4.20 7.02
CA ALA K 35 -30.82 3.14 7.95
C ALA K 35 -31.87 3.02 9.04
N SER K 36 -31.95 1.84 9.63
CA SER K 36 -32.88 1.62 10.73
C SER K 36 -32.44 2.41 11.96
N GLY K 37 -33.42 2.96 12.67
CA GLY K 37 -33.12 3.76 13.84
C GLY K 37 -33.55 5.21 13.67
N ALA K 38 -34.75 5.41 13.12
CA ALA K 38 -35.27 6.76 12.95
C ALA K 38 -35.50 7.46 14.29
N GLN K 39 -35.68 6.70 15.37
CA GLN K 39 -35.84 7.32 16.68
C GLN K 39 -34.58 8.06 17.11
N TYR K 40 -33.41 7.60 16.64
CA TYR K 40 -32.17 8.31 16.95
C TYR K 40 -32.19 9.72 16.34
N GLY K 41 -32.58 9.83 15.07
CA GLY K 41 -32.57 11.12 14.41
C GLY K 41 -33.63 12.08 14.95
N LEU K 42 -34.82 11.55 15.23
CA LEU K 42 -35.89 12.38 15.79
C LEU K 42 -35.51 12.87 17.19
N ARG K 43 -34.98 11.98 18.03
CA ARG K 43 -34.56 12.38 19.36
C ARG K 43 -33.41 13.38 19.30
N LEU K 44 -32.51 13.20 18.33
CA LEU K 44 -31.41 14.16 18.17
C LEU K 44 -31.93 15.52 17.72
N LEU K 45 -32.89 15.54 16.79
CA LEU K 45 -33.49 16.79 16.36
C LEU K 45 -34.17 17.49 17.52
N ASP K 46 -34.87 16.74 18.37
CA ASP K 46 -35.54 17.34 19.51
C ASP K 46 -34.53 17.93 20.50
N CYS K 47 -33.38 17.28 20.65
CA CYS K 47 -32.38 17.76 21.59
C CYS K 47 -31.64 18.97 21.03
N LEU K 48 -31.45 19.02 19.72
CA LEU K 48 -30.83 20.20 19.11
C LEU K 48 -31.75 21.41 19.23
N VAL K 49 -33.07 21.19 19.15
CA VAL K 49 -34.02 22.28 19.27
C VAL K 49 -34.06 22.82 20.69
N GLN K 50 -34.09 21.94 21.68
CA GLN K 50 -34.13 22.40 23.07
C GLN K 50 -32.85 23.12 23.46
N GLU K 51 -31.73 22.80 22.80
CA GLU K 51 -30.48 23.50 23.04
C GLU K 51 -30.34 24.78 22.23
N GLU K 52 -31.43 25.24 21.60
CA GLU K 52 -31.48 26.53 20.92
C GLU K 52 -30.53 26.58 19.72
N ARG K 53 -30.43 25.46 18.99
CA ARG K 53 -29.60 25.39 17.80
C ARG K 53 -30.46 25.51 16.55
N GLU K 54 -29.93 26.20 15.54
CA GLU K 54 -30.58 26.21 14.23
C GLU K 54 -30.23 24.94 13.47
N VAL K 55 -31.26 24.22 13.03
CA VAL K 55 -31.08 22.92 12.40
C VAL K 55 -31.50 23.01 10.94
N HIS K 56 -30.59 22.65 10.04
CA HIS K 56 -30.92 22.49 8.62
C HIS K 56 -31.21 21.01 8.40
N PHE K 57 -32.49 20.68 8.29
CA PHE K 57 -32.93 19.29 8.27
C PHE K 57 -33.01 18.76 6.85
N LEU K 58 -32.36 17.62 6.62
CA LEU K 58 -32.41 16.92 5.35
C LEU K 58 -32.80 15.47 5.59
N ILE K 59 -33.53 14.90 4.64
CA ILE K 59 -33.99 13.51 4.77
C ILE K 59 -34.07 12.91 3.37
N SER K 60 -33.65 11.65 3.25
CA SER K 60 -33.68 10.94 1.98
C SER K 60 -35.03 10.26 1.80
N LYS K 61 -35.26 9.78 0.57
CA LYS K 61 -36.49 9.05 0.27
C LYS K 61 -36.58 7.75 1.06
N ALA K 62 -35.46 7.04 1.19
CA ALA K 62 -35.46 5.80 1.94
C ALA K 62 -35.71 6.05 3.43
N ALA K 63 -35.14 7.13 3.97
CA ALA K 63 -35.36 7.46 5.37
C ALA K 63 -36.82 7.80 5.65
N GLN K 64 -37.52 8.39 4.68
CA GLN K 64 -38.94 8.66 4.87
C GLN K 64 -39.73 7.36 4.95
N LEU K 65 -39.31 6.34 4.20
CA LEU K 65 -39.98 5.04 4.29
C LEU K 65 -39.61 4.34 5.60
N VAL K 66 -38.37 4.50 6.06
CA VAL K 66 -37.97 3.91 7.34
C VAL K 66 -38.77 4.51 8.48
N MET K 67 -38.94 5.83 8.46
CA MET K 67 -39.68 6.50 9.53
C MET K 67 -41.15 6.08 9.54
N ALA K 68 -41.75 5.91 8.36
CA ALA K 68 -43.12 5.44 8.30
C ALA K 68 -43.25 3.99 8.71
N THR K 69 -42.17 3.21 8.58
CA THR K 69 -42.22 1.80 8.92
C THR K 69 -41.96 1.56 10.41
N GLU K 70 -41.05 2.33 11.00
CA GLU K 70 -40.61 2.08 12.37
C GLU K 70 -41.33 2.93 13.41
N THR K 71 -41.85 4.09 13.03
CA THR K 71 -42.48 5.01 13.98
C THR K 71 -43.93 5.26 13.60
N ASP K 72 -44.64 5.92 14.51
CA ASP K 72 -46.00 6.40 14.27
C ASP K 72 -46.02 7.85 13.82
N VAL K 73 -44.89 8.38 13.36
CA VAL K 73 -44.77 9.77 12.94
C VAL K 73 -45.19 9.88 11.48
N ALA K 74 -46.24 10.66 11.22
CA ALA K 74 -46.71 10.91 9.87
C ALA K 74 -46.01 12.16 9.35
N LEU K 75 -44.85 11.96 8.72
CA LEU K 75 -44.04 13.08 8.25
C LEU K 75 -44.51 13.51 6.87
N PRO K 76 -44.88 14.77 6.68
CA PRO K 76 -45.21 15.26 5.34
C PRO K 76 -44.01 15.16 4.41
N ALA K 77 -44.30 15.01 3.12
CA ALA K 77 -43.27 14.74 2.12
C ALA K 77 -42.57 16.01 1.62
N LYS K 78 -43.32 17.05 1.29
CA LYS K 78 -42.71 18.24 0.73
C LYS K 78 -42.09 19.10 1.83
N PRO K 79 -41.04 19.87 1.50
CA PRO K 79 -40.24 20.52 2.55
C PRO K 79 -41.01 21.51 3.40
N GLN K 80 -41.86 22.34 2.79
CA GLN K 80 -42.52 23.39 3.58
C GLN K 80 -43.51 22.80 4.58
N ALA K 81 -44.23 21.74 4.21
CA ALA K 81 -45.10 21.09 5.16
C ALA K 81 -44.31 20.27 6.17
N MET K 82 -43.16 19.73 5.76
CA MET K 82 -42.30 19.01 6.70
C MET K 82 -41.69 19.96 7.72
N GLN K 83 -41.37 21.19 7.31
CA GLN K 83 -40.83 22.16 8.24
C GLN K 83 -41.86 22.54 9.31
N ALA K 84 -43.11 22.73 8.90
CA ALA K 84 -44.16 23.09 9.86
C ALA K 84 -44.45 21.95 10.82
N PHE K 85 -44.41 20.71 10.32
CA PHE K 85 -44.67 19.56 11.19
C PHE K 85 -43.57 19.39 12.23
N LEU K 86 -42.31 19.41 11.80
CA LEU K 86 -41.20 19.25 12.72
C LEU K 86 -41.10 20.41 13.71
N THR K 87 -41.50 21.61 13.28
CA THR K 87 -41.56 22.74 14.21
C THR K 87 -42.56 22.49 15.32
N GLU K 88 -43.73 21.95 14.97
CA GLU K 88 -44.73 21.62 15.98
C GLU K 88 -44.34 20.36 16.76
N TYR K 89 -43.67 19.42 16.10
CA TYR K 89 -43.27 18.19 16.78
C TYR K 89 -42.23 18.46 17.87
N CYS K 90 -41.31 19.40 17.62
CA CYS K 90 -40.25 19.71 18.56
C CYS K 90 -40.53 20.94 19.41
N GLY K 91 -41.60 21.68 19.12
CA GLY K 91 -41.83 22.94 19.80
C GLY K 91 -40.78 23.98 19.48
N ALA K 92 -40.27 23.97 18.25
CA ALA K 92 -39.20 24.87 17.86
C ALA K 92 -39.73 26.28 17.61
N ALA K 93 -38.82 27.25 17.69
CA ALA K 93 -39.15 28.63 17.39
C ALA K 93 -39.26 28.83 15.89
N ALA K 94 -39.76 29.99 15.49
CA ALA K 94 -39.93 30.30 14.08
C ALA K 94 -38.58 30.35 13.38
N GLY K 95 -38.46 29.62 12.28
CA GLY K 95 -37.23 29.59 11.51
C GLY K 95 -36.09 28.82 12.13
N GLN K 96 -36.30 28.19 13.29
CA GLN K 96 -35.22 27.42 13.91
C GLN K 96 -34.90 26.17 13.11
N ILE K 97 -35.93 25.50 12.58
CA ILE K 97 -35.76 24.33 11.73
C ILE K 97 -35.99 24.77 10.28
N ARG K 98 -35.03 24.43 9.41
CA ARG K 98 -35.13 24.74 7.99
C ARG K 98 -34.96 23.43 7.21
N VAL K 99 -35.95 23.10 6.38
CA VAL K 99 -35.95 21.87 5.61
C VAL K 99 -35.65 22.20 4.16
N PHE K 100 -34.77 21.41 3.55
CA PHE K 100 -34.36 21.60 2.16
C PHE K 100 -34.51 20.29 1.40
N GLY K 101 -34.93 20.40 0.14
CA GLY K 101 -35.08 19.22 -0.69
C GLY K 101 -33.75 18.58 -1.05
N GLN K 102 -33.84 17.36 -1.56
CA GLN K 102 -32.64 16.58 -1.86
C GLN K 102 -31.89 17.07 -3.09
N ASN K 103 -32.49 17.95 -3.89
CA ASN K 103 -31.82 18.53 -5.05
C ASN K 103 -31.70 20.05 -4.95
N ASP K 104 -31.98 20.62 -3.79
CA ASP K 104 -31.88 22.07 -3.59
C ASP K 104 -30.43 22.43 -3.37
N TRP K 105 -29.71 22.67 -4.47
CA TRP K 105 -28.31 23.02 -4.39
C TRP K 105 -28.09 24.45 -3.89
N MET K 106 -29.12 25.28 -3.96
CA MET K 106 -29.04 26.63 -3.40
C MET K 106 -29.12 26.64 -1.87
N ALA K 107 -29.37 25.49 -1.25
CA ALA K 107 -29.44 25.42 0.20
C ALA K 107 -28.08 25.75 0.82
N PRO K 108 -28.07 26.31 2.02
CA PRO K 108 -26.81 26.69 2.67
C PRO K 108 -25.82 25.55 2.79
N PRO K 109 -26.25 24.34 3.21
CA PRO K 109 -25.26 23.26 3.40
C PRO K 109 -24.49 22.86 2.14
N ALA K 110 -24.94 23.27 0.96
CA ALA K 110 -24.29 22.86 -0.28
C ALA K 110 -23.07 23.72 -0.63
N SER K 111 -22.86 24.84 0.04
CA SER K 111 -21.75 25.73 -0.23
C SER K 111 -20.92 25.92 1.03
N GLY K 112 -19.61 26.06 0.84
CA GLY K 112 -18.71 26.16 1.98
C GLY K 112 -18.92 27.41 2.80
N SER K 113 -19.14 28.55 2.15
CA SER K 113 -19.26 29.81 2.87
C SER K 113 -20.59 29.94 3.60
N SER K 114 -21.62 29.20 3.18
CA SER K 114 -22.95 29.32 3.75
C SER K 114 -23.39 28.14 4.61
N ALA K 115 -22.63 27.05 4.61
CA ALA K 115 -23.06 25.84 5.31
C ALA K 115 -22.96 26.00 6.83
N PRO K 116 -23.76 25.26 7.58
CA PRO K 116 -23.58 25.20 9.03
C PRO K 116 -22.23 24.59 9.39
N ASN K 117 -21.73 24.93 10.57
CA ASN K 117 -20.38 24.54 10.96
C ASN K 117 -20.28 23.10 11.46
N ALA K 118 -21.35 22.31 11.33
CA ALA K 118 -21.36 20.95 11.82
C ALA K 118 -22.45 20.18 11.12
N MET K 119 -22.18 18.91 10.84
CA MET K 119 -23.15 18.06 10.16
C MET K 119 -23.20 16.69 10.83
N VAL K 120 -24.41 16.16 10.97
CA VAL K 120 -24.64 14.83 11.51
C VAL K 120 -25.54 14.08 10.53
N ILE K 121 -25.16 12.84 10.21
CA ILE K 121 -25.99 11.94 9.43
C ILE K 121 -26.45 10.85 10.38
N CYS K 122 -27.69 10.97 10.87
CA CYS K 122 -28.21 10.05 11.86
C CYS K 122 -29.66 9.68 11.56
N PRO K 123 -29.94 8.42 11.23
CA PRO K 123 -28.94 7.36 11.05
C PRO K 123 -28.26 7.43 9.69
N CYS K 124 -27.15 6.73 9.53
CA CYS K 124 -26.36 6.74 8.31
C CYS K 124 -26.47 5.37 7.65
N SER K 125 -27.10 5.32 6.49
CA SER K 125 -27.19 4.07 5.74
C SER K 125 -25.84 3.72 5.13
N THR K 126 -25.66 2.43 4.82
CA THR K 126 -24.43 2.01 4.17
C THR K 126 -24.27 2.66 2.81
N GLY K 127 -25.38 2.98 2.14
CA GLY K 127 -25.29 3.67 0.86
C GLY K 127 -24.78 5.09 0.98
N THR K 128 -25.28 5.83 1.97
CA THR K 128 -24.77 7.18 2.20
C THR K 128 -23.35 7.14 2.73
N LEU K 129 -23.04 6.15 3.58
CA LEU K 129 -21.66 5.95 4.02
C LEU K 129 -20.74 5.72 2.83
N SER K 130 -21.22 4.99 1.82
CA SER K 130 -20.42 4.75 0.62
C SER K 130 -20.25 6.03 -0.20
N ALA K 131 -21.35 6.77 -0.40
CA ALA K 131 -21.29 7.96 -1.24
C ALA K 131 -20.41 9.04 -0.62
N VAL K 132 -20.47 9.21 0.69
CA VAL K 132 -19.61 10.19 1.35
C VAL K 132 -18.15 9.76 1.27
N ALA K 133 -17.88 8.45 1.37
CA ALA K 133 -16.50 7.97 1.29
C ALA K 133 -15.93 8.14 -0.11
N THR K 134 -16.75 8.02 -1.14
CA THR K 134 -16.27 8.19 -2.51
C THR K 134 -16.46 9.60 -3.04
N GLY K 135 -17.31 10.40 -2.41
CA GLY K 135 -17.56 11.75 -2.87
C GLY K 135 -18.61 11.86 -3.96
N ALA K 136 -19.62 10.99 -3.94
CA ALA K 136 -20.58 10.92 -5.04
C ALA K 136 -21.35 12.23 -5.20
N CYS K 137 -21.81 12.83 -4.10
CA CYS K 137 -22.54 14.10 -4.13
C CYS K 137 -23.73 14.03 -5.06
N ASN K 138 -24.49 12.93 -4.99
CA ASN K 138 -25.63 12.77 -5.88
C ASN K 138 -26.88 13.45 -5.35
N ASN K 139 -26.91 13.82 -4.07
CA ASN K 139 -28.02 14.57 -3.49
C ASN K 139 -27.45 15.63 -2.54
N LEU K 140 -28.35 16.39 -1.92
CA LEU K 140 -27.92 17.46 -1.03
C LEU K 140 -27.21 16.93 0.21
N ILE K 141 -27.65 15.77 0.71
CA ILE K 141 -27.03 15.18 1.90
C ILE K 141 -25.58 14.82 1.62
N GLU K 142 -25.34 14.14 0.50
CA GLU K 142 -23.98 13.71 0.17
C GLU K 142 -23.10 14.89 -0.19
N ARG K 143 -23.67 15.91 -0.86
CA ARG K 143 -22.91 17.11 -1.19
C ARG K 143 -22.57 17.90 0.07
N ALA K 144 -23.49 17.97 1.02
CA ALA K 144 -23.24 18.70 2.26
C ALA K 144 -22.13 18.03 3.08
N ALA K 145 -22.11 16.70 3.10
CA ALA K 145 -21.04 16.00 3.79
C ALA K 145 -19.70 16.20 3.08
N ASP K 146 -19.73 16.28 1.75
CA ASP K 146 -18.51 16.55 0.99
C ASP K 146 -18.00 17.97 1.28
N VAL K 147 -18.92 18.92 1.43
CA VAL K 147 -18.52 20.28 1.78
C VAL K 147 -17.94 20.33 3.18
N ALA K 148 -18.56 19.60 4.13
CA ALA K 148 -18.06 19.58 5.50
C ALA K 148 -16.65 19.02 5.57
N LEU K 149 -16.32 18.05 4.71
CA LEU K 149 -14.98 17.48 4.72
C LEU K 149 -13.97 18.42 4.10
N LYS K 150 -14.34 19.10 3.01
CA LYS K 150 -13.42 20.02 2.36
C LYS K 150 -13.21 21.29 3.17
N GLU K 151 -14.15 21.65 4.03
CA GLU K 151 -13.98 22.76 4.96
C GLU K 151 -13.46 22.30 6.32
N ARG K 152 -13.25 20.99 6.50
CA ARG K 152 -12.73 20.43 7.75
CA ARG K 152 -12.73 20.43 7.75
C ARG K 152 -13.61 20.81 8.94
N ARG K 153 -14.92 20.62 8.77
CA ARG K 153 -15.89 20.87 9.81
C ARG K 153 -16.41 19.53 10.37
N PRO K 154 -16.89 19.51 11.61
CA PRO K 154 -17.31 18.25 12.22
C PRO K 154 -18.34 17.51 11.37
N LEU K 155 -18.07 16.23 11.11
CA LEU K 155 -18.97 15.35 10.38
C LEU K 155 -19.12 14.06 11.17
N VAL K 156 -20.31 13.83 11.71
CA VAL K 156 -20.60 12.67 12.54
C VAL K 156 -21.53 11.74 11.77
N LEU K 157 -21.09 10.50 11.55
CA LEU K 157 -21.88 9.49 10.87
C LEU K 157 -22.33 8.44 11.87
N VAL K 158 -23.63 8.14 11.85
CA VAL K 158 -24.21 7.17 12.79
C VAL K 158 -24.75 5.98 11.99
N PRO K 159 -23.93 5.00 11.66
CA PRO K 159 -24.42 3.85 10.90
C PRO K 159 -25.12 2.83 11.78
N ARG K 160 -26.10 2.16 11.18
CA ARG K 160 -26.82 1.04 11.81
C ARG K 160 -26.80 -0.11 10.81
N GLU K 161 -25.94 -1.09 11.07
CA GLU K 161 -25.86 -2.26 10.20
C GLU K 161 -25.18 -3.39 10.97
N ALA K 162 -25.62 -4.62 10.71
CA ALA K 162 -25.05 -5.80 11.33
C ALA K 162 -25.27 -7.00 10.42
N PRO K 163 -24.20 -7.72 10.03
CA PRO K 163 -22.81 -7.42 10.40
C PRO K 163 -22.21 -6.29 9.56
N PHE K 164 -21.03 -5.84 9.96
CA PHE K 164 -20.25 -4.89 9.17
C PHE K 164 -19.39 -5.67 8.18
N SER K 165 -19.64 -5.49 6.89
CA SER K 165 -18.81 -6.11 5.89
C SER K 165 -17.50 -5.34 5.73
N SER K 166 -16.57 -5.93 4.98
CA SER K 166 -15.30 -5.25 4.71
C SER K 166 -15.51 -3.98 3.91
N ILE K 167 -16.55 -3.93 3.07
CA ILE K 167 -16.87 -2.71 2.34
C ILE K 167 -17.32 -1.62 3.28
N HIS K 168 -18.20 -1.96 4.24
CA HIS K 168 -18.63 -0.98 5.23
C HIS K 168 -17.45 -0.51 6.07
N LEU K 169 -16.62 -1.43 6.54
CA LEU K 169 -15.53 -1.07 7.43
C LEU K 169 -14.49 -0.21 6.73
N GLU K 170 -14.23 -0.49 5.45
CA GLU K 170 -13.24 0.30 4.72
C GLU K 170 -13.74 1.72 4.46
N ASN K 171 -15.02 1.86 4.11
CA ASN K 171 -15.61 3.19 3.95
C ASN K 171 -15.59 3.97 5.26
N MET K 172 -15.82 3.27 6.38
CA MET K 172 -15.77 3.93 7.69
C MET K 172 -14.34 4.30 8.05
N LEU K 173 -13.37 3.42 7.74
CA LEU K 173 -11.99 3.70 8.09
C LEU K 173 -11.43 4.87 7.29
N LYS K 174 -11.79 4.95 6.00
CA LYS K 174 -11.31 6.06 5.18
C LYS K 174 -11.84 7.39 5.69
N LEU K 175 -13.12 7.45 6.05
CA LEU K 175 -13.70 8.70 6.54
C LEU K 175 -13.19 9.04 7.93
N SER K 176 -12.98 8.03 8.78
CA SER K 176 -12.42 8.29 10.10
C SER K 176 -11.00 8.80 10.01
N ASN K 177 -10.22 8.29 9.04
CA ASN K 177 -8.87 8.78 8.83
C ASN K 177 -8.86 10.21 8.31
N LEU K 178 -9.95 10.68 7.72
CA LEU K 178 -10.04 12.04 7.21
C LEU K 178 -10.57 13.02 8.24
N GLY K 179 -10.94 12.56 9.44
CA GLY K 179 -11.43 13.43 10.48
C GLY K 179 -12.88 13.22 10.86
N ALA K 180 -13.63 12.47 10.06
CA ALA K 180 -15.03 12.21 10.39
C ALA K 180 -15.13 11.29 11.60
N VAL K 181 -16.19 11.47 12.38
CA VAL K 181 -16.45 10.68 13.58
C VAL K 181 -17.42 9.57 13.21
N ILE K 182 -16.96 8.32 13.30
CA ILE K 182 -17.80 7.16 13.05
C ILE K 182 -18.38 6.73 14.40
N LEU K 183 -19.63 7.12 14.64
CA LEU K 183 -20.33 6.84 15.89
C LEU K 183 -21.46 5.85 15.60
N PRO K 184 -21.22 4.55 15.66
CA PRO K 184 -22.28 3.60 15.31
C PRO K 184 -23.41 3.60 16.32
N ALA K 185 -24.59 3.20 15.87
CA ALA K 185 -25.75 3.10 16.75
C ALA K 185 -25.62 1.87 17.65
N ALA K 186 -24.61 1.89 18.52
CA ALA K 186 -24.33 0.78 19.44
C ALA K 186 -24.43 1.32 20.86
N PRO K 187 -25.63 1.35 21.44
CA PRO K 187 -25.78 1.90 22.79
C PRO K 187 -25.16 1.01 23.84
N GLY K 188 -24.63 1.65 24.89
CA GLY K 188 -24.08 0.92 26.01
C GLY K 188 -25.11 0.63 27.07
N PHE K 189 -24.76 -0.29 27.97
CA PHE K 189 -25.68 -0.76 29.01
C PHE K 189 -25.17 -0.46 30.42
N TYR K 190 -24.06 0.27 30.57
CA TYR K 190 -23.46 0.46 31.87
C TYR K 190 -24.14 1.52 32.71
N HIS K 191 -25.17 2.18 32.19
CA HIS K 191 -26.05 3.02 32.99
C HIS K 191 -27.37 2.31 33.33
N GLN K 192 -27.39 0.98 33.16
CA GLN K 192 -28.54 0.11 33.37
C GLN K 192 -29.82 0.71 32.80
N PRO K 193 -30.00 0.65 31.48
CA PRO K 193 -31.21 1.23 30.89
C PRO K 193 -32.45 0.43 31.24
N GLN K 194 -33.58 1.14 31.31
CA GLN K 194 -34.86 0.55 31.64
C GLN K 194 -35.84 0.50 30.48
N SER K 195 -35.55 1.19 29.39
CA SER K 195 -36.48 1.24 28.26
C SER K 195 -35.70 1.40 26.97
N VAL K 196 -36.42 1.29 25.85
CA VAL K 196 -35.82 1.56 24.55
C VAL K 196 -35.32 3.01 24.49
N GLU K 197 -36.08 3.94 25.07
CA GLU K 197 -35.67 5.35 25.01
C GLU K 197 -34.37 5.59 25.76
N ASP K 198 -34.10 4.81 26.81
CA ASP K 198 -32.82 4.96 27.50
C ASP K 198 -31.66 4.63 26.57
N LEU K 199 -31.84 3.61 25.72
CA LEU K 199 -30.79 3.25 24.78
C LEU K 199 -30.69 4.26 23.63
N VAL K 200 -31.82 4.82 23.19
CA VAL K 200 -31.79 5.88 22.20
C VAL K 200 -31.10 7.13 22.76
N ASP K 201 -31.37 7.43 24.04
CA ASP K 201 -30.75 8.60 24.67
C ASP K 201 -29.25 8.42 24.85
N PHE K 202 -28.79 7.17 25.05
CA PHE K 202 -27.36 6.92 25.15
C PHE K 202 -26.64 7.36 23.88
N VAL K 203 -27.17 6.98 22.72
CA VAL K 203 -26.50 7.29 21.45
C VAL K 203 -26.55 8.77 21.17
N VAL K 204 -27.70 9.41 21.40
CA VAL K 204 -27.85 10.84 21.11
C VAL K 204 -26.99 11.67 22.06
N ALA K 205 -26.84 11.22 23.30
CA ALA K 205 -25.96 11.91 24.24
C ALA K 205 -24.52 11.86 23.77
N ARG K 206 -24.10 10.73 23.19
CA ARG K 206 -22.75 10.63 22.65
C ARG K 206 -22.57 11.54 21.45
N ILE K 207 -23.62 11.69 20.63
CA ILE K 207 -23.54 12.58 19.48
C ILE K 207 -23.40 14.02 19.93
N LEU K 208 -24.20 14.43 20.92
CA LEU K 208 -24.13 15.80 21.42
C LEU K 208 -22.79 16.07 22.07
N ASN K 209 -22.26 15.09 22.82
CA ASN K 209 -20.94 15.26 23.44
C ASN K 209 -19.85 15.35 22.38
N THR K 210 -19.97 14.59 21.29
CA THR K 210 -19.02 14.69 20.20
C THR K 210 -19.06 16.06 19.56
N LEU K 211 -20.25 16.64 19.43
CA LEU K 211 -20.41 17.97 18.87
C LEU K 211 -20.07 19.09 19.85
N GLY K 212 -19.88 18.77 21.12
CA GLY K 212 -19.64 19.79 22.12
C GLY K 212 -20.88 20.52 22.59
N ILE K 213 -22.01 19.82 22.64
CA ILE K 213 -23.30 20.42 23.00
C ILE K 213 -23.77 19.81 24.32
N PRO K 214 -24.29 20.62 25.25
CA PRO K 214 -24.76 20.06 26.53
C PRO K 214 -25.85 19.01 26.35
N GLN K 215 -25.98 18.16 27.37
CA GLN K 215 -26.84 16.98 27.32
C GLN K 215 -27.87 17.08 28.45
N ASP K 216 -29.00 17.73 28.18
CA ASP K 216 -30.07 17.87 29.16
C ASP K 216 -31.14 16.80 29.00
N MET K 217 -31.64 16.62 27.77
CA MET K 217 -32.41 15.45 27.35
C MET K 217 -33.82 15.36 27.95
N LEU K 218 -34.81 15.86 27.21
CA LEU K 218 -36.22 15.54 27.44
C LEU K 218 -37.03 16.07 26.25
N SER L 23 -28.60 -28.82 12.28
CA SER L 23 -27.97 -27.84 11.40
C SER L 23 -27.21 -26.80 12.20
N GLY L 24 -26.03 -26.43 11.71
CA GLY L 24 -25.17 -25.50 12.42
C GLY L 24 -24.16 -26.23 13.28
N PRO L 25 -23.24 -25.50 13.89
CA PRO L 25 -22.21 -26.14 14.72
C PRO L 25 -22.82 -26.71 15.99
N GLU L 26 -22.38 -27.92 16.34
CA GLU L 26 -22.87 -28.56 17.55
C GLU L 26 -22.14 -28.09 18.79
N ARG L 27 -20.89 -27.67 18.65
CA ARG L 27 -20.11 -27.11 19.75
C ARG L 27 -19.70 -25.69 19.40
N ILE L 28 -19.87 -24.76 20.33
CA ILE L 28 -19.56 -23.36 20.14
C ILE L 28 -18.75 -22.87 21.33
N THR L 29 -17.64 -22.19 21.05
CA THR L 29 -16.89 -21.49 22.08
C THR L 29 -17.48 -20.09 22.25
N LEU L 30 -18.03 -19.82 23.43
CA LEU L 30 -18.63 -18.53 23.74
C LEU L 30 -17.73 -17.81 24.72
N ALA L 31 -17.16 -16.68 24.28
CA ALA L 31 -16.28 -15.87 25.10
C ALA L 31 -16.93 -14.52 25.35
N MET L 32 -16.90 -14.07 26.60
CA MET L 32 -17.40 -12.76 26.98
C MET L 32 -16.22 -11.91 27.47
N THR L 33 -16.05 -10.74 26.89
CA THR L 33 -14.98 -9.84 27.26
C THR L 33 -15.55 -8.50 27.73
N GLY L 34 -14.66 -7.66 28.24
CA GLY L 34 -15.04 -6.50 29.03
C GLY L 34 -15.70 -5.34 28.30
N ALA L 35 -16.49 -5.61 27.28
CA ALA L 35 -17.29 -4.56 26.66
C ALA L 35 -18.67 -4.51 27.29
N SER L 36 -19.31 -3.35 27.20
CA SER L 36 -20.65 -3.19 27.73
C SER L 36 -21.65 -3.99 26.90
N GLY L 37 -22.59 -4.62 27.58
CA GLY L 37 -23.58 -5.44 26.90
C GLY L 37 -23.53 -6.88 27.32
N ALA L 38 -23.41 -7.13 28.63
CA ALA L 38 -23.38 -8.48 29.14
C ALA L 38 -24.69 -9.22 28.89
N GLN L 39 -25.79 -8.49 28.72
CA GLN L 39 -27.07 -9.12 28.40
C GLN L 39 -27.03 -9.81 27.05
N TYR L 40 -26.21 -9.31 26.12
CA TYR L 40 -26.07 -9.98 24.82
C TYR L 40 -25.47 -11.36 25.00
N GLY L 41 -24.41 -11.47 25.81
CA GLY L 41 -23.76 -12.76 25.98
C GLY L 41 -24.60 -13.74 26.76
N LEU L 42 -25.24 -13.28 27.84
CA LEU L 42 -26.10 -14.16 28.63
C LEU L 42 -27.28 -14.65 27.82
N ARG L 43 -27.91 -13.76 27.05
CA ARG L 43 -29.03 -14.16 26.21
C ARG L 43 -28.60 -15.12 25.11
N LEU L 44 -27.41 -14.90 24.55
CA LEU L 44 -26.89 -15.82 23.54
C LEU L 44 -26.58 -17.18 24.14
N LEU L 45 -26.01 -17.21 25.34
CA LEU L 45 -25.72 -18.48 26.00
C LEU L 45 -27.00 -19.27 26.26
N ASP L 46 -28.06 -18.58 26.68
CA ASP L 46 -29.32 -19.28 26.98
C ASP L 46 -29.89 -19.93 25.72
N CYS L 47 -29.94 -19.17 24.61
CA CYS L 47 -30.52 -19.70 23.39
C CYS L 47 -29.69 -20.83 22.80
N LEU L 48 -28.35 -20.72 22.91
CA LEU L 48 -27.51 -21.84 22.48
C LEU L 48 -27.80 -23.09 23.30
N VAL L 49 -28.12 -22.91 24.59
CA VAL L 49 -28.49 -24.05 25.42
C VAL L 49 -29.85 -24.61 25.00
N GLN L 50 -30.80 -23.73 24.71
CA GLN L 50 -32.12 -24.20 24.27
C GLN L 50 -32.04 -24.91 22.91
N GLU L 51 -31.08 -24.53 22.07
CA GLU L 51 -30.86 -25.23 20.81
C GLU L 51 -29.98 -26.47 20.98
N GLU L 52 -29.76 -26.89 22.22
CA GLU L 52 -29.06 -28.15 22.54
C GLU L 52 -27.66 -28.18 21.94
N ARG L 53 -26.94 -27.08 22.11
CA ARG L 53 -25.55 -26.98 21.70
C ARG L 53 -24.63 -27.09 22.91
N GLU L 54 -23.47 -27.72 22.69
CA GLU L 54 -22.45 -27.76 23.73
C GLU L 54 -21.64 -26.46 23.68
N VAL L 55 -21.57 -25.76 24.81
CA VAL L 55 -20.98 -24.43 24.88
C VAL L 55 -19.74 -24.50 25.75
N HIS L 56 -18.59 -24.11 25.18
CA HIS L 56 -17.36 -23.92 25.94
C HIS L 56 -17.29 -22.45 26.32
N PHE L 57 -17.61 -22.15 27.58
CA PHE L 57 -17.79 -20.77 28.03
C PHE L 57 -16.50 -20.20 28.59
N LEU L 58 -16.12 -19.03 28.10
CA LEU L 58 -14.94 -18.30 28.58
C LEU L 58 -15.35 -16.88 28.92
N ILE L 59 -14.69 -16.31 29.92
CA ILE L 59 -15.00 -14.95 30.36
C ILE L 59 -13.75 -14.33 30.96
N SER L 60 -13.51 -13.06 30.62
CA SER L 60 -12.37 -12.33 31.13
C SER L 60 -12.69 -11.68 32.47
N LYS L 61 -11.64 -11.22 33.15
CA LYS L 61 -11.84 -10.55 34.43
C LYS L 61 -12.60 -9.25 34.26
N ALA L 62 -12.31 -8.52 33.18
CA ALA L 62 -13.04 -7.27 32.92
C ALA L 62 -14.52 -7.55 32.65
N ALA L 63 -14.82 -8.63 31.94
CA ALA L 63 -16.20 -8.98 31.67
C ALA L 63 -16.94 -9.37 32.95
N GLN L 64 -16.24 -9.99 33.91
CA GLN L 64 -16.85 -10.30 35.19
C GLN L 64 -17.22 -9.02 35.94
N LEU L 65 -16.39 -7.98 35.80
CA LEU L 65 -16.72 -6.70 36.42
C LEU L 65 -17.86 -6.01 35.69
N VAL L 66 -17.95 -6.18 34.36
CA VAL L 66 -19.05 -5.60 33.61
C VAL L 66 -20.37 -6.25 33.99
N MET L 67 -20.38 -7.58 34.13
CA MET L 67 -21.61 -8.28 34.46
C MET L 67 -22.10 -7.91 35.86
N ALA L 68 -21.18 -7.77 36.81
CA ALA L 68 -21.58 -7.34 38.16
C ALA L 68 -22.06 -5.90 38.17
N THR L 69 -21.60 -5.08 37.22
CA THR L 69 -21.98 -3.68 37.18
C THR L 69 -23.32 -3.48 36.46
N GLU L 70 -23.53 -4.19 35.36
CA GLU L 70 -24.69 -3.95 34.51
C GLU L 70 -25.88 -4.84 34.84
N THR L 71 -25.66 -6.02 35.40
CA THR L 71 -26.72 -6.97 35.64
C THR L 71 -26.83 -7.28 37.13
N ASP L 72 -27.92 -7.96 37.49
CA ASP L 72 -28.11 -8.50 38.83
C ASP L 72 -27.70 -9.96 38.91
N VAL L 73 -26.84 -10.41 38.00
CA VAL L 73 -26.38 -11.80 37.95
C VAL L 73 -25.13 -11.92 38.82
N ALA L 74 -25.22 -12.73 39.87
CA ALA L 74 -24.09 -12.99 40.76
C ALA L 74 -23.34 -14.19 40.22
N LEU L 75 -22.38 -13.93 39.35
CA LEU L 75 -21.61 -15.00 38.70
C LEU L 75 -20.44 -15.39 39.59
N PRO L 76 -20.33 -16.65 40.02
CA PRO L 76 -19.15 -17.08 40.77
C PRO L 76 -17.89 -16.94 39.93
N ALA L 77 -16.76 -16.78 40.62
CA ALA L 77 -15.48 -16.48 39.99
C ALA L 77 -14.77 -17.73 39.46
N LYS L 78 -14.67 -18.77 40.28
CA LYS L 78 -13.94 -19.96 39.89
C LYS L 78 -14.73 -20.75 38.85
N PRO L 79 -14.04 -21.44 37.94
CA PRO L 79 -14.73 -22.06 36.79
C PRO L 79 -15.81 -23.06 37.17
N GLN L 80 -15.53 -23.99 38.08
CA GLN L 80 -16.49 -25.05 38.38
C GLN L 80 -17.73 -24.50 39.06
N ALA L 81 -17.57 -23.56 39.99
CA ALA L 81 -18.73 -22.89 40.57
C ALA L 81 -19.47 -22.07 39.53
N MET L 82 -18.74 -21.49 38.58
CA MET L 82 -19.38 -20.76 37.48
C MET L 82 -20.11 -21.72 36.55
N GLN L 83 -19.56 -22.92 36.35
CA GLN L 83 -20.22 -23.90 35.49
C GLN L 83 -21.55 -24.35 36.09
N ALA L 84 -21.59 -24.57 37.40
CA ALA L 84 -22.83 -24.99 38.04
C ALA L 84 -23.87 -23.88 38.04
N PHE L 85 -23.43 -22.63 38.18
CA PHE L 85 -24.36 -21.52 38.17
C PHE L 85 -24.99 -21.34 36.79
N LEU L 86 -24.17 -21.33 35.75
CA LEU L 86 -24.69 -21.16 34.39
C LEU L 86 -25.54 -22.34 33.96
N THR L 87 -25.26 -23.54 34.47
CA THR L 87 -26.07 -24.69 34.13
C THR L 87 -27.50 -24.52 34.63
N GLU L 88 -27.66 -24.04 35.87
CA GLU L 88 -28.99 -23.82 36.42
C GLU L 88 -29.60 -22.52 35.90
N TYR L 89 -28.77 -21.52 35.58
CA TYR L 89 -29.29 -20.26 35.06
C TYR L 89 -29.94 -20.44 33.70
N CYS L 90 -29.45 -21.36 32.88
CA CYS L 90 -30.00 -21.62 31.56
C CYS L 90 -30.78 -22.92 31.48
N GLY L 91 -30.83 -23.70 32.56
CA GLY L 91 -31.49 -24.99 32.50
C GLY L 91 -30.79 -25.98 31.59
N ALA L 92 -29.46 -25.98 31.59
CA ALA L 92 -28.70 -26.83 30.69
C ALA L 92 -28.57 -28.24 31.26
N ALA L 93 -28.33 -29.19 30.36
CA ALA L 93 -28.07 -30.57 30.77
C ALA L 93 -26.68 -30.68 31.36
N ALA L 94 -26.42 -31.83 31.99
CA ALA L 94 -25.12 -32.07 32.59
C ALA L 94 -24.04 -32.14 31.52
N GLY L 95 -22.99 -31.36 31.69
CA GLY L 95 -21.90 -31.32 30.74
C GLY L 95 -22.16 -30.50 29.50
N GLN L 96 -23.35 -29.92 29.35
CA GLN L 96 -23.63 -29.10 28.17
C GLN L 96 -22.83 -27.81 28.18
N ILE L 97 -22.62 -27.23 29.36
CA ILE L 97 -21.83 -26.03 29.52
C ILE L 97 -20.53 -26.42 30.21
N ARG L 98 -19.39 -26.01 29.62
CA ARG L 98 -18.07 -26.28 30.18
C ARG L 98 -17.32 -24.97 30.28
N VAL L 99 -16.91 -24.61 31.50
CA VAL L 99 -16.19 -23.37 31.76
C VAL L 99 -14.72 -23.67 31.95
N PHE L 100 -13.87 -22.84 31.33
CA PHE L 100 -12.42 -23.01 31.39
C PHE L 100 -11.79 -21.69 31.80
N GLY L 101 -10.72 -21.78 32.61
CA GLY L 101 -10.03 -20.59 33.06
C GLY L 101 -9.28 -19.90 31.93
N GLN L 102 -8.87 -18.66 32.22
CA GLN L 102 -8.22 -17.83 31.21
C GLN L 102 -6.79 -18.28 30.90
N ASN L 103 -6.22 -19.17 31.70
CA ASN L 103 -4.88 -19.70 31.44
C ASN L 103 -4.89 -21.22 31.28
N ASP L 104 -6.06 -21.83 31.11
CA ASP L 104 -6.17 -23.27 30.91
C ASP L 104 -5.87 -23.57 29.45
N TRP L 105 -4.59 -23.76 29.14
CA TRP L 105 -4.21 -24.07 27.76
C TRP L 105 -4.55 -25.50 27.37
N MET L 106 -4.81 -26.37 28.34
CA MET L 106 -5.27 -27.72 28.03
C MET L 106 -6.72 -27.77 27.61
N ALA L 107 -7.43 -26.64 27.67
CA ALA L 107 -8.83 -26.62 27.28
C ALA L 107 -8.95 -26.90 25.78
N PRO L 108 -10.07 -27.50 25.36
CA PRO L 108 -10.26 -27.84 23.94
C PRO L 108 -10.08 -26.64 23.01
N PRO L 109 -10.66 -25.47 23.32
CA PRO L 109 -10.55 -24.35 22.35
C PRO L 109 -9.13 -23.88 22.08
N ALA L 110 -8.13 -24.35 22.83
CA ALA L 110 -6.76 -23.88 22.66
C ALA L 110 -5.98 -24.64 21.60
N SER L 111 -6.52 -25.74 21.08
CA SER L 111 -5.84 -26.54 20.07
C SER L 111 -6.76 -26.78 18.89
N GLY L 112 -6.17 -26.87 17.70
CA GLY L 112 -6.97 -26.96 16.48
C GLY L 112 -7.77 -28.24 16.39
N SER L 113 -7.19 -29.37 16.82
CA SER L 113 -7.86 -30.65 16.67
C SER L 113 -9.00 -30.82 17.66
N SER L 114 -8.93 -30.12 18.81
CA SER L 114 -9.90 -30.30 19.87
C SER L 114 -10.88 -29.14 20.02
N ALA L 115 -10.66 -28.03 19.33
CA ALA L 115 -11.50 -26.85 19.53
C ALA L 115 -12.88 -27.05 18.91
N PRO L 116 -13.91 -26.42 19.48
CA PRO L 116 -15.21 -26.39 18.82
C PRO L 116 -15.11 -25.70 17.46
N ASN L 117 -15.99 -26.09 16.55
CA ASN L 117 -15.92 -25.64 15.16
C ASN L 117 -16.48 -24.24 14.96
N ALA L 118 -16.77 -23.50 16.03
CA ALA L 118 -17.27 -22.14 15.91
C ALA L 118 -17.02 -21.40 17.21
N MET L 119 -16.73 -20.10 17.11
CA MET L 119 -16.44 -19.28 18.27
C MET L 119 -17.11 -17.92 18.12
N VAL L 120 -17.68 -17.44 19.22
CA VAL L 120 -18.30 -16.12 19.30
C VAL L 120 -17.72 -15.39 20.49
N ILE L 121 -17.33 -14.14 20.27
CA ILE L 121 -16.87 -13.26 21.35
C ILE L 121 -17.94 -12.19 21.52
N CYS L 122 -18.79 -12.34 22.53
CA CYS L 122 -19.94 -11.46 22.69
C CYS L 122 -20.18 -11.14 24.16
N PRO L 123 -19.99 -9.88 24.58
CA PRO L 123 -19.48 -8.79 23.74
C PRO L 123 -17.96 -8.83 23.60
N CYS L 124 -17.44 -8.12 22.62
CA CYS L 124 -16.00 -8.11 22.32
C CYS L 124 -15.47 -6.71 22.60
N SER L 125 -14.63 -6.59 23.63
CA SER L 125 -14.03 -5.31 23.95
C SER L 125 -13.04 -4.90 22.86
N THR L 126 -12.71 -3.61 22.85
CA THR L 126 -11.72 -3.11 21.90
C THR L 126 -10.35 -3.71 22.17
N GLY L 127 -10.08 -4.12 23.41
CA GLY L 127 -8.80 -4.74 23.71
C GLY L 127 -8.70 -6.15 23.16
N THR L 128 -9.77 -6.94 23.30
CA THR L 128 -9.78 -8.27 22.71
C THR L 128 -9.79 -8.19 21.20
N LEU L 129 -10.53 -7.23 20.64
CA LEU L 129 -10.51 -7.01 19.20
C LEU L 129 -9.09 -6.74 18.70
N SER L 130 -8.32 -5.96 19.46
CA SER L 130 -6.94 -5.69 19.06
C SER L 130 -6.06 -6.91 19.21
N ALA L 131 -6.25 -7.68 20.29
CA ALA L 131 -5.41 -8.85 20.52
C ALA L 131 -5.66 -9.93 19.49
N VAL L 132 -6.91 -10.10 19.07
CA VAL L 132 -7.22 -11.07 18.02
C VAL L 132 -6.67 -10.60 16.69
N ALA L 133 -6.70 -9.28 16.44
CA ALA L 133 -6.20 -8.74 15.19
C ALA L 133 -4.69 -8.84 15.09
N THR L 134 -3.99 -8.74 16.23
CA THR L 134 -2.53 -8.84 16.23
C THR L 134 -2.03 -10.25 16.52
N GLY L 135 -2.87 -11.11 17.11
CA GLY L 135 -2.45 -12.44 17.45
C GLY L 135 -1.76 -12.58 18.78
N ALA L 136 -2.15 -11.77 19.77
CA ALA L 136 -1.42 -11.73 21.04
C ALA L 136 -1.49 -13.06 21.77
N CYS L 137 -2.66 -13.70 21.79
CA CYS L 137 -2.86 -14.98 22.47
C CYS L 137 -2.33 -14.94 23.91
N ASN L 138 -2.67 -13.87 24.62
CA ASN L 138 -2.22 -13.72 25.99
C ASN L 138 -3.12 -14.42 27.01
N ASN L 139 -4.32 -14.84 26.60
CA ASN L 139 -5.20 -15.63 27.45
C ASN L 139 -5.89 -16.67 26.58
N LEU L 140 -6.73 -17.50 27.21
CA LEU L 140 -7.38 -18.57 26.47
C LEU L 140 -8.36 -18.03 25.42
N ILE L 141 -9.01 -16.90 25.70
CA ILE L 141 -9.95 -16.32 24.75
C ILE L 141 -9.22 -15.91 23.48
N GLU L 142 -8.10 -15.21 23.61
CA GLU L 142 -7.37 -14.74 22.44
C GLU L 142 -6.70 -15.89 21.70
N ARG L 143 -6.22 -16.90 22.43
CA ARG L 143 -5.64 -18.07 21.77
C ARG L 143 -6.69 -18.87 21.02
N ALA L 144 -7.89 -19.02 21.61
CA ALA L 144 -8.96 -19.75 20.94
C ALA L 144 -9.40 -19.05 19.66
N ALA L 145 -9.47 -17.71 19.69
CA ALA L 145 -9.78 -16.97 18.48
C ALA L 145 -8.67 -17.10 17.44
N ASP L 146 -7.41 -17.14 17.90
CA ASP L 146 -6.29 -17.35 16.99
C ASP L 146 -6.35 -18.73 16.36
N VAL L 147 -6.81 -19.73 17.11
CA VAL L 147 -6.93 -21.08 16.57
C VAL L 147 -8.06 -21.14 15.54
N ALA L 148 -9.18 -20.49 15.83
CA ALA L 148 -10.30 -20.50 14.90
C ALA L 148 -9.92 -19.88 13.56
N LEU L 149 -9.04 -18.89 13.57
CA LEU L 149 -8.62 -18.25 12.34
C LEU L 149 -7.65 -19.12 11.55
N LYS L 150 -6.74 -19.82 12.24
CA LYS L 150 -5.80 -20.67 11.53
C LYS L 150 -6.47 -21.95 11.02
N GLU L 151 -7.55 -22.38 11.67
CA GLU L 151 -8.34 -23.51 11.19
C GLU L 151 -9.47 -23.07 10.28
N ARG L 152 -9.63 -21.76 10.05
CA ARG L 152 -10.66 -21.21 9.16
CA ARG L 152 -10.66 -21.21 9.16
C ARG L 152 -12.06 -21.65 9.60
N ARG L 153 -12.32 -21.54 10.89
CA ARG L 153 -13.61 -21.82 11.48
C ARG L 153 -14.33 -20.51 11.79
N PRO L 154 -15.67 -20.51 11.81
CA PRO L 154 -16.41 -19.26 12.02
C PRO L 154 -16.01 -18.56 13.31
N LEU L 155 -15.73 -17.27 13.20
CA LEU L 155 -15.36 -16.42 14.34
C LEU L 155 -16.19 -15.15 14.26
N VAL L 156 -17.11 -14.96 15.22
CA VAL L 156 -18.01 -13.82 15.24
C VAL L 156 -17.62 -12.93 16.40
N LEU L 157 -17.30 -11.67 16.10
CA LEU L 157 -16.94 -10.68 17.11
C LEU L 157 -18.06 -9.66 17.23
N VAL L 158 -18.48 -9.38 18.46
CA VAL L 158 -19.58 -8.46 18.73
C VAL L 158 -19.04 -7.26 19.51
N PRO L 159 -18.51 -6.24 18.85
CA PRO L 159 -17.99 -5.09 19.58
C PRO L 159 -19.09 -4.12 19.98
N ARG L 160 -18.85 -3.45 21.11
CA ARG L 160 -19.73 -2.39 21.62
C ARG L 160 -18.84 -1.19 21.95
N GLU L 161 -18.85 -0.18 21.09
CA GLU L 161 -18.04 1.00 21.31
C GLU L 161 -18.57 2.14 20.45
N ALA L 162 -18.53 3.35 21.01
CA ALA L 162 -18.96 4.54 20.28
C ALA L 162 -18.22 5.76 20.83
N PRO L 163 -17.50 6.50 19.98
CA PRO L 163 -17.35 6.23 18.54
C PRO L 163 -16.34 5.14 18.23
N PHE L 164 -16.34 4.64 17.00
CA PHE L 164 -15.30 3.77 16.51
C PHE L 164 -14.11 4.62 16.05
N SER L 165 -12.96 4.43 16.68
CA SER L 165 -11.76 5.11 16.23
C SER L 165 -11.18 4.41 15.01
N SER L 166 -10.17 5.04 14.40
CA SER L 166 -9.50 4.42 13.27
C SER L 166 -8.78 3.15 13.68
N ILE L 167 -8.30 3.08 14.94
CA ILE L 167 -7.66 1.87 15.42
C ILE L 167 -8.67 0.73 15.52
N HIS L 168 -9.87 1.02 16.04
CA HIS L 168 -10.91 0.01 16.11
C HIS L 168 -11.29 -0.46 14.71
N LEU L 169 -11.50 0.48 13.79
CA LEU L 169 -11.96 0.12 12.44
C LEU L 169 -10.88 -0.64 11.68
N GLU L 170 -9.62 -0.28 11.88
CA GLU L 170 -8.54 -1.00 11.20
C GLU L 170 -8.44 -2.44 11.68
N ASN L 171 -8.58 -2.66 13.00
CA ASN L 171 -8.55 -4.02 13.51
C ASN L 171 -9.78 -4.82 13.05
N MET L 172 -10.93 -4.17 12.96
CA MET L 172 -12.11 -4.85 12.45
C MET L 172 -11.97 -5.18 10.97
N LEU L 173 -11.42 -4.25 10.18
CA LEU L 173 -11.24 -4.49 8.76
C LEU L 173 -10.25 -5.61 8.50
N LYS L 174 -9.18 -5.67 9.29
CA LYS L 174 -8.19 -6.74 9.10
C LYS L 174 -8.79 -8.10 9.38
N LEU L 175 -9.58 -8.22 10.46
CA LEU L 175 -10.16 -9.51 10.80
C LEU L 175 -11.30 -9.87 9.85
N SER L 176 -12.08 -8.88 9.41
CA SER L 176 -13.15 -9.16 8.46
C SER L 176 -12.59 -9.60 7.12
N ASN L 177 -11.44 -9.05 6.71
CA ASN L 177 -10.80 -9.51 5.48
C ASN L 177 -10.29 -10.93 5.60
N LEU L 178 -10.03 -11.41 6.82
CA LEU L 178 -9.51 -12.75 7.05
C LEU L 178 -10.61 -13.79 7.24
N GLY L 179 -11.88 -13.40 7.19
CA GLY L 179 -12.98 -14.32 7.31
C GLY L 179 -13.82 -14.13 8.57
N ALA L 180 -13.33 -13.38 9.56
CA ALA L 180 -14.11 -13.14 10.76
C ALA L 180 -15.31 -12.26 10.45
N VAL L 181 -16.40 -12.49 11.18
CA VAL L 181 -17.63 -11.74 11.03
C VAL L 181 -17.67 -10.64 12.10
N ILE L 182 -17.62 -9.39 11.66
CA ILE L 182 -17.71 -8.25 12.57
C ILE L 182 -19.19 -7.88 12.68
N LEU L 183 -19.82 -8.30 13.79
CA LEU L 183 -21.24 -8.07 14.04
C LEU L 183 -21.37 -7.15 15.23
N PRO L 184 -21.40 -5.83 15.02
CA PRO L 184 -21.46 -4.90 16.14
C PRO L 184 -22.79 -4.98 16.88
N ALA L 185 -22.76 -4.60 18.15
CA ALA L 185 -23.97 -4.56 18.96
C ALA L 185 -24.82 -3.36 18.57
N ALA L 186 -25.32 -3.34 17.33
CA ALA L 186 -26.12 -2.26 16.80
C ALA L 186 -27.50 -2.81 16.44
N PRO L 187 -28.42 -2.88 17.38
CA PRO L 187 -29.73 -3.47 17.09
C PRO L 187 -30.56 -2.57 16.18
N GLY L 188 -31.30 -3.21 15.27
CA GLY L 188 -32.21 -2.49 14.41
C GLY L 188 -33.55 -2.24 15.06
N PHE L 189 -34.33 -1.37 14.43
CA PHE L 189 -35.63 -0.95 14.97
C PHE L 189 -36.79 -1.28 14.04
N TYR L 190 -36.54 -2.02 12.95
CA TYR L 190 -37.58 -2.24 11.95
C TYR L 190 -38.56 -3.34 12.33
N HIS L 191 -38.36 -4.02 13.46
CA HIS L 191 -39.37 -4.90 14.02
C HIS L 191 -40.15 -4.24 15.14
N GLN L 192 -40.05 -2.90 15.25
CA GLN L 192 -40.73 -2.07 16.23
C GLN L 192 -40.57 -2.65 17.64
N PRO L 193 -39.38 -2.50 18.24
CA PRO L 193 -39.16 -3.09 19.57
C PRO L 193 -39.91 -2.32 20.65
N GLN L 194 -40.32 -3.07 21.68
CA GLN L 194 -41.07 -2.51 22.79
C GLN L 194 -40.29 -2.47 24.09
N SER L 195 -39.14 -3.14 24.17
CA SER L 195 -38.38 -3.21 25.40
C SER L 195 -36.90 -3.34 25.08
N VAL L 196 -36.08 -3.24 26.14
CA VAL L 196 -34.65 -3.48 25.98
C VAL L 196 -34.39 -4.92 25.56
N GLU L 197 -35.20 -5.85 26.05
CA GLU L 197 -35.03 -7.25 25.72
C GLU L 197 -35.27 -7.52 24.23
N ASP L 198 -36.13 -6.72 23.60
CA ASP L 198 -36.34 -6.87 22.17
C ASP L 198 -35.10 -6.48 21.37
N LEU L 199 -34.41 -5.42 21.81
CA LEU L 199 -33.18 -5.01 21.13
C LEU L 199 -32.05 -6.00 21.39
N VAL L 200 -32.00 -6.59 22.58
CA VAL L 200 -31.02 -7.63 22.85
C VAL L 200 -31.28 -8.85 21.98
N ASP L 201 -32.56 -9.22 21.81
CA ASP L 201 -32.90 -10.38 20.99
C ASP L 201 -32.58 -10.13 19.52
N PHE L 202 -32.65 -8.88 19.06
CA PHE L 202 -32.30 -8.57 17.69
C PHE L 202 -30.86 -8.96 17.39
N VAL L 203 -29.94 -8.56 18.27
CA VAL L 203 -28.53 -8.85 18.04
C VAL L 203 -28.26 -10.34 18.20
N VAL L 204 -28.88 -10.97 19.19
CA VAL L 204 -28.68 -12.41 19.41
C VAL L 204 -29.19 -13.20 18.22
N ALA L 205 -30.32 -12.78 17.64
CA ALA L 205 -30.86 -13.48 16.48
C ALA L 205 -29.92 -13.37 15.28
N ARG L 206 -29.29 -12.20 15.12
CA ARG L 206 -28.33 -12.03 14.02
C ARG L 206 -27.08 -12.88 14.24
N ILE L 207 -26.68 -13.09 15.49
CA ILE L 207 -25.54 -13.95 15.77
C ILE L 207 -25.88 -15.40 15.44
N LEU L 208 -27.06 -15.85 15.86
CA LEU L 208 -27.47 -17.23 15.58
C LEU L 208 -27.64 -17.47 14.09
N ASN L 209 -28.18 -16.48 13.36
CA ASN L 209 -28.34 -16.63 11.92
C ASN L 209 -26.99 -16.66 11.22
N THR L 210 -26.02 -15.87 11.70
CA THR L 210 -24.68 -15.92 11.15
C THR L 210 -24.04 -17.28 11.35
N LEU L 211 -24.28 -17.90 12.51
CA LEU L 211 -23.75 -19.23 12.80
C LEU L 211 -24.54 -20.33 12.12
N GLY L 212 -25.69 -20.03 11.54
CA GLY L 212 -26.53 -21.07 10.95
C GLY L 212 -27.36 -21.83 11.95
N ILE L 213 -27.75 -21.20 13.04
CA ILE L 213 -28.52 -21.83 14.12
C ILE L 213 -29.90 -21.21 14.14
N PRO L 214 -30.97 -22.01 14.19
CA PRO L 214 -32.33 -21.47 14.13
C PRO L 214 -32.73 -20.81 15.46
N GLN L 215 -33.98 -20.38 15.51
CA GLN L 215 -34.55 -19.81 16.72
C GLN L 215 -35.89 -20.46 17.05
C06 HZZ M . 17.85 1.10 28.89
C07 HZZ M . 16.96 0.05 29.56
C08 HZZ M . 17.19 -0.33 30.79
C09 HZZ M . 18.35 0.26 31.59
C10 HZZ M . 16.28 -1.38 31.44
C11 HZZ M . 18.78 -0.64 32.75
C12 HZZ M . 19.01 0.14 34.04
C13 HZZ M . 20.21 0.27 34.55
C14 HZZ M . 20.42 1.05 35.84
C15 HZZ M . 21.42 -0.37 33.86
O01 HZZ M . 19.04 0.88 25.23
O03 HZZ M . 18.61 2.88 26.59
O04 HZZ M . 16.74 1.44 25.89
O05 HZZ M . 18.34 0.57 27.70
P02 HZZ M . 18.18 1.46 26.32
N1 FMN N . 1.39 -22.04 20.86
C2 FMN N . 1.95 -22.02 19.61
O2 FMN N . 2.09 -20.97 19.00
N3 FMN N . 2.34 -23.22 19.09
C4 FMN N . 2.21 -24.45 19.72
O4 FMN N . 2.59 -25.48 19.15
C4A FMN N . 1.63 -24.44 21.00
N5 FMN N . 1.46 -25.59 21.70
C5A FMN N . 1.20 -25.56 23.07
C6 FMN N . 1.33 -26.70 23.84
C7 FMN N . 1.08 -26.66 25.19
C7M FMN N . 1.23 -27.91 26.02
C8 FMN N . 0.66 -25.43 25.81
C8M FMN N . 0.37 -25.37 27.27
C9 FMN N . 0.52 -24.31 25.02
C9A FMN N . 0.78 -24.35 23.66
N10 FMN N . 0.65 -23.20 22.83
C10 FMN N . 1.22 -23.20 21.56
C1' FMN N . -0.09 -22.02 23.34
C2' FMN N . 0.81 -20.96 23.96
O2' FMN N . 1.51 -21.48 25.07
C3' FMN N . -0.04 -19.75 24.40
O3' FMN N . -0.50 -19.04 23.25
C4' FMN N . 0.68 -18.78 25.34
O4' FMN N . -0.13 -17.62 25.53
C5' FMN N . 2.04 -18.36 24.83
O5' FMN N . 2.63 -17.46 25.81
P FMN N . 4.17 -17.04 25.66
O1P FMN N . 4.31 -16.42 24.29
O2P FMN N . 4.45 -16.06 26.79
O3P FMN N . 4.97 -18.33 25.80
N1 FMN O . 5.39 27.56 -11.01
C2 FMN O . 4.20 26.98 -10.65
O2 FMN O . 4.16 26.00 -9.93
N3 FMN O . 3.06 27.56 -11.16
C4 FMN O . 3.02 28.67 -11.98
O4 FMN O . 1.93 29.09 -12.37
C4A FMN O . 4.25 29.23 -12.34
N5 FMN O . 4.32 30.34 -13.14
C5A FMN O . 5.48 31.09 -13.21
C6 FMN O . 5.48 32.36 -13.76
C7 FMN O . 6.63 33.10 -13.84
C7M FMN O . 6.59 34.48 -14.44
C8 FMN O . 7.85 32.55 -13.34
C8M FMN O . 9.13 33.36 -13.41
C9 FMN O . 7.86 31.29 -12.80
C9A FMN O . 6.69 30.53 -12.73
N10 FMN O . 6.67 29.24 -12.17
C10 FMN O . 5.45 28.66 -11.82
C1' FMN O . 7.94 28.50 -11.95
C2' FMN O . 8.47 28.64 -10.53
O2' FMN O . 8.84 29.99 -10.27
C3' FMN O . 9.70 27.74 -10.32
O3' FMN O . 9.26 26.38 -10.29
C4' FMN O . 10.51 28.05 -9.07
O4' FMN O . 11.52 27.06 -8.91
C5' FMN O . 9.66 28.12 -7.82
O5' FMN O . 10.52 28.42 -6.69
P FMN O . 9.84 28.79 -5.27
O1P FMN O . 8.97 27.62 -4.91
O2P FMN O . 11.00 28.98 -4.31
O3P FMN O . 9.06 30.06 -5.51
C ACT P . 14.54 31.25 -2.18
O ACT P . 13.73 31.05 -1.23
OXT ACT P . 14.31 31.65 -3.34
CH3 ACT P . 16.04 30.95 -1.84
C06 HZZ Q . 14.09 25.45 16.33
C07 HZZ Q . 15.02 26.59 16.73
C08 HZZ Q . 15.38 27.50 15.84
C09 HZZ Q . 16.31 28.64 16.23
C10 HZZ Q . 14.87 27.40 14.40
C11 HZZ Q . 15.87 29.41 17.47
C12 HZZ Q . 17.06 30.00 18.22
C13 HZZ Q . 17.09 31.27 18.58
C14 HZZ Q . 15.91 32.18 18.24
C15 HZZ Q . 18.29 31.82 19.31
O01 HZZ Q . 12.39 23.35 18.58
O03 HZZ Q . 12.46 23.14 16.13
O04 HZZ Q . 10.61 24.36 17.19
O05 HZZ Q . 12.97 25.43 17.17
P02 HZZ Q . 12.09 24.05 17.27
NA NA R . 18.70 20.82 2.63
C06 HZZ S . 17.89 -28.57 1.05
C07 HZZ S . 18.76 -29.74 0.56
C08 HZZ S . 19.10 -29.83 -0.71
C09 HZZ S . 19.95 -30.99 -1.21
C10 HZZ S . 18.61 -28.78 -1.71
C11 HZZ S . 20.41 -31.94 -0.10
C12 HZZ S . 21.77 -32.57 -0.44
C13 HZZ S . 22.02 -33.84 -0.16
C14 HZZ S . 23.38 -34.42 -0.52
C15 HZZ S . 20.96 -34.71 0.50
O01 HZZ S . 16.84 -25.86 1.83
O03 HZZ S . 18.94 -25.43 3.04
O04 HZZ S . 17.34 -27.11 3.89
O05 HZZ S . 18.68 -27.66 1.76
P02 HZZ S . 17.94 -26.50 2.65
C ACT T . 46.30 -17.83 -10.65
O ACT T . 46.83 -16.98 -9.87
OXT ACT T . 46.13 -17.74 -11.90
CH3 ACT T . 45.80 -19.13 -9.96
N1 HJN U . 18.57 -11.57 -23.94
C2 HJN U . 16.44 -15.66 -21.84
N2 HJN U . 20.21 -9.57 -24.84
N3 HJN U . 19.21 -8.29 -21.54
C4 HJN U . 17.54 -13.49 -22.67
C5 HJN U . 17.38 -12.45 -23.76
C6 HJN U . 18.77 -10.46 -23.12
O6 HJN U . 18.64 -14.34 -22.98
C8 HJN U . 19.62 -9.42 -23.59
C1 HJN U . 17.10 -15.50 -20.49
C10 HJN U . 19.67 -13.17 -25.45
C11 HJN U . 20.62 -13.45 -26.40
C12 HJN U . 21.48 -12.40 -26.86
C13 HJN U . 21.34 -11.14 -26.34
C14 HJN U . 22.53 -12.67 -27.90
C15 HJN U . 20.75 -14.85 -26.94
C16 HJN U . 19.85 -8.30 -22.76
C17 HJN U . 18.39 -9.28 -21.06
C18 HJN U . 20.12 -8.46 -25.81
C19 HJN U . 18.93 -8.64 -26.68
C20 HJN U . 18.89 -9.21 -27.89
C21 HJN U . 20.09 -9.23 -28.79
C22 HJN U . 17.67 -9.90 -28.42
C23 HJN U . 19.95 -10.12 -30.00
C24 HJN U . 21.27 -10.39 -30.66
C25 HJN U . 21.61 -10.22 -31.93
C26 HJN U . 20.66 -9.74 -32.98
C27 HJN U . 23.01 -10.49 -32.42
C3 HJN U . 16.27 -14.32 -22.57
C7 HJN U . 19.53 -11.89 -24.93
C9 HJN U . 20.37 -10.86 -25.38
N4 HJN U . 18.18 -10.37 -21.88
O1 HJN U . 17.99 -18.41 -18.13
O2 HJN U . 17.24 -16.81 -19.90
O3 HJN U . 17.58 -15.99 -17.55
O4 HJN U . 19.56 -16.63 -18.99
O5 HJN U . 15.17 -16.28 -21.67
O7 HJN U . 15.24 -13.57 -21.93
O8 HJN U . 20.58 -7.35 -23.07
O9 HJN U . 17.85 -9.21 -19.97
P1 HJN U . 18.15 -16.97 -18.57
NA NA V . 7.83 -24.43 -12.48
NA NA W . 13.94 -18.18 -16.54
N1 FMN X . -5.49 -22.02 -19.91
C2 FMN X . -6.15 -20.83 -19.74
O2 FMN X . -5.63 -19.91 -19.13
N3 FMN X . -7.41 -20.73 -20.29
C4 FMN X . -8.05 -21.74 -21.00
O4 FMN X . -9.18 -21.53 -21.45
C4A FMN X . -7.36 -22.94 -21.15
N5 FMN X . -7.89 -23.98 -21.84
C5A FMN X . -7.11 -25.04 -22.28
C6 FMN X . -7.58 -25.93 -23.23
C7 FMN X . -6.79 -26.97 -23.65
C7M FMN X . -7.32 -27.93 -24.69
C8 FMN X . -5.48 -27.14 -23.11
C8M FMN X . -4.61 -28.27 -23.57
C9 FMN X . -5.03 -26.26 -22.17
C9A FMN X . -5.82 -25.20 -21.73
N10 FMN X . -5.38 -24.27 -20.77
C10 FMN X . -6.05 -23.07 -20.60
C1' FMN X . -4.17 -24.58 -19.95
C2' FMN X . -2.89 -23.97 -20.52
O2' FMN X . -2.64 -24.45 -21.83
C3' FMN X . -1.70 -24.31 -19.61
O3' FMN X . -1.80 -23.56 -18.40
C4' FMN X . -0.33 -24.06 -20.25
O4' FMN X . 0.70 -24.22 -19.26
C5' FMN X . -0.21 -22.68 -20.86
O5' FMN X . 1.12 -22.55 -21.44
P FMN X . 1.43 -21.27 -22.38
O1P FMN X . 1.13 -20.05 -21.54
O2P FMN X . 2.90 -21.39 -22.75
O3P FMN X . 0.51 -21.42 -23.57
P PO4 Y . 17.53 -5.02 -26.04
O1 PO4 Y . 17.32 -5.82 -24.79
O2 PO4 Y . 17.75 -5.94 -27.21
O3 PO4 Y . 16.32 -4.16 -26.32
O4 PO4 Y . 18.75 -4.14 -25.87
N1 FMN Z . 16.28 22.23 12.57
C2 FMN Z . 15.93 21.01 13.09
O2 FMN Z . 15.50 20.12 12.37
N3 FMN Z . 16.08 20.86 14.44
C4 FMN Z . 16.55 21.82 15.31
O4 FMN Z . 16.65 21.56 16.51
C4A FMN Z . 16.90 23.05 14.75
N5 FMN Z . 17.40 24.06 15.52
C5A FMN Z . 18.01 25.18 14.96
C6 FMN Z . 18.74 26.06 15.73
C7 FMN Z . 19.35 27.15 15.18
C7M FMN Z . 20.14 28.09 16.04
C8 FMN Z . 19.22 27.39 13.77
C8M FMN Z . 19.88 28.57 13.14
C9 FMN Z . 18.50 26.51 13.01
C9A FMN Z . 17.88 25.40 13.58
N10 FMN Z . 17.13 24.48 12.80
C10 FMN Z . 16.76 23.25 13.35
C1' FMN Z . 16.73 24.83 11.41
C2' FMN Z . 17.70 24.30 10.36
O2' FMN Z . 18.99 24.86 10.54
C3' FMN Z . 17.20 24.62 8.95
O3' FMN Z . 16.07 23.81 8.65
C4' FMN Z . 18.25 24.45 7.85
O4' FMN Z . 17.63 24.62 6.58
C5' FMN Z . 18.94 23.10 7.90
O5' FMN Z . 19.92 23.05 6.83
P FMN Z . 20.95 21.80 6.79
O1P FMN Z . 20.09 20.55 6.73
O2P FMN Z . 21.78 22.01 5.53
O3P FMN Z . 21.77 21.90 8.05
P PO4 AA . 30.27 6.37 -7.83
O1 PO4 AA . 30.33 5.45 -6.63
O2 PO4 AA . 30.67 5.62 -9.07
O3 PO4 AA . 28.87 6.91 -8.00
O4 PO4 AA . 31.21 7.54 -7.62
N1 FMN BA . -19.87 21.32 -7.39
C2 FMN BA . -18.51 21.33 -7.50
O2 FMN BA . -17.87 20.29 -7.41
N3 FMN BA . -17.91 22.55 -7.71
C4 FMN BA . -18.58 23.76 -7.82
O4 FMN BA . -17.93 24.79 -8.00
C4A FMN BA . -19.97 23.73 -7.69
N5 FMN BA . -20.72 24.86 -7.80
C5A FMN BA . -22.08 24.81 -7.97
C6 FMN BA . -22.79 25.93 -8.35
C7 FMN BA . -24.16 25.88 -8.52
C7M FMN BA . -24.90 27.11 -8.93
C8 FMN BA . -24.85 24.64 -8.31
C8M FMN BA . -26.34 24.56 -8.49
C9 FMN BA . -24.15 23.53 -7.93
C9A FMN BA . -22.76 23.59 -7.75
N10 FMN BA . -22.01 22.46 -7.37
C10 FMN BA . -20.62 22.48 -7.48
C1' FMN BA . -22.70 21.24 -6.85
C2' FMN BA . -22.96 20.20 -7.93
O2' FMN BA . -23.82 20.72 -8.94
C3' FMN BA . -23.59 18.95 -7.32
O3' FMN BA . -22.60 18.24 -6.55
C4' FMN BA . -24.21 17.99 -8.34
O4' FMN BA . -24.64 16.79 -7.68
C5' FMN BA . -23.28 17.62 -9.46
O5' FMN BA . -23.97 16.73 -10.37
P FMN BA . -23.32 16.39 -11.80
O1P FMN BA . -23.27 17.70 -12.56
O2P FMN BA . -21.94 15.83 -11.50
O3P FMN BA . -24.23 15.36 -12.44
C ACT CA . -28.41 13.45 -14.70
O ACT CA . -28.21 12.82 -13.62
OXT ACT CA . -27.92 14.54 -15.08
CH3 ACT CA . -29.40 12.73 -15.69
NA NA DA . -25.54 2.31 -11.56
P PO4 EA . -18.59 -1.63 -25.71
O1 PO4 EA . -18.74 -1.71 -24.22
O2 PO4 EA . -18.43 -3.02 -26.28
O3 PO4 EA . -19.83 -0.99 -26.30
O4 PO4 EA . -17.38 -0.80 -26.05
C06 HZZ FA . -32.37 -4.32 6.96
C07 HZZ FA . -33.89 -4.30 6.86
C08 HZZ FA . -34.48 -4.08 5.69
C09 HZZ FA . -36.01 -4.06 5.61
C10 HZZ FA . -33.65 -3.85 4.44
C11 HZZ FA . -36.69 -4.84 6.72
C12 HZZ FA . -38.11 -4.32 6.99
C13 HZZ FA . -39.06 -5.13 7.39
C14 HZZ FA . -40.47 -4.59 7.65
C15 HZZ FA . -38.78 -6.62 7.61
O01 HZZ FA . -29.48 -4.94 7.07
O03 HZZ FA . -30.01 -7.33 7.40
O04 HZZ FA . -30.41 -5.71 9.22
O05 HZZ FA . -31.95 -5.64 7.15
P02 HZZ FA . -30.43 -5.92 7.72
C ACT GA . -32.46 1.62 -11.85
O ACT GA . -32.46 0.42 -12.23
OXT ACT GA . -31.58 2.52 -12.05
CH3 ACT GA . -33.71 2.06 -11.02
N1 HJN HA . -24.01 -0.73 -21.64
C2 HJN HA . -25.84 1.56 -17.49
N2 HJN HA . -23.36 -2.45 -23.66
N3 HJN HA . -21.15 -3.60 -20.92
C4 HJN HA . -24.82 0.24 -19.46
C5 HJN HA . -24.13 0.48 -20.78
C6 HJN HA . -23.03 -1.68 -21.38
O6 HJN HA . -26.18 -0.16 -19.68
C8 HJN HA . -22.69 -2.59 -22.43
C1 HJN HA . -25.75 0.35 -16.59
C10 HJN HA . -26.27 -0.44 -22.58
C11 HJN HA . -27.21 -0.74 -23.53
C12 HJN HA . -26.88 -1.65 -24.58
C13 HJN HA . -25.62 -2.21 -24.61
C14 HJN HA . -27.88 -2.00 -25.65
C15 HJN HA . -28.58 -0.12 -23.46
C16 HJN HA . -21.71 -3.58 -22.19
C17 HJN HA . -21.46 -2.73 -19.91
C18 HJN HA . -22.63 -2.68 -24.92
C19 HJN HA . -23.06 -1.82 -26.08
C20 HJN HA . -23.13 -0.50 -26.19
C21 HJN HA . -23.64 0.14 -27.44
C22 HJN HA . -22.74 0.44 -25.09
C23 HJN HA . -25.06 -0.26 -27.82
C24 HJN HA . -25.52 0.37 -29.11
C25 HJN HA . -26.04 -0.21 -30.17
C26 HJN HA . -26.33 0.53 -31.44
C27 HJN HA . -26.40 -1.67 -30.20
C3 HJN HA . -24.82 1.53 -18.63
C7 HJN HA . -25.00 -1.00 -22.62
C9 HJN HA . -24.67 -1.89 -23.65
N4 HJN HA . -22.41 -1.78 -20.16
O1 HJN HA . -28.08 -0.31 -13.59
O2 HJN HA . -26.77 0.47 -15.56
O3 HJN HA . -25.77 -1.24 -14.04
O4 HJN HA . -27.70 -1.84 -15.56
O5 HJN HA . -25.66 2.74 -16.70
O7 HJN HA . -23.52 1.75 -18.10
O8 HJN HA . -21.34 -4.42 -23.01
O9 HJN HA . -20.92 -2.80 -18.81
P1 HJN HA . -27.10 -0.81 -14.63
NA NA IA . -27.35 6.60 -2.38
N1 FMN JA . 13.27 -27.24 -1.90
C2 FMN JA . 12.51 -26.74 -0.86
O2 FMN JA . 11.76 -25.79 -1.04
N3 FMN JA . 12.65 -27.34 0.36
C4 FMN JA . 13.47 -28.41 0.63
O4 FMN JA . 13.52 -28.88 1.78
C4A FMN JA . 14.24 -28.90 -0.43
N5 FMN JA . 15.07 -29.97 -0.28
C5A FMN JA . 15.57 -30.67 -1.37
C6 FMN JA . 16.14 -31.92 -1.22
C7 FMN JA . 16.62 -32.61 -2.30
C7M FMN JA . 17.23 -33.96 -2.12
C8 FMN JA . 16.52 -32.02 -3.61
C8M FMN JA . 17.03 -32.76 -4.81
C9 FMN JA . 15.96 -30.78 -3.75
C9A FMN JA . 15.47 -30.09 -2.65
N10 FMN JA . 14.87 -28.81 -2.77
C10 FMN JA . 14.12 -28.31 -1.71
C1' FMN JA . 15.05 -28.02 -4.01
C2' FMN JA . 13.90 -28.18 -5.00
O2' FMN JA . 13.78 -29.53 -5.42
C3' FMN JA . 14.12 -27.28 -6.22
O3' FMN JA . 13.93 -25.92 -5.86
C4' FMN JA . 13.21 -27.61 -7.42
O4' FMN JA . 13.37 -26.62 -8.43
C5' FMN JA . 11.75 -27.70 -7.04
O5' FMN JA . 10.99 -28.02 -8.24
P FMN JA . 9.43 -28.42 -8.10
O1P FMN JA . 9.41 -29.69 -7.26
O2P FMN JA . 8.75 -27.25 -7.41
O3P FMN JA . 8.94 -28.64 -9.51
C06 HZZ KA . -10.28 -25.61 -19.50
C07 HZZ KA . -8.90 -26.26 -19.55
C08 HZZ KA . -8.72 -27.42 -20.15
C09 HZZ KA . -9.90 -28.14 -20.81
C10 HZZ KA . -7.33 -28.05 -20.17
C11 HZZ KA . -9.47 -29.38 -21.58
C12 HZZ KA . -10.51 -30.50 -21.54
C13 HZZ KA . -10.91 -31.08 -22.65
C14 HZZ KA . -10.35 -30.64 -24.01
C15 HZZ KA . -11.96 -32.19 -22.58
O01 HZZ KA . -12.31 -23.56 -18.46
O03 HZZ KA . -10.08 -23.20 -17.46
O04 HZZ KA . -11.83 -24.39 -16.19
O05 HZZ KA . -10.72 -25.58 -18.18
P02 HZZ KA . -11.26 -24.15 -17.56
C ACT LA . 8.42 -30.60 -14.04
O ACT LA . 8.20 -31.39 -13.07
OXT ACT LA . 8.65 -29.36 -14.00
CH3 ACT LA . 8.39 -31.26 -15.45
NA NA MA . 12.39 24.99 -4.07
C06 HZZ NA . 3.84 29.03 -16.45
C07 HZZ NA . 5.32 29.09 -16.12
C08 HZZ NA . 6.05 30.11 -16.52
C09 HZZ NA . 5.40 31.25 -17.32
C10 HZZ NA . 7.53 30.16 -16.18
C11 HZZ NA . 6.42 32.17 -17.98
C12 HZZ NA . 5.78 33.49 -18.42
C13 HZZ NA . 6.40 34.30 -19.26
C14 HZZ NA . 7.76 33.91 -19.83
C15 HZZ NA . 5.73 35.60 -19.69
O01 HZZ NA . 2.57 25.74 -18.07
O03 HZZ NA . 2.91 26.22 -15.67
O04 HZZ NA . 1.16 27.42 -16.93
O05 HZZ NA . 3.62 28.00 -17.39
P02 HZZ NA . 2.53 26.82 -17.01
C ACT OA . 22.55 24.03 -10.93
O ACT OA . 21.97 23.44 -11.88
OXT ACT OA . 23.55 23.64 -10.25
CH3 ACT OA . 21.95 25.42 -10.54
N1 HJN PA . 28.41 12.69 -9.14
C2 HJN PA . 25.47 16.63 -7.85
N2 HJN PA . 29.84 10.77 -10.47
N3 HJN PA . 26.38 9.48 -10.74
C4 HJN PA . 26.77 14.54 -8.62
C5 HJN PA . 27.80 13.55 -8.09
C6 HJN PA . 27.70 11.60 -9.67
O6 HJN PA . 27.39 15.45 -9.52
C8 HJN PA . 28.45 10.60 -10.35
C1 HJN PA . 24.46 16.45 -8.96
C10 HJN PA . 30.10 14.39 -9.72
C11 HJN PA . 31.27 14.73 -10.34
C12 HJN PA . 32.03 13.73 -11.04
C13 HJN PA . 31.54 12.45 -11.09
C14 HJN PA . 33.31 14.08 -11.73
C15 HJN PA . 31.76 16.15 -10.28
C16 HJN PA . 27.76 9.50 -10.93
C17 HJN PA . 25.65 10.42 -10.07
C18 HJN PA . 30.73 9.59 -10.36
C19 HJN PA . 32.03 9.84 -9.67
C20 HJN PA . 32.30 10.37 -8.48
C21 HJN PA . 33.71 10.55 -8.02
C22 HJN PA . 31.24 10.80 -7.51
C23 HJN PA . 34.61 11.19 -9.08
C24 HJN PA . 36.06 11.12 -8.76
C25 HJN PA . 37.09 11.49 -9.51
C26 HJN PA . 38.51 11.32 -9.07
C27 HJN PA . 36.92 12.11 -10.86
C3 HJN PA . 26.16 15.32 -7.46
C7 HJN PA . 29.63 13.08 -9.76
C9 HJN PA . 30.37 12.09 -10.44
N4 HJN PA . 26.34 11.48 -9.55
O1 HJN PA . 22.38 19.34 -10.45
O2 HJN PA . 23.87 17.75 -9.22
O3 HJN PA . 21.81 16.88 -10.36
O4 HJN PA . 23.79 17.67 -11.72
O5 HJN PA . 24.82 17.19 -6.71
O7 HJN PA . 25.24 14.50 -6.76
O8 HJN PA . 28.30 8.58 -11.54
O9 HJN PA . 24.44 10.34 -9.96
P1 HJN PA . 22.90 17.92 -10.51
N1 FMN QA . 11.85 1.37 27.91
C2 FMN QA . 11.87 2.31 26.91
O2 FMN QA . 11.09 2.24 25.98
N3 FMN QA . 12.79 3.31 27.02
C4 FMN QA . 13.71 3.45 28.06
O4 FMN QA . 14.49 4.39 28.05
C4A FMN QA . 13.67 2.48 29.07
N5 FMN QA . 14.51 2.53 30.13
C5A FMN QA . 14.28 1.76 31.27
C6 FMN QA . 14.97 2.03 32.44
C7 FMN QA . 14.74 1.27 33.57
C7M FMN QA . 15.49 1.57 34.84
C8 FMN QA . 13.79 0.19 33.51
C8M FMN QA . 13.53 -0.65 34.73
C9 FMN QA . 13.12 -0.06 32.35
C9A FMN QA . 13.35 0.71 31.21
N10 FMN QA . 12.67 0.47 29.99
C10 FMN QA . 12.71 1.43 28.98
C1' FMN QA . 11.92 -0.79 29.80
C2' FMN QA . 10.45 -0.68 30.11
O2' FMN QA . 10.25 -0.37 31.49
C3' FMN QA . 9.74 -2.00 29.80
O3' FMN QA . 9.68 -2.17 28.38
C4' FMN QA . 8.33 -2.12 30.38
O4' FMN QA . 7.72 -3.34 29.92
C5' FMN QA . 7.44 -0.95 30.03
O5' FMN QA . 6.13 -1.18 30.62
P FMN QA . 5.06 0.03 30.64
O1P FMN QA . 5.69 1.10 31.51
O2P FMN QA . 4.88 0.45 29.21
O3P FMN QA . 3.79 -0.56 31.25
C ACT RA . 0.73 -2.50 34.76
O ACT RA . 0.06 -3.02 35.68
OXT ACT RA . 1.33 -1.38 34.75
CH3 ACT RA . 0.83 -3.34 33.45
C06 HZZ SA . -17.57 3.09 28.70
C07 HZZ SA . -16.45 2.52 29.55
C08 HZZ SA . -16.58 2.43 30.87
C09 HZZ SA . -17.86 2.90 31.54
C10 HZZ SA . -15.44 1.85 31.69
C11 HZZ SA . -17.67 3.11 33.05
C12 HZZ SA . -18.76 2.44 33.88
C13 HZZ SA . -19.65 3.17 34.53
C14 HZZ SA . -19.60 4.69 34.47
C15 HZZ SA . -20.74 2.47 35.35
O01 HZZ SA . -16.89 5.90 26.12
O03 HZZ SA . -16.45 3.50 25.79
O04 HZZ SA . -18.76 4.29 26.12
O05 HZZ SA . -17.13 4.29 28.13
P02 HZZ SA . -17.31 4.50 26.50
NA NA TA . -6.19 -7.76 26.70
C06 HZZ UA . -20.42 26.41 -4.44
C07 HZZ UA . -21.67 25.54 -4.58
C08 HZZ UA . -22.86 26.09 -4.68
C09 HZZ UA . -23.03 27.61 -4.65
C10 HZZ UA . -24.08 25.18 -4.80
C11 HZZ UA . -24.48 28.03 -4.82
C12 HZZ UA . -24.78 29.37 -4.15
C13 HZZ UA . -25.42 30.32 -4.80
C14 HZZ UA . -25.86 30.11 -6.24
C15 HZZ UA . -25.71 31.66 -4.10
O01 HZZ UA . -17.47 27.01 -3.68
O03 HZZ UA . -17.96 24.59 -3.78
O04 HZZ UA . -17.88 25.75 -1.60
O05 HZZ UA . -19.88 26.20 -3.17
P02 HZZ UA . -18.26 25.88 -3.05
N1 FMN VA . -29.76 0.22 5.25
C2 FMN VA . -28.74 0.16 6.16
O2 FMN VA . -27.60 0.46 5.84
N3 FMN VA . -29.05 -0.23 7.43
C4 FMN VA . -30.32 -0.58 7.86
O4 FMN VA . -30.50 -0.92 9.04
C4A FMN VA . -31.35 -0.53 6.91
N5 FMN VA . -32.64 -0.84 7.23
C5A FMN VA . -33.69 -0.50 6.41
C6 FMN VA . -35.00 -0.54 6.87
C7 FMN VA . -36.04 -0.18 6.05
C7M FMN VA . -37.46 -0.24 6.56
C8 FMN VA . -35.77 0.22 4.70
C8M FMN VA . -36.91 0.61 3.79
C9 FMN VA . -34.48 0.27 4.25
C9A FMN VA . -33.42 -0.09 5.09
N10 FMN VA . -32.08 -0.06 4.65
C10 FMN VA . -31.05 -0.12 5.58
C1' FMN VA . -31.77 0.04 3.20
C2' FMN VA . -31.53 1.47 2.72
O2' FMN VA . -32.68 2.27 2.91
C3' FMN VA . -31.15 1.47 1.24
O3' FMN VA . -29.83 0.95 1.09
C4' FMN VA . -31.23 2.84 0.58
O4' FMN VA . -30.72 2.76 -0.76
C5' FMN VA . -30.47 3.91 1.33
O5' FMN VA . -30.63 5.17 0.63
P FMN VA . -30.16 6.53 1.37
O1P FMN VA . -30.37 7.64 0.36
O2P FMN VA . -31.08 6.66 2.58
O3P FMN VA . -28.72 6.32 1.75
N1 FMN WA . -14.49 -1.56 26.61
C2 FMN WA . -15.00 -1.51 25.35
O2 FMN WA . -14.31 -1.76 24.38
N3 FMN WA . -16.34 -1.17 25.22
C4 FMN WA . -17.18 -0.87 26.28
O4 FMN WA . -18.35 -0.58 26.05
C4A FMN WA . -16.63 -0.93 27.57
N5 FMN WA . -17.38 -0.66 28.67
C5A FMN WA . -16.94 -1.01 29.94
C6 FMN WA . -17.81 -1.02 31.01
C7 FMN WA . -17.38 -1.37 32.27
C7M FMN WA . -18.34 -1.38 33.42
C8 FMN WA . -16.00 -1.73 32.46
C8M FMN WA . -15.50 -2.11 33.83
C9 FMN WA . -15.14 -1.70 31.40
C9A FMN WA . -15.59 -1.35 30.13
N10 FMN WA . -14.73 -1.33 29.01
C10 FMN WA . -15.25 -1.28 27.72
C1' FMN WA . -13.24 -1.38 29.21
C2' FMN WA . -12.67 -2.78 29.11
O2' FMN WA . -13.23 -3.62 30.12
C3' FMN WA . -11.14 -2.73 29.29
O3' FMN WA . -10.56 -2.12 28.15
C4' FMN WA . -10.50 -4.10 29.54
O4' FMN WA . -9.08 -3.95 29.48
C5' FMN WA . -10.93 -5.14 28.53
O5' FMN WA . -10.27 -6.39 28.86
P FMN WA . -10.74 -7.75 28.11
O1P FMN WA . -10.61 -7.47 26.63
O2P FMN WA . -9.81 -8.83 28.60
O3P FMN WA . -12.18 -7.97 28.54
C06 HZZ XA . -1.59 -27.24 20.23
C07 HZZ XA . -1.90 -26.43 21.49
C08 HZZ XA . -2.05 -27.04 22.66
C09 HZZ XA . -1.92 -28.55 22.77
C10 HZZ XA . -2.37 -26.20 23.89
C11 HZZ XA . -2.59 -29.12 24.03
C12 HZZ XA . -1.73 -30.20 24.68
C13 HZZ XA . -2.29 -31.27 25.22
C14 HZZ XA . -3.80 -31.44 25.20
C15 HZZ XA . -1.40 -32.35 25.86
O01 HZZ XA . -1.08 -27.60 17.26
O03 HZZ XA . -1.50 -25.23 17.74
O04 HZZ XA . -3.30 -26.63 16.83
O05 HZZ XA . -2.57 -26.98 19.28
P02 HZZ XA . -2.10 -26.60 17.75
#